data_2E5K
#
_entry.id   2E5K
#
_entity_poly.entity_id   1
_entity_poly.type   'polypeptide(L)'
_entity_poly.pdbx_seq_one_letter_code
;GSSGSSGSRDIRFANHETLQVIYPYTPQNDDELELVPGDFIFMSPMEQTSTSEGWIYGTSLTTGCSGLLPENYITKADEC
STWIFHGSSGPSSG
;
_entity_poly.pdbx_strand_id   A
#
# COMPACT_ATOMS: atom_id res chain seq x y z
N GLY A 1 -15.83 24.70 11.02
CA GLY A 1 -14.83 23.82 11.59
C GLY A 1 -13.69 23.54 10.63
N SER A 2 -13.45 22.26 10.37
CA SER A 2 -12.37 21.85 9.46
C SER A 2 -12.95 21.29 8.17
N SER A 3 -12.41 21.76 7.05
CA SER A 3 -12.87 21.30 5.74
C SER A 3 -12.02 20.13 5.24
N GLY A 4 -12.41 18.92 5.62
CA GLY A 4 -11.67 17.74 5.21
C GLY A 4 -12.25 16.46 5.80
N SER A 5 -12.89 15.67 4.95
CA SER A 5 -13.50 14.41 5.39
C SER A 5 -12.46 13.52 6.07
N SER A 6 -12.92 12.37 6.57
CA SER A 6 -12.03 11.43 7.25
C SER A 6 -10.83 11.09 6.38
N GLY A 7 -11.10 10.62 5.16
CA GLY A 7 -10.02 10.26 4.24
C GLY A 7 -9.44 11.48 3.54
N SER A 8 -8.43 11.24 2.70
CA SER A 8 -7.78 12.32 1.97
C SER A 8 -6.99 11.77 0.79
N ARG A 9 -6.72 12.64 -0.18
CA ARG A 9 -5.97 12.24 -1.38
C ARG A 9 -4.56 11.80 -1.01
N ASP A 10 -4.02 12.39 0.05
CA ASP A 10 -2.67 12.06 0.52
C ASP A 10 -2.68 11.73 2.00
N ILE A 11 -1.71 10.92 2.42
CA ILE A 11 -1.60 10.52 3.82
C ILE A 11 -0.73 11.50 4.61
N ARG A 12 -1.38 12.32 5.43
CA ARG A 12 -0.66 13.31 6.23
C ARG A 12 -0.98 13.13 7.72
N PHE A 13 -2.27 13.02 8.03
CA PHE A 13 -2.71 12.84 9.41
C PHE A 13 -3.28 11.45 9.63
N ALA A 14 -3.06 10.56 8.67
CA ALA A 14 -3.55 9.19 8.75
C ALA A 14 -2.41 8.22 9.05
N ASN A 15 -2.77 7.06 9.60
CA ASN A 15 -1.78 6.04 9.94
C ASN A 15 -1.84 4.89 8.95
N HIS A 16 -1.90 5.21 7.67
CA HIS A 16 -1.95 4.19 6.62
C HIS A 16 -0.60 3.53 6.43
N GLU A 17 -0.60 2.21 6.29
CA GLU A 17 0.64 1.46 6.11
C GLU A 17 1.03 1.43 4.63
N THR A 18 2.30 1.10 4.37
CA THR A 18 2.80 1.03 3.01
C THR A 18 3.55 -0.28 2.76
N LEU A 19 3.20 -0.95 1.66
CA LEU A 19 3.83 -2.21 1.30
C LEU A 19 4.32 -2.20 -0.14
N GLN A 20 5.37 -2.95 -0.41
CA GLN A 20 5.94 -3.02 -1.76
C GLN A 20 5.66 -4.37 -2.40
N VAL A 21 5.17 -4.35 -3.63
CA VAL A 21 4.85 -5.58 -4.35
C VAL A 21 6.12 -6.38 -4.65
N ILE A 22 6.10 -7.66 -4.30
CA ILE A 22 7.24 -8.53 -4.54
C ILE A 22 7.00 -9.45 -5.72
N TYR A 23 5.74 -9.59 -6.11
CA TYR A 23 5.37 -10.44 -7.22
C TYR A 23 4.01 -10.04 -7.80
N PRO A 24 3.87 -10.16 -9.13
CA PRO A 24 2.63 -9.80 -9.82
C PRO A 24 1.49 -10.77 -9.52
N TYR A 25 0.26 -10.31 -9.71
CA TYR A 25 -0.91 -11.14 -9.46
C TYR A 25 -2.05 -10.77 -10.39
N THR A 26 -2.60 -11.77 -11.08
CA THR A 26 -3.71 -11.55 -12.00
C THR A 26 -5.05 -11.83 -11.34
N PRO A 27 -5.80 -10.76 -11.05
CA PRO A 27 -7.11 -10.86 -10.41
C PRO A 27 -8.16 -11.46 -11.34
N GLN A 28 -9.34 -11.77 -10.79
CA GLN A 28 -10.42 -12.35 -11.56
C GLN A 28 -11.70 -11.53 -11.42
N ASN A 29 -11.72 -10.66 -10.42
CA ASN A 29 -12.88 -9.81 -10.17
C ASN A 29 -12.47 -8.49 -9.54
N ASP A 30 -13.45 -7.67 -9.19
CA ASP A 30 -13.19 -6.37 -8.58
C ASP A 30 -12.71 -6.54 -7.13
N ASP A 31 -13.36 -7.45 -6.41
CA ASP A 31 -13.01 -7.71 -5.02
C ASP A 31 -11.50 -7.63 -4.82
N GLU A 32 -10.75 -8.15 -5.80
CA GLU A 32 -9.29 -8.13 -5.72
C GLU A 32 -8.71 -7.02 -6.60
N LEU A 33 -7.43 -6.76 -6.43
CA LEU A 33 -6.74 -5.73 -7.20
C LEU A 33 -5.50 -6.28 -7.88
N GLU A 34 -5.16 -5.72 -9.04
CA GLU A 34 -3.99 -6.16 -9.78
C GLU A 34 -2.70 -5.76 -9.07
N LEU A 35 -1.70 -6.63 -9.14
CA LEU A 35 -0.42 -6.36 -8.50
C LEU A 35 0.69 -6.17 -9.54
N VAL A 36 1.58 -5.23 -9.26
CA VAL A 36 2.69 -4.95 -10.17
C VAL A 36 4.01 -4.89 -9.42
N PRO A 37 5.04 -5.54 -9.99
CA PRO A 37 6.39 -5.58 -9.39
C PRO A 37 7.08 -4.22 -9.45
N GLY A 38 7.29 -3.62 -8.28
CA GLY A 38 7.95 -2.33 -8.22
C GLY A 38 7.01 -1.22 -7.79
N ASP A 39 5.80 -1.59 -7.40
CA ASP A 39 4.80 -0.62 -6.96
C ASP A 39 4.56 -0.73 -5.46
N PHE A 40 3.76 0.18 -4.93
CA PHE A 40 3.44 0.19 -3.50
C PHE A 40 1.96 -0.08 -3.27
N ILE A 41 1.60 -0.36 -2.02
CA ILE A 41 0.22 -0.64 -1.66
C ILE A 41 -0.11 -0.11 -0.28
N PHE A 42 -1.01 0.86 -0.21
CA PHE A 42 -1.41 1.45 1.05
C PHE A 42 -2.52 0.64 1.71
N MET A 43 -2.24 0.12 2.90
CA MET A 43 -3.21 -0.69 3.63
C MET A 43 -3.86 0.13 4.75
N SER A 44 -5.17 -0.02 4.90
CA SER A 44 -5.91 0.71 5.94
C SER A 44 -6.86 -0.22 6.67
N PRO A 45 -6.96 -0.04 8.00
CA PRO A 45 -7.83 -0.85 8.85
C PRO A 45 -9.32 -0.56 8.60
N MET A 46 -9.61 0.65 8.14
CA MET A 46 -10.98 1.06 7.86
C MET A 46 -11.43 0.54 6.50
N GLU A 47 -10.53 -0.13 5.80
CA GLU A 47 -10.84 -0.68 4.49
C GLU A 47 -10.51 -2.17 4.42
N GLN A 48 -10.38 -2.79 5.59
CA GLN A 48 -10.07 -4.21 5.67
C GLN A 48 -11.30 -5.06 5.37
N THR A 49 -11.16 -6.00 4.43
CA THR A 49 -12.26 -6.87 4.05
C THR A 49 -11.75 -8.24 3.61
N SER A 50 -12.07 -9.26 4.39
CA SER A 50 -11.64 -10.63 4.09
C SER A 50 -10.12 -10.73 4.13
N THR A 51 -9.48 -9.85 4.91
CA THR A 51 -8.04 -9.85 5.03
C THR A 51 -7.58 -10.76 6.17
N SER A 52 -8.25 -10.65 7.31
CA SER A 52 -7.93 -11.47 8.47
C SER A 52 -7.69 -12.92 8.07
N GLU A 53 -8.28 -13.32 6.95
CA GLU A 53 -8.14 -14.69 6.45
C GLU A 53 -6.75 -14.89 5.83
N GLY A 54 -6.37 -13.98 4.94
CA GLY A 54 -5.08 -14.08 4.29
C GLY A 54 -4.83 -12.94 3.31
N TRP A 55 -5.90 -12.38 2.79
CA TRP A 55 -5.80 -11.27 1.84
C TRP A 55 -5.55 -9.95 2.57
N ILE A 56 -5.44 -8.87 1.80
CA ILE A 56 -5.22 -7.56 2.37
C ILE A 56 -5.76 -6.45 1.47
N TYR A 57 -6.59 -5.58 2.03
CA TYR A 57 -7.18 -4.48 1.27
C TYR A 57 -6.27 -3.26 1.28
N GLY A 58 -5.85 -2.83 0.09
CA GLY A 58 -4.98 -1.67 -0.01
C GLY A 58 -5.21 -0.90 -1.29
N THR A 59 -4.36 0.10 -1.53
CA THR A 59 -4.48 0.94 -2.73
C THR A 59 -3.13 1.06 -3.43
N SER A 60 -3.16 0.98 -4.76
CA SER A 60 -1.95 1.09 -5.56
C SER A 60 -1.45 2.54 -5.61
N LEU A 61 -0.17 2.71 -5.91
CA LEU A 61 0.42 4.04 -6.00
C LEU A 61 0.55 4.48 -7.45
N THR A 62 0.83 3.53 -8.33
CA THR A 62 0.97 3.82 -9.75
C THR A 62 -0.38 4.10 -10.40
N THR A 63 -1.26 3.11 -10.36
CA THR A 63 -2.59 3.25 -10.94
C THR A 63 -3.52 4.04 -10.02
N GLY A 64 -3.56 3.64 -8.76
CA GLY A 64 -4.40 4.33 -7.80
C GLY A 64 -5.66 3.55 -7.48
N CYS A 65 -5.70 2.29 -7.90
CA CYS A 65 -6.86 1.44 -7.65
C CYS A 65 -6.69 0.66 -6.35
N SER A 66 -7.81 0.36 -5.69
CA SER A 66 -7.78 -0.38 -4.43
C SER A 66 -8.53 -1.70 -4.56
N GLY A 67 -8.15 -2.66 -3.74
CA GLY A 67 -8.80 -3.97 -3.78
C GLY A 67 -8.12 -4.98 -2.87
N LEU A 68 -8.55 -6.23 -2.95
CA LEU A 68 -7.98 -7.29 -2.13
C LEU A 68 -6.84 -7.99 -2.87
N LEU A 69 -5.75 -8.26 -2.15
CA LEU A 69 -4.59 -8.92 -2.73
C LEU A 69 -3.96 -9.89 -1.74
N PRO A 70 -3.25 -10.89 -2.27
CA PRO A 70 -2.58 -11.91 -1.45
C PRO A 70 -1.39 -11.34 -0.68
N GLU A 71 -1.46 -11.43 0.64
CA GLU A 71 -0.38 -10.92 1.50
C GLU A 71 0.94 -11.58 1.14
N ASN A 72 0.88 -12.64 0.34
CA ASN A 72 2.08 -13.36 -0.07
C ASN A 72 2.62 -12.81 -1.39
N TYR A 73 2.22 -11.58 -1.72
CA TYR A 73 2.67 -10.95 -2.95
C TYR A 73 3.23 -9.55 -2.67
N ILE A 74 3.16 -9.14 -1.42
CA ILE A 74 3.66 -7.83 -1.01
C ILE A 74 4.57 -7.93 0.20
N THR A 75 5.14 -6.81 0.61
CA THR A 75 6.03 -6.77 1.75
C THR A 75 6.01 -5.41 2.43
N LYS A 76 6.44 -5.37 3.69
CA LYS A 76 6.47 -4.12 4.45
C LYS A 76 7.35 -3.09 3.78
N ALA A 77 7.01 -1.82 3.95
CA ALA A 77 7.78 -0.73 3.36
C ALA A 77 8.98 -0.36 4.22
N ASP A 78 10.17 -0.70 3.75
CA ASP A 78 11.39 -0.41 4.49
C ASP A 78 12.26 0.59 3.73
N GLU A 79 11.62 1.38 2.86
CA GLU A 79 12.34 2.37 2.06
C GLU A 79 12.26 3.74 2.72
N CYS A 80 11.10 4.07 3.27
CA CYS A 80 10.88 5.36 3.92
C CYS A 80 11.40 5.33 5.35
N SER A 81 12.02 6.44 5.77
CA SER A 81 12.57 6.53 7.12
C SER A 81 12.08 7.80 7.81
N THR A 82 11.82 7.70 9.11
CA THR A 82 11.34 8.84 9.89
C THR A 82 12.46 9.85 10.11
N TRP A 83 12.15 10.91 10.86
CA TRP A 83 13.13 11.94 11.16
C TRP A 83 13.58 11.88 12.62
N ILE A 84 12.62 11.65 13.51
CA ILE A 84 12.91 11.55 14.94
C ILE A 84 12.30 10.30 15.54
N PHE A 85 11.17 9.87 15.00
CA PHE A 85 10.49 8.67 15.48
C PHE A 85 11.49 7.51 15.66
N HIS A 86 11.65 7.07 16.90
CA HIS A 86 12.55 5.97 17.20
C HIS A 86 11.84 4.62 17.10
N GLY A 87 10.73 4.49 17.82
CA GLY A 87 9.96 3.25 17.80
C GLY A 87 10.52 2.22 18.75
N SER A 88 11.58 1.54 18.32
CA SER A 88 12.20 0.50 19.14
C SER A 88 13.48 -0.03 18.48
N SER A 89 14.49 -0.31 19.28
CA SER A 89 15.76 -0.81 18.77
C SER A 89 16.53 -1.56 19.86
N GLY A 90 17.37 -2.49 19.45
CA GLY A 90 18.15 -3.25 20.40
C GLY A 90 18.38 -4.69 19.94
N PRO A 91 17.50 -5.60 20.39
CA PRO A 91 17.59 -7.02 20.03
C PRO A 91 17.26 -7.27 18.56
N SER A 92 18.30 -7.26 17.72
CA SER A 92 18.12 -7.48 16.29
C SER A 92 16.84 -6.84 15.79
N SER A 93 16.57 -5.63 16.27
CA SER A 93 15.38 -4.90 15.88
C SER A 93 15.73 -3.68 15.03
N GLY A 94 14.95 -3.43 13.99
CA GLY A 94 15.20 -2.30 13.11
C GLY A 94 14.23 -2.24 11.95
N GLY A 1 -14.79 1.86 -19.13
CA GLY A 1 -13.94 2.19 -20.26
C GLY A 1 -12.48 2.35 -19.88
N SER A 2 -11.65 2.71 -20.85
CA SER A 2 -10.22 2.89 -20.60
C SER A 2 -9.96 4.19 -19.84
N SER A 3 -10.64 5.25 -20.26
CA SER A 3 -10.48 6.55 -19.61
C SER A 3 -11.24 6.61 -18.29
N GLY A 4 -10.53 6.37 -17.20
CA GLY A 4 -11.16 6.39 -15.89
C GLY A 4 -10.64 7.52 -15.03
N SER A 5 -11.55 8.21 -14.34
CA SER A 5 -11.17 9.32 -13.47
C SER A 5 -10.87 8.83 -12.06
N SER A 6 -9.63 9.03 -11.63
CA SER A 6 -9.21 8.60 -10.30
C SER A 6 -10.03 9.30 -9.22
N GLY A 7 -10.19 8.64 -8.08
CA GLY A 7 -10.95 9.20 -6.98
C GLY A 7 -10.87 8.38 -5.72
N SER A 8 -10.05 8.82 -4.77
CA SER A 8 -9.87 8.10 -3.51
C SER A 8 -9.76 9.08 -2.35
N ARG A 9 -9.88 8.55 -1.13
CA ARG A 9 -9.79 9.38 0.07
C ARG A 9 -8.34 9.78 0.34
N ASP A 10 -8.10 11.09 0.38
CA ASP A 10 -6.76 11.61 0.63
C ASP A 10 -6.13 10.93 1.83
N ILE A 11 -4.83 10.67 1.75
CA ILE A 11 -4.10 10.02 2.83
C ILE A 11 -3.93 10.96 4.02
N ARG A 12 -3.71 12.23 3.73
CA ARG A 12 -3.53 13.23 4.78
C ARG A 12 -2.74 12.66 5.95
N PHE A 13 -1.66 11.95 5.63
CA PHE A 13 -0.81 11.36 6.65
C PHE A 13 -1.65 10.61 7.68
N ALA A 14 -2.49 9.70 7.20
CA ALA A 14 -3.35 8.91 8.09
C ALA A 14 -2.63 7.66 8.58
N ASN A 15 -3.33 6.87 9.39
CA ASN A 15 -2.75 5.65 9.94
C ASN A 15 -2.73 4.54 8.89
N HIS A 16 -2.27 4.87 7.70
CA HIS A 16 -2.19 3.89 6.61
C HIS A 16 -0.77 3.33 6.48
N GLU A 17 -0.69 2.04 6.19
CA GLU A 17 0.61 1.37 6.05
C GLU A 17 0.99 1.25 4.57
N THR A 18 2.28 1.15 4.31
CA THR A 18 2.78 1.04 2.95
C THR A 18 3.49 -0.30 2.74
N LEU A 19 3.22 -0.93 1.59
CA LEU A 19 3.82 -2.22 1.27
C LEU A 19 4.34 -2.23 -0.16
N GLN A 20 5.39 -3.02 -0.40
CA GLN A 20 5.97 -3.12 -1.73
C GLN A 20 5.67 -4.47 -2.36
N VAL A 21 5.23 -4.46 -3.61
CA VAL A 21 4.90 -5.69 -4.33
C VAL A 21 6.15 -6.53 -4.58
N ILE A 22 6.08 -7.80 -4.22
CA ILE A 22 7.20 -8.71 -4.41
C ILE A 22 6.93 -9.69 -5.55
N TYR A 23 5.68 -9.77 -5.97
CA TYR A 23 5.30 -10.66 -7.05
C TYR A 23 3.97 -10.23 -7.68
N PRO A 24 3.86 -10.39 -9.00
CA PRO A 24 2.66 -10.02 -9.75
C PRO A 24 1.48 -10.94 -9.45
N TYR A 25 0.27 -10.46 -9.74
CA TYR A 25 -0.93 -11.25 -9.49
C TYR A 25 -2.05 -10.81 -10.42
N THR A 26 -2.63 -11.77 -11.13
CA THR A 26 -3.73 -11.49 -12.05
C THR A 26 -5.08 -11.73 -11.40
N PRO A 27 -5.81 -10.62 -11.14
CA PRO A 27 -7.13 -10.68 -10.50
C PRO A 27 -8.19 -11.28 -11.42
N GLN A 28 -9.38 -11.51 -10.88
CA GLN A 28 -10.47 -12.09 -11.66
C GLN A 28 -11.71 -11.19 -11.60
N ASN A 29 -11.70 -10.24 -10.67
CA ASN A 29 -12.81 -9.32 -10.52
C ASN A 29 -12.41 -8.10 -9.70
N ASP A 30 -13.36 -7.21 -9.45
CA ASP A 30 -13.09 -6.00 -8.68
C ASP A 30 -12.69 -6.35 -7.25
N ASP A 31 -13.30 -7.38 -6.70
CA ASP A 31 -13.01 -7.81 -5.33
C ASP A 31 -11.52 -7.69 -5.04
N GLU A 32 -10.69 -8.09 -6.00
CA GLU A 32 -9.25 -8.03 -5.84
C GLU A 32 -8.66 -6.89 -6.66
N LEU A 33 -7.35 -6.67 -6.50
CA LEU A 33 -6.67 -5.61 -7.23
C LEU A 33 -5.41 -6.13 -7.91
N GLU A 34 -5.12 -5.61 -9.10
CA GLU A 34 -3.95 -6.03 -9.85
C GLU A 34 -2.67 -5.68 -9.09
N LEU A 35 -1.67 -6.55 -9.20
CA LEU A 35 -0.39 -6.33 -8.52
C LEU A 35 0.72 -6.08 -9.53
N VAL A 36 1.64 -5.18 -9.18
CA VAL A 36 2.75 -4.85 -10.05
C VAL A 36 4.07 -4.81 -9.28
N PRO A 37 5.07 -5.53 -9.77
CA PRO A 37 6.39 -5.60 -9.14
C PRO A 37 7.16 -4.28 -9.27
N GLY A 38 7.21 -3.54 -8.16
CA GLY A 38 7.91 -2.26 -8.17
C GLY A 38 7.03 -1.11 -7.74
N ASP A 39 5.81 -1.43 -7.33
CA ASP A 39 4.85 -0.41 -6.90
C ASP A 39 4.56 -0.53 -5.41
N PHE A 40 3.85 0.45 -4.86
CA PHE A 40 3.51 0.45 -3.45
C PHE A 40 2.01 0.22 -3.25
N ILE A 41 1.63 -0.17 -2.04
CA ILE A 41 0.24 -0.42 -1.72
C ILE A 41 -0.15 0.21 -0.38
N PHE A 42 -1.27 0.91 -0.36
CA PHE A 42 -1.75 1.57 0.84
C PHE A 42 -2.84 0.74 1.52
N MET A 43 -2.48 0.09 2.63
CA MET A 43 -3.42 -0.73 3.37
C MET A 43 -3.99 0.03 4.56
N SER A 44 -5.31 -0.05 4.74
CA SER A 44 -5.99 0.64 5.83
C SER A 44 -6.83 -0.34 6.64
N PRO A 45 -6.87 -0.12 7.97
CA PRO A 45 -7.63 -0.97 8.88
C PRO A 45 -9.13 -0.80 8.72
N MET A 46 -9.54 0.36 8.21
CA MET A 46 -10.95 0.65 8.00
C MET A 46 -11.45 0.03 6.70
N GLU A 47 -10.53 -0.60 5.97
CA GLU A 47 -10.88 -1.24 4.70
C GLU A 47 -10.42 -2.69 4.68
N GLN A 48 -9.99 -3.19 5.84
CA GLN A 48 -9.54 -4.57 5.95
C GLN A 48 -10.70 -5.54 5.79
N THR A 49 -11.00 -5.91 4.55
CA THR A 49 -12.09 -6.84 4.26
C THR A 49 -11.55 -8.22 3.91
N SER A 50 -12.07 -9.24 4.57
CA SER A 50 -11.64 -10.61 4.32
C SER A 50 -10.12 -10.72 4.31
N THR A 51 -9.46 -9.79 5.02
CA THR A 51 -8.01 -9.78 5.08
C THR A 51 -7.50 -10.70 6.18
N SER A 52 -7.99 -10.49 7.40
CA SER A 52 -7.58 -11.30 8.54
C SER A 52 -7.33 -12.75 8.12
N GLU A 53 -8.14 -13.23 7.18
CA GLU A 53 -8.01 -14.59 6.69
C GLU A 53 -6.66 -14.80 6.03
N GLY A 54 -6.29 -13.88 5.14
CA GLY A 54 -5.02 -13.98 4.44
C GLY A 54 -4.82 -12.87 3.44
N TRP A 55 -5.92 -12.32 2.94
CA TRP A 55 -5.87 -11.25 1.96
C TRP A 55 -5.61 -9.90 2.64
N ILE A 56 -5.53 -8.85 1.85
CA ILE A 56 -5.28 -7.51 2.37
C ILE A 56 -5.80 -6.43 1.41
N TYR A 57 -6.65 -5.55 1.93
CA TYR A 57 -7.21 -4.47 1.12
C TYR A 57 -6.26 -3.28 1.06
N GLY A 58 -5.70 -3.05 -0.12
CA GLY A 58 -4.78 -1.93 -0.29
C GLY A 58 -5.06 -1.14 -1.55
N THR A 59 -4.23 -0.12 -1.81
CA THR A 59 -4.40 0.72 -2.98
C THR A 59 -3.07 0.92 -3.71
N SER A 60 -3.08 0.69 -5.02
CA SER A 60 -1.88 0.84 -5.82
C SER A 60 -1.44 2.30 -5.88
N LEU A 61 -0.16 2.52 -6.11
CA LEU A 61 0.40 3.86 -6.19
C LEU A 61 0.56 4.31 -7.64
N THR A 62 0.81 3.34 -8.52
CA THR A 62 0.99 3.63 -9.94
C THR A 62 -0.34 4.00 -10.60
N THR A 63 -1.34 3.14 -10.42
CA THR A 63 -2.65 3.37 -11.00
C THR A 63 -3.53 4.19 -10.06
N GLY A 64 -3.68 3.69 -8.83
CA GLY A 64 -4.50 4.39 -7.86
C GLY A 64 -5.81 3.67 -7.57
N CYS A 65 -5.83 2.36 -7.82
CA CYS A 65 -7.03 1.56 -7.60
C CYS A 65 -6.96 0.87 -6.24
N SER A 66 -8.10 0.34 -5.80
CA SER A 66 -8.18 -0.34 -4.51
C SER A 66 -8.84 -1.71 -4.66
N GLY A 67 -8.34 -2.67 -3.89
CA GLY A 67 -8.88 -4.03 -3.96
C GLY A 67 -8.17 -4.98 -3.02
N LEU A 68 -8.64 -6.22 -2.98
CA LEU A 68 -8.04 -7.24 -2.12
C LEU A 68 -6.91 -7.96 -2.85
N LEU A 69 -5.83 -8.23 -2.13
CA LEU A 69 -4.67 -8.92 -2.70
C LEU A 69 -4.06 -9.87 -1.68
N PRO A 70 -3.32 -10.89 -2.19
CA PRO A 70 -2.67 -11.88 -1.34
C PRO A 70 -1.49 -11.31 -0.56
N GLU A 71 -1.57 -11.39 0.76
CA GLU A 71 -0.51 -10.86 1.62
C GLU A 71 0.82 -11.53 1.31
N ASN A 72 0.77 -12.61 0.52
CA ASN A 72 1.98 -13.34 0.15
C ASN A 72 2.53 -12.83 -1.18
N TYR A 73 2.15 -11.61 -1.54
CA TYR A 73 2.61 -11.00 -2.79
C TYR A 73 3.18 -9.61 -2.54
N ILE A 74 3.11 -9.16 -1.29
CA ILE A 74 3.63 -7.85 -0.91
C ILE A 74 4.53 -7.94 0.30
N THR A 75 5.09 -6.80 0.70
CA THR A 75 5.97 -6.75 1.86
C THR A 75 5.96 -5.37 2.50
N LYS A 76 6.43 -5.30 3.74
CA LYS A 76 6.47 -4.03 4.48
C LYS A 76 7.46 -3.06 3.82
N ALA A 77 7.14 -1.77 3.91
CA ALA A 77 8.01 -0.74 3.35
C ALA A 77 9.31 -0.62 4.11
N ASP A 78 10.33 -1.36 3.66
CA ASP A 78 11.63 -1.34 4.30
C ASP A 78 12.65 -0.63 3.43
N GLU A 79 12.17 0.23 2.54
CA GLU A 79 13.05 0.97 1.64
C GLU A 79 13.08 2.44 2.02
N CYS A 80 11.90 3.07 2.06
CA CYS A 80 11.81 4.48 2.41
C CYS A 80 12.24 4.73 3.85
N SER A 81 13.29 5.52 4.02
CA SER A 81 13.82 5.82 5.34
C SER A 81 14.35 7.25 5.40
N THR A 82 14.41 7.80 6.61
CA THR A 82 14.90 9.16 6.81
C THR A 82 16.38 9.28 6.46
N TRP A 83 16.93 10.47 6.66
CA TRP A 83 18.34 10.71 6.36
C TRP A 83 19.10 11.13 7.62
N ILE A 84 18.52 12.06 8.37
CA ILE A 84 19.13 12.55 9.60
C ILE A 84 18.20 12.40 10.79
N PHE A 85 16.95 12.82 10.62
CA PHE A 85 15.96 12.74 11.68
C PHE A 85 16.16 11.47 12.51
N HIS A 86 15.91 11.59 13.81
CA HIS A 86 16.07 10.46 14.71
C HIS A 86 14.72 9.99 15.24
N GLY A 87 14.18 8.96 14.62
CA GLY A 87 12.89 8.43 15.04
C GLY A 87 11.73 9.00 14.24
N SER A 88 11.08 8.15 13.46
CA SER A 88 9.96 8.58 12.64
C SER A 88 8.65 8.48 13.41
N SER A 89 8.05 9.64 13.69
CA SER A 89 6.80 9.69 14.43
C SER A 89 6.76 8.63 15.53
N GLY A 90 7.87 8.50 16.25
CA GLY A 90 7.96 7.52 17.31
C GLY A 90 8.47 8.11 18.61
N PRO A 91 7.57 8.74 19.38
CA PRO A 91 7.92 9.36 20.65
C PRO A 91 8.27 8.35 21.73
N SER A 92 8.04 7.07 21.41
CA SER A 92 8.32 5.99 22.35
C SER A 92 9.78 6.03 22.80
N SER A 93 10.69 6.09 21.83
CA SER A 93 12.12 6.12 22.12
C SER A 93 12.54 7.51 22.57
N GLY A 94 12.07 8.53 21.85
CA GLY A 94 12.41 9.90 22.18
C GLY A 94 11.99 10.28 23.58
N GLY A 1 -7.14 9.92 -8.76
CA GLY A 1 -8.03 10.51 -9.75
C GLY A 1 -7.44 11.74 -10.40
N SER A 2 -7.43 12.85 -9.68
CA SER A 2 -6.89 14.11 -10.19
C SER A 2 -5.82 14.67 -9.27
N SER A 3 -4.68 15.06 -9.85
CA SER A 3 -3.58 15.61 -9.07
C SER A 3 -4.05 16.75 -8.18
N GLY A 4 -3.70 16.69 -6.90
CA GLY A 4 -4.10 17.72 -5.96
C GLY A 4 -5.53 17.55 -5.47
N SER A 5 -5.66 17.22 -4.18
CA SER A 5 -6.97 17.01 -3.59
C SER A 5 -7.56 18.33 -3.09
N SER A 6 -8.88 18.46 -3.20
CA SER A 6 -9.57 19.68 -2.76
C SER A 6 -9.36 19.91 -1.28
N GLY A 7 -9.62 18.88 -0.48
CA GLY A 7 -9.46 18.99 0.96
C GLY A 7 -8.08 18.59 1.42
N SER A 8 -7.90 18.51 2.74
CA SER A 8 -6.61 18.15 3.31
C SER A 8 -6.57 16.66 3.64
N ARG A 9 -5.77 15.91 2.88
CA ARG A 9 -5.64 14.47 3.10
C ARG A 9 -4.18 14.06 3.11
N ASP A 10 -3.84 13.12 3.99
CA ASP A 10 -2.47 12.63 4.11
C ASP A 10 -2.39 11.45 5.06
N ILE A 11 -1.53 10.49 4.75
CA ILE A 11 -1.37 9.31 5.57
C ILE A 11 -0.41 9.58 6.73
N ARG A 12 0.68 10.28 6.43
CA ARG A 12 1.68 10.61 7.44
C ARG A 12 1.89 9.44 8.39
N PHE A 13 2.01 8.24 7.83
CA PHE A 13 2.22 7.04 8.62
C PHE A 13 1.46 7.11 9.94
N ALA A 14 0.20 7.51 9.88
CA ALA A 14 -0.64 7.63 11.07
C ALA A 14 -1.61 6.46 11.17
N ASN A 15 -2.23 6.10 10.05
CA ASN A 15 -3.18 5.00 10.01
C ASN A 15 -2.89 4.07 8.84
N HIS A 16 -2.81 4.62 7.64
CA HIS A 16 -2.53 3.83 6.44
C HIS A 16 -1.07 3.42 6.40
N GLU A 17 -0.83 2.17 6.00
CA GLU A 17 0.53 1.65 5.91
C GLU A 17 1.01 1.63 4.46
N THR A 18 2.27 1.26 4.27
CA THR A 18 2.86 1.19 2.93
C THR A 18 3.61 -0.11 2.73
N LEU A 19 3.28 -0.81 1.64
CA LEU A 19 3.92 -2.08 1.33
C LEU A 19 4.39 -2.10 -0.11
N GLN A 20 5.46 -2.86 -0.38
CA GLN A 20 6.00 -2.97 -1.73
C GLN A 20 5.72 -4.34 -2.33
N VAL A 21 5.26 -4.35 -3.57
CA VAL A 21 4.95 -5.60 -4.26
C VAL A 21 6.20 -6.45 -4.47
N ILE A 22 6.05 -7.76 -4.34
CA ILE A 22 7.17 -8.67 -4.51
C ILE A 22 6.92 -9.65 -5.65
N TYR A 23 5.66 -9.73 -6.08
CA TYR A 23 5.27 -10.63 -7.16
C TYR A 23 3.97 -10.17 -7.82
N PRO A 24 3.89 -10.35 -9.15
CA PRO A 24 2.71 -9.96 -9.92
C PRO A 24 1.50 -10.85 -9.62
N TYR A 25 0.31 -10.30 -9.79
CA TYR A 25 -0.93 -11.04 -9.53
C TYR A 25 -1.96 -10.75 -10.61
N THR A 26 -2.75 -11.77 -10.96
CA THR A 26 -3.79 -11.64 -11.97
C THR A 26 -5.18 -11.82 -11.37
N PRO A 27 -5.84 -10.70 -11.06
CA PRO A 27 -7.19 -10.71 -10.48
C PRO A 27 -8.24 -11.18 -11.47
N GLN A 28 -9.46 -11.39 -10.98
CA GLN A 28 -10.57 -11.84 -11.82
C GLN A 28 -11.76 -10.90 -11.71
N ASN A 29 -11.72 -10.04 -10.71
CA ASN A 29 -12.81 -9.08 -10.48
C ASN A 29 -12.33 -7.89 -9.68
N ASP A 30 -13.23 -6.95 -9.41
CA ASP A 30 -12.90 -5.76 -8.64
C ASP A 30 -12.55 -6.11 -7.20
N ASP A 31 -13.28 -7.07 -6.64
CA ASP A 31 -13.05 -7.50 -5.27
C ASP A 31 -11.56 -7.46 -4.93
N GLU A 32 -10.73 -7.84 -5.89
CA GLU A 32 -9.29 -7.86 -5.70
C GLU A 32 -8.61 -6.78 -6.54
N LEU A 33 -7.32 -6.61 -6.34
CA LEU A 33 -6.55 -5.61 -7.09
C LEU A 33 -5.30 -6.23 -7.69
N GLU A 34 -4.94 -5.79 -8.89
CA GLU A 34 -3.76 -6.29 -9.59
C GLU A 34 -2.49 -5.93 -8.83
N LEU A 35 -1.47 -6.77 -8.94
CA LEU A 35 -0.20 -6.54 -8.27
C LEU A 35 0.93 -6.37 -9.28
N VAL A 36 1.67 -5.28 -9.15
CA VAL A 36 2.78 -4.99 -10.05
C VAL A 36 4.10 -4.93 -9.29
N PRO A 37 5.13 -5.61 -9.82
CA PRO A 37 6.46 -5.65 -9.20
C PRO A 37 7.18 -4.31 -9.31
N GLY A 38 7.35 -3.64 -8.18
CA GLY A 38 8.03 -2.36 -8.17
C GLY A 38 7.10 -1.22 -7.75
N ASP A 39 5.89 -1.56 -7.38
CA ASP A 39 4.91 -0.57 -6.95
C ASP A 39 4.63 -0.68 -5.45
N PHE A 40 3.89 0.28 -4.93
CA PHE A 40 3.55 0.30 -3.51
C PHE A 40 2.05 0.08 -3.31
N ILE A 41 1.66 -0.18 -2.06
CA ILE A 41 0.26 -0.41 -1.73
C ILE A 41 -0.08 0.16 -0.35
N PHE A 42 -1.17 0.91 -0.29
CA PHE A 42 -1.60 1.50 0.98
C PHE A 42 -2.58 0.59 1.70
N MET A 43 -2.22 0.19 2.91
CA MET A 43 -3.07 -0.69 3.71
C MET A 43 -3.85 0.10 4.76
N SER A 44 -5.16 -0.10 4.78
CA SER A 44 -6.02 0.61 5.72
C SER A 44 -6.87 -0.37 6.52
N PRO A 45 -6.87 -0.22 7.85
CA PRO A 45 -7.64 -1.08 8.75
C PRO A 45 -9.14 -0.85 8.64
N MET A 46 -9.52 0.24 7.97
CA MET A 46 -10.92 0.56 7.78
C MET A 46 -11.52 -0.22 6.61
N GLU A 47 -10.66 -0.66 5.71
CA GLU A 47 -11.10 -1.43 4.54
C GLU A 47 -10.61 -2.87 4.62
N GLN A 48 -10.59 -3.41 5.83
CA GLN A 48 -10.15 -4.79 6.04
C GLN A 48 -11.30 -5.78 5.81
N THR A 49 -11.47 -6.18 4.56
CA THR A 49 -12.52 -7.11 4.20
C THR A 49 -11.94 -8.46 3.79
N SER A 50 -12.14 -9.46 4.65
CA SER A 50 -11.63 -10.80 4.39
C SER A 50 -10.11 -10.80 4.29
N THR A 51 -9.47 -9.89 5.01
CA THR A 51 -8.02 -9.78 5.00
C THR A 51 -7.40 -10.61 6.12
N SER A 52 -7.76 -10.29 7.35
CA SER A 52 -7.23 -11.01 8.50
C SER A 52 -7.00 -12.48 8.18
N GLU A 53 -7.86 -13.04 7.33
CA GLU A 53 -7.76 -14.44 6.93
C GLU A 53 -6.45 -14.68 6.17
N GLY A 54 -6.18 -13.84 5.18
CA GLY A 54 -4.97 -13.98 4.39
C GLY A 54 -4.78 -12.85 3.40
N TRP A 55 -5.90 -12.29 2.93
CA TRP A 55 -5.85 -11.20 1.97
C TRP A 55 -5.57 -9.87 2.67
N ILE A 56 -5.51 -8.80 1.89
CA ILE A 56 -5.26 -7.48 2.44
C ILE A 56 -5.73 -6.39 1.48
N TYR A 57 -6.64 -5.54 1.97
CA TYR A 57 -7.18 -4.45 1.15
C TYR A 57 -6.14 -3.35 0.97
N GLY A 58 -5.66 -3.21 -0.26
CA GLY A 58 -4.67 -2.18 -0.56
C GLY A 58 -5.06 -1.34 -1.75
N THR A 59 -4.36 -0.21 -1.92
CA THR A 59 -4.63 0.69 -3.02
C THR A 59 -3.37 0.97 -3.84
N SER A 60 -3.35 0.48 -5.08
CA SER A 60 -2.20 0.67 -5.95
C SER A 60 -1.76 2.13 -5.95
N LEU A 61 -0.45 2.35 -6.11
CA LEU A 61 0.10 3.69 -6.12
C LEU A 61 0.29 4.19 -7.56
N THR A 62 0.85 3.33 -8.40
CA THR A 62 1.08 3.67 -9.80
C THR A 62 -0.24 3.94 -10.52
N THR A 63 -1.23 3.10 -10.26
CA THR A 63 -2.54 3.24 -10.90
C THR A 63 -3.51 4.00 -10.00
N GLY A 64 -3.64 3.53 -8.76
CA GLY A 64 -4.54 4.18 -7.82
C GLY A 64 -5.76 3.34 -7.50
N CYS A 65 -5.83 2.15 -8.10
CA CYS A 65 -6.96 1.25 -7.88
C CYS A 65 -6.92 0.67 -6.47
N SER A 66 -8.09 0.34 -5.94
CA SER A 66 -8.19 -0.22 -4.60
C SER A 66 -8.91 -1.56 -4.62
N GLY A 67 -8.40 -2.52 -3.86
CA GLY A 67 -9.01 -3.83 -3.80
C GLY A 67 -8.27 -4.79 -2.89
N LEU A 68 -8.70 -6.04 -2.85
CA LEU A 68 -8.07 -7.05 -2.01
C LEU A 68 -6.93 -7.74 -2.76
N LEU A 69 -5.89 -8.10 -2.03
CA LEU A 69 -4.74 -8.76 -2.63
C LEU A 69 -4.12 -9.75 -1.65
N PRO A 70 -3.41 -10.76 -2.19
CA PRO A 70 -2.74 -11.78 -1.37
C PRO A 70 -1.56 -11.22 -0.60
N GLU A 71 -1.60 -11.37 0.72
CA GLU A 71 -0.53 -10.88 1.58
C GLU A 71 0.80 -11.54 1.22
N ASN A 72 0.73 -12.57 0.39
CA ASN A 72 1.93 -13.29 -0.04
C ASN A 72 2.46 -12.74 -1.36
N TYR A 73 2.11 -11.49 -1.65
CA TYR A 73 2.55 -10.85 -2.88
C TYR A 73 3.13 -9.47 -2.60
N ILE A 74 3.08 -9.06 -1.34
CA ILE A 74 3.62 -7.76 -0.92
C ILE A 74 4.53 -7.90 0.29
N THR A 75 5.12 -6.78 0.69
CA THR A 75 6.02 -6.77 1.84
C THR A 75 6.08 -5.39 2.48
N LYS A 76 6.37 -5.37 3.78
CA LYS A 76 6.45 -4.12 4.52
C LYS A 76 7.43 -3.16 3.86
N ALA A 77 7.09 -1.86 3.86
CA ALA A 77 7.94 -0.85 3.27
C ALA A 77 9.35 -0.89 3.87
N ASP A 78 10.21 -1.70 3.26
CA ASP A 78 11.59 -1.82 3.73
C ASP A 78 12.55 -1.09 2.79
N GLU A 79 12.28 -1.17 1.50
CA GLU A 79 13.13 -0.52 0.50
C GLU A 79 13.08 1.00 0.66
N CYS A 80 11.90 1.57 0.46
CA CYS A 80 11.72 3.01 0.57
C CYS A 80 12.80 3.76 -0.20
N SER A 81 13.07 3.31 -1.44
CA SER A 81 14.08 3.93 -2.28
C SER A 81 13.47 4.43 -3.58
N THR A 82 13.05 5.70 -3.58
CA THR A 82 12.44 6.30 -4.76
C THR A 82 13.47 7.09 -5.57
N TRP A 83 13.38 7.00 -6.89
CA TRP A 83 14.30 7.70 -7.78
C TRP A 83 14.02 9.20 -7.77
N ILE A 84 12.73 9.56 -7.80
CA ILE A 84 12.33 10.96 -7.81
C ILE A 84 11.35 11.25 -6.68
N PHE A 85 10.25 10.50 -6.63
CA PHE A 85 9.24 10.68 -5.60
C PHE A 85 9.88 11.07 -4.27
N HIS A 86 9.25 12.01 -3.56
CA HIS A 86 9.76 12.48 -2.29
C HIS A 86 9.16 11.66 -1.15
N GLY A 87 7.83 11.52 -1.15
CA GLY A 87 7.16 10.77 -0.10
C GLY A 87 5.90 11.46 0.38
N SER A 88 4.95 10.67 0.86
CA SER A 88 3.68 11.22 1.36
C SER A 88 3.84 11.72 2.79
N SER A 89 4.84 12.58 3.01
CA SER A 89 5.09 13.13 4.32
C SER A 89 6.07 14.30 4.25
N GLY A 90 6.28 14.97 5.37
CA GLY A 90 7.19 16.09 5.41
C GLY A 90 7.39 16.64 6.81
N PRO A 91 8.32 16.02 7.56
CA PRO A 91 8.63 16.44 8.94
C PRO A 91 9.33 17.79 8.99
N SER A 92 9.49 18.31 10.21
CA SER A 92 10.15 19.60 10.40
C SER A 92 11.67 19.44 10.41
N SER A 93 12.31 19.84 9.31
CA SER A 93 13.76 19.73 9.19
C SER A 93 14.44 20.08 10.50
N GLY A 94 13.94 21.13 11.16
CA GLY A 94 14.52 21.55 12.42
C GLY A 94 13.60 21.28 13.60
N GLY A 1 -18.98 24.95 -6.23
CA GLY A 1 -19.10 23.66 -6.87
C GLY A 1 -17.75 23.04 -7.17
N SER A 2 -17.33 22.10 -6.32
CA SER A 2 -16.06 21.42 -6.49
C SER A 2 -16.19 20.22 -7.41
N SER A 3 -15.73 20.37 -8.65
CA SER A 3 -15.81 19.30 -9.63
C SER A 3 -14.46 19.10 -10.32
N GLY A 4 -14.16 17.84 -10.65
CA GLY A 4 -12.91 17.53 -11.32
C GLY A 4 -12.31 16.21 -10.86
N SER A 5 -11.10 16.27 -10.32
CA SER A 5 -10.42 15.07 -9.84
C SER A 5 -9.88 15.27 -8.43
N SER A 6 -9.45 14.18 -7.81
CA SER A 6 -8.92 14.24 -6.44
C SER A 6 -7.41 14.47 -6.46
N GLY A 7 -7.00 15.66 -6.05
CA GLY A 7 -5.60 16.00 -6.02
C GLY A 7 -4.79 15.05 -5.14
N SER A 8 -3.77 14.43 -5.73
CA SER A 8 -2.92 13.49 -5.01
C SER A 8 -2.16 14.20 -3.89
N ARG A 9 -2.46 13.82 -2.65
CA ARG A 9 -1.80 14.41 -1.50
C ARG A 9 -1.39 13.33 -0.50
N ASP A 10 -0.49 13.70 0.42
CA ASP A 10 -0.02 12.77 1.43
C ASP A 10 -1.03 12.61 2.56
N ILE A 11 -1.08 11.42 3.14
CA ILE A 11 -2.01 11.14 4.23
C ILE A 11 -1.37 11.42 5.59
N ARG A 12 -2.00 12.31 6.35
CA ARG A 12 -1.50 12.68 7.67
C ARG A 12 -2.56 12.44 8.74
N PHE A 13 -3.82 12.71 8.39
CA PHE A 13 -4.92 12.54 9.32
C PHE A 13 -5.11 11.06 9.66
N ALA A 14 -5.26 10.23 8.63
CA ALA A 14 -5.43 8.80 8.82
C ALA A 14 -4.11 8.09 9.00
N ASN A 15 -4.16 6.78 9.25
CA ASN A 15 -2.96 5.99 9.47
C ASN A 15 -2.93 4.80 8.52
N HIS A 16 -2.47 5.02 7.29
CA HIS A 16 -2.39 3.97 6.30
C HIS A 16 -0.97 3.43 6.18
N GLU A 17 -0.84 2.12 6.03
CA GLU A 17 0.47 1.48 5.92
C GLU A 17 0.94 1.47 4.47
N THR A 18 2.20 1.09 4.27
CA THR A 18 2.78 1.04 2.93
C THR A 18 3.52 -0.28 2.70
N LEU A 19 3.20 -0.94 1.59
CA LEU A 19 3.84 -2.21 1.26
C LEU A 19 4.36 -2.20 -0.18
N GLN A 20 5.44 -2.93 -0.42
CA GLN A 20 6.03 -3.00 -1.74
C GLN A 20 5.79 -4.37 -2.37
N VAL A 21 5.20 -4.37 -3.57
CA VAL A 21 4.91 -5.61 -4.28
C VAL A 21 6.18 -6.41 -4.52
N ILE A 22 6.11 -7.72 -4.33
CA ILE A 22 7.25 -8.60 -4.54
C ILE A 22 7.00 -9.58 -5.69
N TYR A 23 5.76 -9.64 -6.13
CA TYR A 23 5.38 -10.54 -7.23
C TYR A 23 4.05 -10.12 -7.84
N PRO A 24 3.93 -10.28 -9.17
CA PRO A 24 2.71 -9.93 -9.90
C PRO A 24 1.56 -10.87 -9.59
N TYR A 25 0.34 -10.34 -9.63
CA TYR A 25 -0.86 -11.13 -9.35
C TYR A 25 -1.98 -10.80 -10.33
N THR A 26 -2.64 -11.82 -10.84
CA THR A 26 -3.73 -11.64 -11.78
C THR A 26 -5.08 -11.88 -11.11
N PRO A 27 -5.81 -10.78 -10.85
CA PRO A 27 -7.12 -10.83 -10.20
C PRO A 27 -8.19 -11.44 -11.12
N GLN A 28 -9.37 -11.71 -10.56
CA GLN A 28 -10.46 -12.29 -11.32
C GLN A 28 -11.72 -11.42 -11.21
N ASN A 29 -11.73 -10.54 -10.21
CA ASN A 29 -12.87 -9.67 -9.99
C ASN A 29 -12.44 -8.38 -9.29
N ASP A 30 -13.38 -7.44 -9.16
CA ASP A 30 -13.09 -6.16 -8.52
C ASP A 30 -12.63 -6.37 -7.07
N ASP A 31 -13.28 -7.31 -6.38
CA ASP A 31 -12.95 -7.60 -4.99
C ASP A 31 -11.44 -7.47 -4.77
N GLU A 32 -10.65 -8.01 -5.70
CA GLU A 32 -9.20 -7.95 -5.59
C GLU A 32 -8.64 -6.83 -6.45
N LEU A 33 -7.32 -6.66 -6.41
CA LEU A 33 -6.65 -5.63 -7.19
C LEU A 33 -5.41 -6.18 -7.87
N GLU A 34 -5.08 -5.63 -9.04
CA GLU A 34 -3.90 -6.07 -9.79
C GLU A 34 -2.62 -5.67 -9.07
N LEU A 35 -1.63 -6.56 -9.10
CA LEU A 35 -0.36 -6.30 -8.44
C LEU A 35 0.76 -6.15 -9.47
N VAL A 36 1.67 -5.21 -9.21
CA VAL A 36 2.78 -4.97 -10.12
C VAL A 36 4.11 -4.97 -9.37
N PRO A 37 5.12 -5.65 -9.94
CA PRO A 37 6.45 -5.74 -9.34
C PRO A 37 7.20 -4.41 -9.38
N GLY A 38 7.28 -3.75 -8.23
CA GLY A 38 7.97 -2.49 -8.15
C GLY A 38 7.04 -1.34 -7.79
N ASP A 39 5.84 -1.68 -7.34
CA ASP A 39 4.85 -0.68 -6.96
C ASP A 39 4.55 -0.75 -5.47
N PHE A 40 3.86 0.27 -4.95
CA PHE A 40 3.51 0.32 -3.54
C PHE A 40 2.01 0.07 -3.34
N ILE A 41 1.63 -0.21 -2.10
CA ILE A 41 0.23 -0.47 -1.78
C ILE A 41 -0.13 0.09 -0.40
N PHE A 42 -1.09 1.00 -0.38
CA PHE A 42 -1.54 1.62 0.87
C PHE A 42 -2.63 0.79 1.53
N MET A 43 -2.33 0.25 2.71
CA MET A 43 -3.29 -0.57 3.44
C MET A 43 -3.99 0.26 4.52
N SER A 44 -5.28 0.00 4.70
CA SER A 44 -6.06 0.72 5.69
C SER A 44 -6.93 -0.24 6.50
N PRO A 45 -7.06 0.03 7.81
CA PRO A 45 -7.86 -0.79 8.72
C PRO A 45 -9.35 -0.68 8.45
N MET A 46 -9.78 0.49 8.01
CA MET A 46 -11.19 0.73 7.71
C MET A 46 -11.58 0.06 6.40
N GLU A 47 -10.62 -0.59 5.76
CA GLU A 47 -10.87 -1.27 4.49
C GLU A 47 -10.45 -2.73 4.57
N GLN A 48 -10.23 -3.22 5.79
CA GLN A 48 -9.82 -4.60 6.00
C GLN A 48 -11.00 -5.55 5.79
N THR A 49 -11.20 -5.98 4.55
CA THR A 49 -12.28 -6.89 4.22
C THR A 49 -11.75 -8.23 3.74
N SER A 50 -12.15 -9.31 4.44
CA SER A 50 -11.71 -10.65 4.08
C SER A 50 -10.18 -10.74 4.07
N THR A 51 -9.54 -9.86 4.84
CA THR A 51 -8.09 -9.84 4.93
C THR A 51 -7.58 -10.76 6.03
N SER A 52 -8.25 -10.74 7.17
CA SER A 52 -7.87 -11.57 8.30
C SER A 52 -7.64 -13.02 7.85
N GLU A 53 -8.35 -13.42 6.81
CA GLU A 53 -8.23 -14.78 6.28
C GLU A 53 -6.86 -14.99 5.62
N GLY A 54 -6.38 -13.94 4.96
CA GLY A 54 -5.09 -14.03 4.30
C GLY A 54 -4.87 -12.89 3.31
N TRP A 55 -5.97 -12.35 2.80
CA TRP A 55 -5.89 -11.24 1.84
C TRP A 55 -5.64 -9.93 2.54
N ILE A 56 -5.57 -8.84 1.77
CA ILE A 56 -5.33 -7.53 2.32
C ILE A 56 -5.83 -6.43 1.36
N TYR A 57 -6.63 -5.52 1.90
CA TYR A 57 -7.17 -4.43 1.08
C TYR A 57 -6.20 -3.24 1.05
N GLY A 58 -5.64 -2.99 -0.13
CA GLY A 58 -4.71 -1.89 -0.28
C GLY A 58 -4.97 -1.07 -1.53
N THR A 59 -4.27 0.05 -1.67
CA THR A 59 -4.43 0.92 -2.82
C THR A 59 -3.10 1.18 -3.52
N SER A 60 -2.97 0.68 -4.74
CA SER A 60 -1.74 0.86 -5.51
C SER A 60 -1.31 2.32 -5.52
N LEU A 61 -0.14 2.59 -6.08
CA LEU A 61 0.39 3.94 -6.16
C LEU A 61 0.48 4.41 -7.61
N THR A 62 0.62 3.46 -8.53
CA THR A 62 0.72 3.78 -9.94
C THR A 62 -0.67 4.00 -10.56
N THR A 63 -1.55 3.02 -10.37
CA THR A 63 -2.91 3.11 -10.91
C THR A 63 -3.83 3.82 -9.93
N GLY A 64 -3.51 3.74 -8.65
CA GLY A 64 -4.32 4.38 -7.63
C GLY A 64 -5.58 3.60 -7.32
N CYS A 65 -5.63 2.35 -7.77
CA CYS A 65 -6.79 1.50 -7.54
C CYS A 65 -6.71 0.82 -6.18
N SER A 66 -7.87 0.56 -5.58
CA SER A 66 -7.93 -0.08 -4.27
C SER A 66 -8.71 -1.38 -4.34
N GLY A 67 -8.13 -2.44 -3.79
CA GLY A 67 -8.78 -3.74 -3.80
C GLY A 67 -8.08 -4.76 -2.92
N LEU A 68 -8.54 -5.99 -2.96
CA LEU A 68 -7.95 -7.05 -2.16
C LEU A 68 -6.80 -7.72 -2.90
N LEU A 69 -5.82 -8.22 -2.14
CA LEU A 69 -4.66 -8.88 -2.72
C LEU A 69 -4.03 -9.85 -1.73
N PRO A 70 -3.30 -10.84 -2.26
CA PRO A 70 -2.63 -11.85 -1.44
C PRO A 70 -1.46 -11.28 -0.65
N GLU A 71 -1.52 -11.42 0.67
CA GLU A 71 -0.47 -10.91 1.54
C GLU A 71 0.88 -11.56 1.19
N ASN A 72 0.84 -12.59 0.36
CA ASN A 72 2.05 -13.29 -0.06
C ASN A 72 2.58 -12.74 -1.38
N TYR A 73 2.20 -11.51 -1.69
CA TYR A 73 2.64 -10.86 -2.93
C TYR A 73 3.20 -9.47 -2.66
N ILE A 74 3.16 -9.07 -1.39
CA ILE A 74 3.67 -7.76 -1.00
C ILE A 74 4.55 -7.86 0.24
N THR A 75 5.20 -6.75 0.60
CA THR A 75 6.08 -6.72 1.76
C THR A 75 6.05 -5.35 2.42
N LYS A 76 6.56 -5.28 3.65
CA LYS A 76 6.58 -4.03 4.40
C LYS A 76 7.58 -3.05 3.79
N ALA A 77 7.31 -1.76 3.95
CA ALA A 77 8.18 -0.72 3.40
C ALA A 77 9.45 -0.59 4.23
N ASP A 78 10.47 -1.35 3.86
CA ASP A 78 11.75 -1.31 4.57
C ASP A 78 12.86 -0.75 3.67
N GLU A 79 12.46 0.05 2.69
CA GLU A 79 13.42 0.65 1.75
C GLU A 79 13.92 2.00 2.28
N CYS A 80 14.93 1.95 3.15
CA CYS A 80 15.49 3.16 3.72
C CYS A 80 16.24 3.97 2.66
N SER A 81 15.91 5.25 2.54
CA SER A 81 16.55 6.12 1.57
C SER A 81 17.75 6.84 2.19
N THR A 82 17.49 7.59 3.24
CA THR A 82 18.56 8.33 3.92
C THR A 82 18.70 7.87 5.38
N TRP A 83 19.92 7.95 5.90
CA TRP A 83 20.18 7.55 7.28
C TRP A 83 19.60 8.55 8.26
N ILE A 84 19.69 9.84 7.92
CA ILE A 84 19.17 10.90 8.78
C ILE A 84 18.30 11.86 7.99
N PHE A 85 18.84 12.39 6.90
CA PHE A 85 18.11 13.32 6.05
C PHE A 85 16.63 12.97 6.00
N HIS A 86 15.77 13.97 6.18
CA HIS A 86 14.33 13.76 6.16
C HIS A 86 13.69 14.51 4.99
N GLY A 87 13.38 13.78 3.93
CA GLY A 87 12.77 14.40 2.76
C GLY A 87 11.32 13.98 2.57
N SER A 88 10.40 14.85 2.96
CA SER A 88 8.97 14.56 2.83
C SER A 88 8.28 15.62 1.98
N SER A 89 7.06 15.31 1.56
CA SER A 89 6.29 16.22 0.72
C SER A 89 5.52 17.22 1.58
N GLY A 90 5.58 18.49 1.20
CA GLY A 90 4.89 19.53 1.95
C GLY A 90 3.72 20.12 1.17
N PRO A 91 2.86 20.88 1.87
CA PRO A 91 1.69 21.51 1.27
C PRO A 91 2.07 22.64 0.32
N SER A 92 1.59 22.57 -0.91
CA SER A 92 1.88 23.59 -1.91
C SER A 92 0.60 24.03 -2.63
N SER A 93 0.32 25.33 -2.57
CA SER A 93 -0.87 25.88 -3.21
C SER A 93 -0.95 25.46 -4.68
N GLY A 94 -2.05 25.80 -5.33
CA GLY A 94 -2.23 25.45 -6.72
C GLY A 94 -3.45 24.60 -6.95
N GLY A 1 5.57 18.19 -7.07
CA GLY A 1 5.63 19.57 -7.50
C GLY A 1 4.26 20.20 -7.65
N SER A 2 3.59 20.44 -6.53
CA SER A 2 2.26 21.04 -6.56
C SER A 2 1.34 20.27 -7.49
N SER A 3 1.35 18.94 -7.36
CA SER A 3 0.51 18.08 -8.20
C SER A 3 -0.85 17.87 -7.56
N GLY A 4 -1.90 18.10 -8.34
CA GLY A 4 -3.25 17.92 -7.84
C GLY A 4 -4.20 17.38 -8.89
N SER A 5 -4.07 17.87 -10.11
CA SER A 5 -4.93 17.43 -11.21
C SER A 5 -5.03 15.91 -11.24
N SER A 6 -3.88 15.25 -11.18
CA SER A 6 -3.84 13.79 -11.21
C SER A 6 -2.84 13.25 -10.18
N GLY A 7 -2.83 11.94 -10.02
CA GLY A 7 -1.92 11.32 -9.06
C GLY A 7 -2.57 11.07 -7.72
N SER A 8 -1.97 10.20 -6.92
CA SER A 8 -2.50 9.87 -5.60
C SER A 8 -2.13 10.93 -4.57
N ARG A 9 -3.14 11.52 -3.94
CA ARG A 9 -2.92 12.56 -2.94
C ARG A 9 -2.81 11.95 -1.55
N ASP A 10 -2.38 12.75 -0.59
CA ASP A 10 -2.24 12.30 0.79
C ASP A 10 -3.59 12.22 1.48
N ILE A 11 -3.67 11.42 2.54
CA ILE A 11 -4.91 11.27 3.29
C ILE A 11 -4.93 12.19 4.51
N ARG A 12 -6.09 12.80 4.74
CA ARG A 12 -6.25 13.71 5.87
C ARG A 12 -5.58 13.15 7.12
N PHE A 13 -6.01 11.96 7.54
CA PHE A 13 -5.44 11.31 8.72
C PHE A 13 -3.98 10.95 8.49
N ALA A 14 -3.69 10.36 7.35
CA ALA A 14 -2.33 9.96 7.01
C ALA A 14 -1.82 8.87 7.95
N ASN A 15 -2.69 7.89 8.22
CA ASN A 15 -2.33 6.79 9.11
C ASN A 15 -2.45 5.45 8.38
N HIS A 16 -2.02 5.44 7.12
CA HIS A 16 -2.08 4.22 6.32
C HIS A 16 -0.70 3.57 6.21
N GLU A 17 -0.69 2.26 5.98
CA GLU A 17 0.57 1.53 5.87
C GLU A 17 1.04 1.49 4.42
N THR A 18 2.30 1.10 4.22
CA THR A 18 2.87 1.03 2.88
C THR A 18 3.58 -0.31 2.65
N LEU A 19 3.22 -0.98 1.57
CA LEU A 19 3.81 -2.27 1.23
C LEU A 19 4.29 -2.30 -0.21
N GLN A 20 5.34 -3.07 -0.48
CA GLN A 20 5.89 -3.18 -1.82
C GLN A 20 5.58 -4.54 -2.42
N VAL A 21 5.19 -4.56 -3.69
CA VAL A 21 4.86 -5.81 -4.38
C VAL A 21 6.12 -6.62 -4.66
N ILE A 22 6.09 -7.89 -4.30
CA ILE A 22 7.22 -8.78 -4.50
C ILE A 22 6.99 -9.69 -5.70
N TYR A 23 5.73 -9.99 -5.97
CA TYR A 23 5.37 -10.85 -7.09
C TYR A 23 4.05 -10.42 -7.72
N PRO A 24 3.96 -10.55 -9.04
CA PRO A 24 2.75 -10.17 -9.79
C PRO A 24 1.58 -11.11 -9.52
N TYR A 25 0.38 -10.60 -9.70
CA TYR A 25 -0.83 -11.40 -9.48
C TYR A 25 -1.94 -10.97 -10.42
N THR A 26 -2.52 -11.94 -11.12
CA THR A 26 -3.61 -11.66 -12.06
C THR A 26 -4.96 -11.88 -11.41
N PRO A 27 -5.69 -10.77 -11.16
CA PRO A 27 -7.01 -10.81 -10.53
C PRO A 27 -8.07 -11.41 -11.45
N GLN A 28 -9.26 -11.62 -10.92
CA GLN A 28 -10.36 -12.19 -11.70
C GLN A 28 -11.57 -11.27 -11.67
N ASN A 29 -11.56 -10.30 -10.76
CA ASN A 29 -12.66 -9.36 -10.63
C ASN A 29 -12.23 -8.13 -9.84
N ASP A 30 -13.18 -7.22 -9.62
CA ASP A 30 -12.90 -6.00 -8.87
C ASP A 30 -12.54 -6.31 -7.42
N ASP A 31 -13.20 -7.31 -6.85
CA ASP A 31 -12.96 -7.71 -5.48
C ASP A 31 -11.47 -7.63 -5.15
N GLU A 32 -10.64 -8.03 -6.10
CA GLU A 32 -9.20 -8.02 -5.91
C GLU A 32 -8.56 -6.92 -6.75
N LEU A 33 -7.25 -6.71 -6.56
CA LEU A 33 -6.52 -5.69 -7.29
C LEU A 33 -5.26 -6.27 -7.92
N GLU A 34 -4.91 -5.77 -9.10
CA GLU A 34 -3.72 -6.24 -9.80
C GLU A 34 -2.45 -5.92 -9.00
N LEU A 35 -1.47 -6.80 -9.09
CA LEU A 35 -0.20 -6.61 -8.38
C LEU A 35 0.96 -6.48 -9.36
N VAL A 36 1.66 -5.35 -9.28
CA VAL A 36 2.80 -5.10 -10.16
C VAL A 36 4.08 -4.95 -9.36
N PRO A 37 5.15 -5.62 -9.82
CA PRO A 37 6.46 -5.58 -9.16
C PRO A 37 7.14 -4.21 -9.30
N GLY A 38 7.24 -3.50 -8.18
CA GLY A 38 7.86 -2.19 -8.19
C GLY A 38 6.90 -1.09 -7.78
N ASP A 39 5.67 -1.48 -7.45
CA ASP A 39 4.66 -0.50 -7.04
C ASP A 39 4.41 -0.59 -5.54
N PHE A 40 3.67 0.37 -5.01
CA PHE A 40 3.35 0.41 -3.58
C PHE A 40 1.85 0.26 -3.36
N ILE A 41 1.49 -0.23 -2.17
CA ILE A 41 0.08 -0.42 -1.83
C ILE A 41 -0.22 0.12 -0.44
N PHE A 42 -1.19 1.04 -0.37
CA PHE A 42 -1.57 1.63 0.90
C PHE A 42 -2.64 0.80 1.60
N MET A 43 -2.32 0.31 2.79
CA MET A 43 -3.25 -0.52 3.56
C MET A 43 -3.89 0.30 4.68
N SER A 44 -5.17 0.06 4.92
CA SER A 44 -5.90 0.77 5.96
C SER A 44 -6.75 -0.19 6.78
N PRO A 45 -6.78 0.03 8.11
CA PRO A 45 -7.55 -0.80 9.03
C PRO A 45 -9.05 -0.61 8.87
N MET A 46 -9.44 0.51 8.28
CA MET A 46 -10.85 0.83 8.07
C MET A 46 -11.34 0.21 6.76
N GLU A 47 -10.47 -0.51 6.08
CA GLU A 47 -10.82 -1.16 4.82
C GLU A 47 -10.40 -2.62 4.80
N GLN A 48 -10.06 -3.14 5.99
CA GLN A 48 -9.62 -4.53 6.11
C GLN A 48 -10.82 -5.47 5.92
N THR A 49 -11.06 -5.86 4.68
CA THR A 49 -12.16 -6.76 4.36
C THR A 49 -11.64 -8.13 3.93
N SER A 50 -12.08 -9.17 4.61
CA SER A 50 -11.66 -10.52 4.30
C SER A 50 -10.14 -10.63 4.28
N THR A 51 -9.47 -9.75 5.02
CA THR A 51 -8.02 -9.75 5.09
C THR A 51 -7.52 -10.65 6.20
N SER A 52 -8.17 -10.59 7.36
CA SER A 52 -7.79 -11.41 8.50
C SER A 52 -7.53 -12.85 8.07
N GLU A 53 -8.28 -13.31 7.08
CA GLU A 53 -8.14 -14.68 6.58
C GLU A 53 -6.77 -14.87 5.94
N GLY A 54 -6.34 -13.88 5.16
CA GLY A 54 -5.05 -13.95 4.49
C GLY A 54 -4.86 -12.85 3.47
N TRP A 55 -5.97 -12.30 2.97
CA TRP A 55 -5.92 -11.24 1.98
C TRP A 55 -5.64 -9.89 2.65
N ILE A 56 -5.57 -8.84 1.83
CA ILE A 56 -5.31 -7.50 2.35
C ILE A 56 -5.85 -6.44 1.40
N TYR A 57 -6.62 -5.51 1.93
CA TYR A 57 -7.21 -4.43 1.13
C TYR A 57 -6.27 -3.23 1.08
N GLY A 58 -5.75 -2.94 -0.11
CA GLY A 58 -4.86 -1.82 -0.27
C GLY A 58 -5.14 -1.02 -1.52
N THR A 59 -4.41 0.07 -1.72
CA THR A 59 -4.60 0.93 -2.89
C THR A 59 -3.28 1.18 -3.60
N SER A 60 -3.24 0.91 -4.89
CA SER A 60 -2.03 1.10 -5.69
C SER A 60 -1.64 2.57 -5.70
N LEU A 61 -0.36 2.83 -5.95
CA LEU A 61 0.16 4.19 -5.99
C LEU A 61 0.26 4.69 -7.44
N THR A 62 0.56 3.77 -8.35
CA THR A 62 0.68 4.12 -9.76
C THR A 62 -0.69 4.34 -10.40
N THR A 63 -1.55 3.33 -10.28
CA THR A 63 -2.89 3.41 -10.85
C THR A 63 -3.85 4.10 -9.89
N GLY A 64 -3.71 3.81 -8.60
CA GLY A 64 -4.57 4.41 -7.59
C GLY A 64 -5.81 3.58 -7.32
N CYS A 65 -5.83 2.36 -7.85
CA CYS A 65 -6.96 1.46 -7.66
C CYS A 65 -6.88 0.74 -6.32
N SER A 66 -8.04 0.36 -5.78
CA SER A 66 -8.09 -0.32 -4.50
C SER A 66 -8.78 -1.67 -4.63
N GLY A 67 -8.26 -2.68 -3.92
CA GLY A 67 -8.83 -4.00 -3.98
C GLY A 67 -8.14 -4.97 -3.05
N LEU A 68 -8.61 -6.22 -3.02
CA LEU A 68 -8.04 -7.25 -2.16
C LEU A 68 -6.91 -7.98 -2.88
N LEU A 69 -5.83 -8.26 -2.14
CA LEU A 69 -4.69 -8.96 -2.71
C LEU A 69 -4.07 -9.91 -1.69
N PRO A 70 -3.36 -10.93 -2.18
CA PRO A 70 -2.70 -11.92 -1.32
C PRO A 70 -1.51 -11.34 -0.57
N GLU A 71 -1.58 -11.40 0.76
CA GLU A 71 -0.50 -10.88 1.60
C GLU A 71 0.82 -11.56 1.28
N ASN A 72 0.75 -12.64 0.50
CA ASN A 72 1.95 -13.38 0.12
C ASN A 72 2.50 -12.88 -1.22
N TYR A 73 2.11 -11.67 -1.59
CA TYR A 73 2.57 -11.08 -2.85
C TYR A 73 3.14 -9.68 -2.62
N ILE A 74 3.09 -9.22 -1.37
CA ILE A 74 3.60 -7.91 -1.01
C ILE A 74 4.58 -8.00 0.15
N THR A 75 5.07 -6.86 0.61
CA THR A 75 6.01 -6.80 1.71
C THR A 75 6.02 -5.43 2.38
N LYS A 76 6.57 -5.36 3.58
CA LYS A 76 6.63 -4.10 4.32
C LYS A 76 7.61 -3.14 3.66
N ALA A 77 7.38 -1.84 3.85
CA ALA A 77 8.25 -0.82 3.28
C ALA A 77 9.58 -0.73 4.03
N ASP A 78 10.35 -1.81 3.94
CA ASP A 78 11.65 -1.86 4.61
C ASP A 78 12.77 -1.39 3.67
N GLU A 79 12.84 -2.00 2.49
CA GLU A 79 13.86 -1.63 1.51
C GLU A 79 15.16 -1.24 2.21
N CYS A 80 15.57 -2.04 3.18
CA CYS A 80 16.80 -1.77 3.92
C CYS A 80 17.02 -0.28 4.07
N SER A 81 16.00 0.43 4.55
CA SER A 81 16.08 1.87 4.74
C SER A 81 16.77 2.20 6.07
N THR A 82 16.04 2.02 7.16
CA THR A 82 16.58 2.30 8.49
C THR A 82 18.06 1.98 8.56
N TRP A 83 18.80 2.78 9.33
CA TRP A 83 20.23 2.57 9.49
C TRP A 83 20.53 1.22 10.14
N ILE A 84 19.82 0.94 11.23
CA ILE A 84 20.01 -0.33 11.95
C ILE A 84 18.66 -0.95 12.32
N PHE A 85 18.19 -1.85 11.46
CA PHE A 85 16.90 -2.52 11.69
C PHE A 85 16.77 -3.75 10.81
N HIS A 86 15.83 -4.62 11.15
CA HIS A 86 15.60 -5.84 10.39
C HIS A 86 14.12 -6.19 10.37
N GLY A 87 13.75 -7.16 9.53
CA GLY A 87 12.37 -7.58 9.43
C GLY A 87 12.21 -8.88 8.68
N SER A 88 13.14 -9.80 8.88
CA SER A 88 13.10 -11.09 8.21
C SER A 88 11.69 -11.68 8.25
N SER A 89 11.21 -12.11 7.09
CA SER A 89 9.88 -12.69 6.99
C SER A 89 9.77 -13.97 7.81
N GLY A 90 10.84 -14.77 7.78
CA GLY A 90 10.85 -16.02 8.52
C GLY A 90 11.36 -15.85 9.93
N PRO A 91 10.72 -16.51 10.89
CA PRO A 91 11.10 -16.44 12.31
C PRO A 91 12.43 -17.15 12.58
N SER A 92 12.70 -18.19 11.80
CA SER A 92 13.93 -18.96 11.97
C SER A 92 15.01 -18.48 10.99
N SER A 93 16.25 -18.85 11.27
CA SER A 93 17.37 -18.45 10.42
C SER A 93 17.85 -19.62 9.57
N GLY A 94 17.21 -19.82 8.43
CA GLY A 94 17.59 -20.90 7.54
C GLY A 94 19.00 -20.77 7.04
N GLY A 1 -18.36 5.03 -9.89
CA GLY A 1 -17.42 4.91 -8.79
C GLY A 1 -17.98 4.07 -7.65
N SER A 2 -17.24 4.02 -6.55
CA SER A 2 -17.66 3.24 -5.39
C SER A 2 -18.70 4.01 -4.57
N SER A 3 -18.42 5.28 -4.33
CA SER A 3 -19.33 6.13 -3.56
C SER A 3 -19.80 5.41 -2.30
N GLY A 4 -18.88 4.71 -1.64
CA GLY A 4 -19.22 3.99 -0.43
C GLY A 4 -19.07 4.83 0.81
N SER A 5 -17.86 5.34 1.04
CA SER A 5 -17.58 6.16 2.22
C SER A 5 -17.60 7.64 1.85
N SER A 6 -18.40 8.41 2.58
CA SER A 6 -18.51 9.85 2.32
C SER A 6 -17.35 10.60 2.97
N GLY A 7 -16.73 11.49 2.19
CA GLY A 7 -15.62 12.27 2.70
C GLY A 7 -14.30 11.88 2.04
N SER A 8 -13.59 12.88 1.52
CA SER A 8 -12.31 12.64 0.86
C SER A 8 -11.24 12.26 1.87
N ARG A 9 -10.14 11.70 1.38
CA ARG A 9 -9.04 11.29 2.23
C ARG A 9 -7.70 11.71 1.64
N ASP A 10 -6.72 11.94 2.51
CA ASP A 10 -5.39 12.35 2.08
C ASP A 10 -4.31 11.55 2.80
N ILE A 11 -3.72 10.61 2.09
CA ILE A 11 -2.67 9.76 2.67
C ILE A 11 -1.57 10.62 3.28
N ARG A 12 -1.09 11.60 2.52
CA ARG A 12 -0.03 12.48 2.99
C ARG A 12 1.08 11.69 3.67
N PHE A 13 1.30 10.47 3.20
CA PHE A 13 2.34 9.61 3.75
C PHE A 13 2.15 9.44 5.25
N ALA A 14 0.91 9.18 5.67
CA ALA A 14 0.59 8.99 7.08
C ALA A 14 -0.79 8.38 7.26
N ASN A 15 -1.13 8.07 8.50
CA ASN A 15 -2.44 7.47 8.80
C ASN A 15 -2.78 6.38 7.79
N HIS A 16 -1.78 5.61 7.40
CA HIS A 16 -1.98 4.53 6.43
C HIS A 16 -0.71 3.69 6.29
N GLU A 17 -0.88 2.39 6.13
CA GLU A 17 0.25 1.48 5.98
C GLU A 17 0.74 1.45 4.53
N THR A 18 2.00 1.07 4.34
CA THR A 18 2.59 1.02 3.02
C THR A 18 3.37 -0.29 2.82
N LEU A 19 3.17 -0.92 1.66
CA LEU A 19 3.85 -2.17 1.35
C LEU A 19 4.35 -2.17 -0.09
N GLN A 20 5.42 -2.93 -0.34
CA GLN A 20 5.99 -3.02 -1.67
C GLN A 20 5.72 -4.39 -2.30
N VAL A 21 5.21 -4.38 -3.53
CA VAL A 21 4.89 -5.61 -4.24
C VAL A 21 6.15 -6.45 -4.47
N ILE A 22 6.05 -7.74 -4.19
CA ILE A 22 7.18 -8.65 -4.37
C ILE A 22 6.95 -9.58 -5.55
N TYR A 23 5.70 -9.70 -5.97
CA TYR A 23 5.35 -10.56 -7.09
C TYR A 23 4.02 -10.14 -7.71
N PRO A 24 3.92 -10.27 -9.04
CA PRO A 24 2.71 -9.90 -9.78
C PRO A 24 1.56 -10.86 -9.50
N TYR A 25 0.33 -10.36 -9.64
CA TYR A 25 -0.86 -11.17 -9.40
C TYR A 25 -1.99 -10.79 -10.36
N THR A 26 -2.68 -11.80 -10.88
CA THR A 26 -3.77 -11.56 -11.81
C THR A 26 -5.12 -11.82 -11.15
N PRO A 27 -5.87 -10.74 -10.87
CA PRO A 27 -7.18 -10.81 -10.24
C PRO A 27 -8.23 -11.42 -11.16
N GLN A 28 -9.40 -11.73 -10.60
CA GLN A 28 -10.49 -12.32 -11.37
C GLN A 28 -11.74 -11.47 -11.26
N ASN A 29 -11.76 -10.55 -10.30
CA ASN A 29 -12.91 -9.67 -10.09
C ASN A 29 -12.48 -8.37 -9.41
N ASP A 30 -13.45 -7.49 -9.19
CA ASP A 30 -13.18 -6.20 -8.55
C ASP A 30 -12.72 -6.40 -7.10
N ASP A 31 -13.30 -7.41 -6.45
CA ASP A 31 -12.95 -7.70 -5.06
C ASP A 31 -11.44 -7.57 -4.83
N GLU A 32 -10.65 -8.09 -5.76
CA GLU A 32 -9.20 -8.02 -5.67
C GLU A 32 -8.65 -6.90 -6.54
N LEU A 33 -7.33 -6.71 -6.49
CA LEU A 33 -6.67 -5.67 -7.27
C LEU A 33 -5.40 -6.20 -7.91
N GLU A 34 -5.07 -5.67 -9.10
CA GLU A 34 -3.88 -6.10 -9.81
C GLU A 34 -2.62 -5.74 -9.02
N LEU A 35 -1.58 -6.56 -9.17
CA LEU A 35 -0.32 -6.34 -8.47
C LEU A 35 0.83 -6.16 -9.46
N VAL A 36 1.66 -5.16 -9.22
CA VAL A 36 2.80 -4.89 -10.09
C VAL A 36 4.10 -4.91 -9.30
N PRO A 37 5.11 -5.61 -9.85
CA PRO A 37 6.43 -5.73 -9.22
C PRO A 37 7.20 -4.41 -9.23
N GLY A 38 7.29 -3.76 -8.08
CA GLY A 38 8.00 -2.50 -7.99
C GLY A 38 7.09 -1.34 -7.63
N ASP A 39 5.86 -1.66 -7.23
CA ASP A 39 4.89 -0.64 -6.87
C ASP A 39 4.59 -0.69 -5.37
N PHE A 40 3.84 0.30 -4.89
CA PHE A 40 3.49 0.38 -3.48
C PHE A 40 1.99 0.16 -3.29
N ILE A 41 1.60 -0.18 -2.06
CA ILE A 41 0.20 -0.42 -1.74
C ILE A 41 -0.16 0.15 -0.37
N PHE A 42 -1.16 1.02 -0.36
CA PHE A 42 -1.61 1.64 0.89
C PHE A 42 -2.66 0.78 1.58
N MET A 43 -2.28 0.18 2.71
CA MET A 43 -3.21 -0.66 3.46
C MET A 43 -3.81 0.11 4.63
N SER A 44 -5.13 0.01 4.77
CA SER A 44 -5.85 0.70 5.85
C SER A 44 -6.69 -0.29 6.65
N PRO A 45 -6.78 -0.04 7.97
CA PRO A 45 -7.55 -0.89 8.87
C PRO A 45 -9.06 -0.76 8.66
N MET A 46 -9.48 0.43 8.24
CA MET A 46 -10.89 0.69 7.99
C MET A 46 -11.34 0.07 6.67
N GLU A 47 -10.43 -0.65 6.03
CA GLU A 47 -10.73 -1.30 4.76
C GLU A 47 -10.24 -2.75 4.75
N GLN A 48 -10.02 -3.29 5.94
CA GLN A 48 -9.56 -4.67 6.08
C GLN A 48 -10.71 -5.65 5.88
N THR A 49 -11.02 -5.94 4.62
CA THR A 49 -12.10 -6.86 4.31
C THR A 49 -11.55 -8.23 3.89
N SER A 50 -12.16 -9.29 4.43
CA SER A 50 -11.73 -10.64 4.12
C SER A 50 -10.21 -10.74 4.10
N THR A 51 -9.55 -9.84 4.81
CA THR A 51 -8.10 -9.82 4.88
C THR A 51 -7.58 -10.77 5.96
N SER A 52 -8.20 -10.73 7.12
CA SER A 52 -7.81 -11.58 8.24
C SER A 52 -7.59 -13.02 7.77
N GLU A 53 -8.37 -13.42 6.77
CA GLU A 53 -8.26 -14.78 6.23
C GLU A 53 -6.91 -15.00 5.55
N GLY A 54 -6.41 -13.95 4.89
CA GLY A 54 -5.14 -14.05 4.21
C GLY A 54 -4.93 -12.91 3.22
N TRP A 55 -6.02 -12.35 2.73
CA TRP A 55 -5.94 -11.25 1.77
C TRP A 55 -5.67 -9.93 2.48
N ILE A 56 -5.59 -8.85 1.71
CA ILE A 56 -5.34 -7.53 2.26
C ILE A 56 -5.83 -6.43 1.32
N TYR A 57 -6.59 -5.49 1.87
CA TYR A 57 -7.13 -4.38 1.08
C TYR A 57 -6.13 -3.24 1.00
N GLY A 58 -5.72 -2.90 -0.23
CA GLY A 58 -4.78 -1.81 -0.42
C GLY A 58 -5.03 -1.04 -1.70
N THR A 59 -4.32 0.06 -1.88
CA THR A 59 -4.47 0.90 -3.06
C THR A 59 -3.15 1.03 -3.81
N SER A 60 -3.20 0.86 -5.13
CA SER A 60 -2.00 0.97 -5.95
C SER A 60 -1.52 2.42 -6.02
N LEU A 61 -0.21 2.59 -6.20
CA LEU A 61 0.38 3.92 -6.28
C LEU A 61 0.55 4.35 -7.75
N THR A 62 0.83 3.39 -8.61
CA THR A 62 1.01 3.66 -10.03
C THR A 62 -0.32 3.98 -10.70
N THR A 63 -1.34 3.19 -10.37
CA THR A 63 -2.66 3.38 -10.95
C THR A 63 -3.55 4.21 -10.02
N GLY A 64 -3.76 3.70 -8.81
CA GLY A 64 -4.59 4.41 -7.84
C GLY A 64 -5.84 3.64 -7.49
N CYS A 65 -5.92 2.40 -7.94
CA CYS A 65 -7.08 1.55 -7.67
C CYS A 65 -6.96 0.88 -6.31
N SER A 66 -8.10 0.52 -5.73
CA SER A 66 -8.11 -0.13 -4.42
C SER A 66 -8.86 -1.46 -4.49
N GLY A 67 -8.25 -2.50 -3.91
CA GLY A 67 -8.87 -3.81 -3.91
C GLY A 67 -8.14 -4.79 -3.02
N LEU A 68 -8.58 -6.04 -3.04
CA LEU A 68 -7.97 -7.09 -2.22
C LEU A 68 -6.81 -7.75 -2.95
N LEU A 69 -5.84 -8.24 -2.21
CA LEU A 69 -4.68 -8.90 -2.77
C LEU A 69 -4.05 -9.87 -1.79
N PRO A 70 -3.30 -10.85 -2.31
CA PRO A 70 -2.63 -11.86 -1.49
C PRO A 70 -1.48 -11.29 -0.68
N GLU A 71 -1.60 -11.32 0.63
CA GLU A 71 -0.57 -10.79 1.52
C GLU A 71 0.79 -11.43 1.21
N ASN A 72 0.76 -12.53 0.45
CA ASN A 72 1.98 -13.24 0.08
C ASN A 72 2.55 -12.70 -1.22
N TYR A 73 2.15 -11.48 -1.57
CA TYR A 73 2.62 -10.85 -2.80
C TYR A 73 3.16 -9.45 -2.53
N ILE A 74 3.17 -9.07 -1.25
CA ILE A 74 3.65 -7.75 -0.85
C ILE A 74 4.61 -7.86 0.33
N THR A 75 5.18 -6.73 0.72
CA THR A 75 6.12 -6.69 1.85
C THR A 75 6.07 -5.34 2.56
N LYS A 76 6.43 -5.35 3.83
CA LYS A 76 6.43 -4.12 4.62
C LYS A 76 7.40 -3.10 4.06
N ALA A 77 7.05 -1.83 4.15
CA ALA A 77 7.89 -0.74 3.65
C ALA A 77 9.10 -0.53 4.55
N ASP A 78 10.23 -1.10 4.16
CA ASP A 78 11.46 -0.95 4.93
C ASP A 78 12.44 -0.02 4.24
N GLU A 79 12.59 -0.16 2.92
CA GLU A 79 13.49 0.67 2.15
C GLU A 79 13.19 2.15 2.38
N CYS A 80 11.91 2.49 2.43
CA CYS A 80 11.48 3.87 2.65
C CYS A 80 12.32 4.52 3.76
N SER A 81 12.30 5.85 3.79
CA SER A 81 13.05 6.60 4.79
C SER A 81 12.20 7.73 5.37
N THR A 82 12.80 8.48 6.29
CA THR A 82 12.10 9.59 6.93
C THR A 82 12.65 10.93 6.46
N TRP A 83 11.76 11.88 6.21
CA TRP A 83 12.16 13.21 5.76
C TRP A 83 12.93 13.95 6.84
N ILE A 84 12.46 13.83 8.09
CA ILE A 84 13.10 14.48 9.21
C ILE A 84 13.41 13.49 10.33
N PHE A 85 12.41 12.72 10.72
CA PHE A 85 12.58 11.73 11.77
C PHE A 85 13.91 10.99 11.62
N HIS A 86 14.40 10.44 12.72
CA HIS A 86 15.66 9.70 12.71
C HIS A 86 15.45 8.24 13.10
N GLY A 87 14.77 8.03 14.21
CA GLY A 87 14.51 6.68 14.67
C GLY A 87 15.11 6.39 16.03
N SER A 88 16.20 5.61 16.05
CA SER A 88 16.87 5.26 17.29
C SER A 88 15.86 4.95 18.38
N SER A 89 14.94 4.03 18.08
CA SER A 89 13.92 3.64 19.05
C SER A 89 14.34 2.38 19.81
N GLY A 90 14.03 2.36 21.10
CA GLY A 90 14.38 1.21 21.92
C GLY A 90 14.21 1.48 23.41
N PRO A 91 15.31 1.89 24.07
CA PRO A 91 15.29 2.18 25.51
C PRO A 91 14.50 3.46 25.83
N SER A 92 14.06 4.15 24.78
CA SER A 92 13.30 5.39 24.95
C SER A 92 11.84 5.08 25.27
N SER A 93 11.16 4.42 24.33
CA SER A 93 9.76 4.08 24.52
C SER A 93 9.49 3.57 25.93
N GLY A 94 8.34 3.96 26.49
CA GLY A 94 8.00 3.54 27.83
C GLY A 94 9.19 3.55 28.77
N GLY A 1 -9.94 20.44 -13.65
CA GLY A 1 -10.41 19.73 -14.83
C GLY A 1 -11.32 18.57 -14.49
N SER A 2 -10.76 17.54 -13.86
CA SER A 2 -11.53 16.37 -13.48
C SER A 2 -12.19 16.56 -12.11
N SER A 3 -13.49 16.83 -12.12
CA SER A 3 -14.23 17.05 -10.88
C SER A 3 -15.66 16.53 -11.01
N GLY A 4 -16.13 15.85 -9.98
CA GLY A 4 -17.49 15.31 -9.99
C GLY A 4 -17.51 13.81 -9.76
N SER A 5 -17.06 13.05 -10.75
CA SER A 5 -17.03 11.60 -10.66
C SER A 5 -16.32 11.15 -9.40
N SER A 6 -16.92 10.20 -8.69
CA SER A 6 -16.34 9.67 -7.46
C SER A 6 -14.99 9.01 -7.72
N GLY A 7 -14.17 8.90 -6.68
CA GLY A 7 -12.86 8.29 -6.83
C GLY A 7 -12.37 7.67 -5.54
N SER A 8 -11.06 7.74 -5.31
CA SER A 8 -10.46 7.18 -4.10
C SER A 8 -10.66 8.10 -2.91
N ARG A 9 -11.13 7.55 -1.80
CA ARG A 9 -11.37 8.32 -0.58
C ARG A 9 -10.06 8.89 -0.04
N ASP A 10 -10.01 10.20 0.12
CA ASP A 10 -8.83 10.87 0.63
C ASP A 10 -8.47 10.37 2.02
N ILE A 11 -7.19 10.17 2.28
CA ILE A 11 -6.73 9.69 3.57
C ILE A 11 -6.92 10.76 4.65
N ARG A 12 -7.56 10.36 5.75
CA ARG A 12 -7.82 11.27 6.85
C ARG A 12 -6.73 11.16 7.92
N PHE A 13 -5.50 10.91 7.47
CA PHE A 13 -4.38 10.76 8.40
C PHE A 13 -4.64 9.68 9.42
N ALA A 14 -5.17 8.55 8.95
CA ALA A 14 -5.48 7.42 9.84
C ALA A 14 -4.30 6.46 9.92
N ASN A 15 -4.50 5.34 10.62
CA ASN A 15 -3.45 4.34 10.77
C ASN A 15 -3.28 3.54 9.49
N HIS A 16 -2.63 4.15 8.50
CA HIS A 16 -2.39 3.49 7.23
C HIS A 16 -0.96 2.94 7.15
N GLU A 17 -0.78 1.91 6.33
CA GLU A 17 0.53 1.28 6.18
C GLU A 17 0.91 1.18 4.71
N THR A 18 2.22 1.17 4.44
CA THR A 18 2.71 1.08 3.07
C THR A 18 3.42 -0.25 2.83
N LEU A 19 3.19 -0.85 1.67
CA LEU A 19 3.81 -2.12 1.33
C LEU A 19 4.33 -2.10 -0.11
N GLN A 20 5.37 -2.88 -0.36
CA GLN A 20 5.97 -2.95 -1.70
C GLN A 20 5.67 -4.30 -2.35
N VAL A 21 5.31 -4.26 -3.62
CA VAL A 21 5.01 -5.48 -4.37
C VAL A 21 6.25 -6.35 -4.52
N ILE A 22 6.08 -7.66 -4.33
CA ILE A 22 7.19 -8.60 -4.47
C ILE A 22 6.93 -9.59 -5.60
N TYR A 23 5.70 -9.64 -6.07
CA TYR A 23 5.33 -10.55 -7.14
C TYR A 23 4.01 -10.12 -7.79
N PRO A 24 3.93 -10.28 -9.12
CA PRO A 24 2.72 -9.91 -9.88
C PRO A 24 1.56 -10.85 -9.60
N TYR A 25 0.34 -10.35 -9.79
CA TYR A 25 -0.86 -11.14 -9.56
C TYR A 25 -1.88 -10.92 -10.67
N THR A 26 -2.78 -11.89 -10.84
CA THR A 26 -3.81 -11.81 -11.87
C THR A 26 -5.19 -11.96 -11.27
N PRO A 27 -5.87 -10.83 -11.01
CA PRO A 27 -7.21 -10.82 -10.43
C PRO A 27 -8.26 -11.34 -11.41
N GLN A 28 -9.48 -11.53 -10.91
CA GLN A 28 -10.58 -12.02 -11.74
C GLN A 28 -11.78 -11.08 -11.67
N ASN A 29 -11.76 -10.19 -10.69
CA ASN A 29 -12.85 -9.23 -10.51
C ASN A 29 -12.39 -8.02 -9.70
N ASP A 30 -13.31 -7.11 -9.45
CA ASP A 30 -13.00 -5.90 -8.68
C ASP A 30 -12.65 -6.26 -7.23
N ASP A 31 -13.33 -7.26 -6.70
CA ASP A 31 -13.10 -7.69 -5.32
C ASP A 31 -11.62 -7.61 -4.97
N GLU A 32 -10.77 -8.04 -5.91
CA GLU A 32 -9.33 -8.00 -5.69
C GLU A 32 -8.68 -6.90 -6.54
N LEU A 33 -7.38 -6.73 -6.35
CA LEU A 33 -6.62 -5.71 -7.09
C LEU A 33 -5.36 -6.30 -7.68
N GLU A 34 -5.03 -5.87 -8.90
CA GLU A 34 -3.83 -6.35 -9.58
C GLU A 34 -2.57 -5.98 -8.79
N LEU A 35 -1.51 -6.77 -8.98
CA LEU A 35 -0.26 -6.53 -8.28
C LEU A 35 0.88 -6.32 -9.28
N VAL A 36 1.58 -5.20 -9.15
CA VAL A 36 2.69 -4.88 -10.03
C VAL A 36 4.01 -4.87 -9.27
N PRO A 37 5.01 -5.57 -9.81
CA PRO A 37 6.35 -5.66 -9.20
C PRO A 37 7.10 -4.33 -9.29
N GLY A 38 7.27 -3.68 -8.14
CA GLY A 38 7.98 -2.42 -8.10
C GLY A 38 7.08 -1.26 -7.71
N ASP A 39 5.85 -1.57 -7.32
CA ASP A 39 4.90 -0.55 -6.92
C ASP A 39 4.59 -0.65 -5.43
N PHE A 40 3.87 0.34 -4.91
CA PHE A 40 3.51 0.37 -3.49
C PHE A 40 2.01 0.12 -3.31
N ILE A 41 1.63 -0.19 -2.08
CA ILE A 41 0.22 -0.45 -1.76
C ILE A 41 -0.13 0.05 -0.36
N PHE A 42 -1.10 0.95 -0.29
CA PHE A 42 -1.53 1.51 0.99
C PHE A 42 -2.65 0.67 1.60
N MET A 43 -2.35 -0.01 2.70
CA MET A 43 -3.33 -0.85 3.38
C MET A 43 -3.92 -0.12 4.57
N SER A 44 -5.25 -0.22 4.72
CA SER A 44 -5.95 0.43 5.82
C SER A 44 -6.84 -0.56 6.57
N PRO A 45 -6.81 -0.49 7.91
CA PRO A 45 -7.61 -1.38 8.76
C PRO A 45 -9.10 -1.08 8.67
N MET A 46 -9.43 0.12 8.19
CA MET A 46 -10.83 0.52 8.05
C MET A 46 -11.54 -0.32 7.00
N GLU A 47 -10.82 -0.65 5.93
CA GLU A 47 -11.39 -1.46 4.85
C GLU A 47 -10.59 -2.75 4.66
N GLN A 48 -10.27 -3.41 5.78
CA GLN A 48 -9.52 -4.65 5.73
C GLN A 48 -10.46 -5.86 5.81
N THR A 49 -11.44 -5.89 4.92
CA THR A 49 -12.40 -6.99 4.88
C THR A 49 -11.80 -8.22 4.24
N SER A 50 -12.16 -9.39 4.76
CA SER A 50 -11.65 -10.65 4.24
C SER A 50 -10.13 -10.65 4.18
N THR A 51 -9.52 -9.82 5.03
CA THR A 51 -8.07 -9.72 5.08
C THR A 51 -7.48 -10.62 6.16
N SER A 52 -8.04 -10.53 7.36
CA SER A 52 -7.57 -11.34 8.49
C SER A 52 -7.38 -12.79 8.06
N GLU A 53 -8.13 -13.21 7.04
CA GLU A 53 -8.05 -14.58 6.55
C GLU A 53 -6.73 -14.82 5.82
N GLY A 54 -6.25 -13.80 5.12
CA GLY A 54 -5.01 -13.92 4.38
C GLY A 54 -4.82 -12.80 3.37
N TRP A 55 -5.92 -12.18 2.97
CA TRP A 55 -5.88 -11.09 2.00
C TRP A 55 -5.63 -9.76 2.69
N ILE A 56 -5.54 -8.69 1.89
CA ILE A 56 -5.30 -7.36 2.43
C ILE A 56 -5.78 -6.28 1.46
N TYR A 57 -6.67 -5.43 1.92
CA TYR A 57 -7.21 -4.35 1.09
C TYR A 57 -6.22 -3.19 1.00
N GLY A 58 -5.63 -3.01 -0.18
CA GLY A 58 -4.68 -1.93 -0.37
C GLY A 58 -4.98 -1.11 -1.61
N THR A 59 -4.20 -0.04 -1.81
CA THR A 59 -4.39 0.83 -2.96
C THR A 59 -3.10 0.99 -3.75
N SER A 60 -3.17 0.75 -5.05
CA SER A 60 -2.00 0.86 -5.92
C SER A 60 -1.53 2.31 -6.00
N LEU A 61 -0.25 2.49 -6.27
CA LEU A 61 0.33 3.83 -6.37
C LEU A 61 0.50 4.24 -7.84
N THR A 62 0.98 3.30 -8.65
CA THR A 62 1.19 3.56 -10.07
C THR A 62 -0.13 3.87 -10.77
N THR A 63 -1.17 3.14 -10.39
CA THR A 63 -2.49 3.33 -10.99
C THR A 63 -3.40 4.12 -10.06
N GLY A 64 -3.56 3.64 -8.84
CA GLY A 64 -4.41 4.32 -7.87
C GLY A 64 -5.65 3.51 -7.52
N CYS A 65 -5.76 2.32 -8.10
CA CYS A 65 -6.91 1.47 -7.84
C CYS A 65 -6.85 0.87 -6.44
N SER A 66 -7.96 0.30 -5.99
CA SER A 66 -8.03 -0.29 -4.66
C SER A 66 -8.78 -1.61 -4.70
N GLY A 67 -8.34 -2.57 -3.88
CA GLY A 67 -8.98 -3.87 -3.84
C GLY A 67 -8.27 -4.83 -2.92
N LEU A 68 -8.72 -6.08 -2.91
CA LEU A 68 -8.13 -7.11 -2.07
C LEU A 68 -6.98 -7.81 -2.80
N LEU A 69 -5.90 -8.06 -2.08
CA LEU A 69 -4.73 -8.73 -2.65
C LEU A 69 -4.10 -9.70 -1.66
N PRO A 70 -3.38 -10.70 -2.18
CA PRO A 70 -2.72 -11.72 -1.35
C PRO A 70 -1.54 -11.15 -0.57
N GLU A 71 -1.57 -11.33 0.75
CA GLU A 71 -0.50 -10.84 1.61
C GLU A 71 0.83 -11.49 1.25
N ASN A 72 0.78 -12.50 0.37
CA ASN A 72 1.98 -13.21 -0.04
C ASN A 72 2.50 -12.66 -1.37
N TYR A 73 2.14 -11.42 -1.67
CA TYR A 73 2.57 -10.78 -2.91
C TYR A 73 3.16 -9.40 -2.63
N ILE A 74 3.11 -8.98 -1.37
CA ILE A 74 3.63 -7.68 -0.98
C ILE A 74 4.53 -7.80 0.25
N THR A 75 5.07 -6.67 0.70
CA THR A 75 5.95 -6.64 1.85
C THR A 75 5.96 -5.27 2.51
N LYS A 76 6.42 -5.23 3.76
CA LYS A 76 6.48 -3.98 4.51
C LYS A 76 7.34 -2.94 3.78
N ALA A 77 7.05 -1.66 4.02
CA ALA A 77 7.79 -0.58 3.38
C ALA A 77 9.13 -0.35 4.08
N ASP A 78 9.94 -1.40 4.14
CA ASP A 78 11.25 -1.31 4.78
C ASP A 78 12.33 -0.97 3.76
N GLU A 79 11.92 -0.34 2.66
CA GLU A 79 12.85 0.04 1.61
C GLU A 79 13.33 1.48 1.78
N CYS A 80 12.39 2.36 2.11
CA CYS A 80 12.71 3.77 2.31
C CYS A 80 13.10 4.04 3.76
N SER A 81 13.87 5.10 3.97
CA SER A 81 14.31 5.47 5.31
C SER A 81 13.64 6.75 5.78
N THR A 82 13.74 7.04 7.08
CA THR A 82 13.14 8.23 7.66
C THR A 82 14.22 9.22 8.10
N TRP A 83 13.89 10.50 8.05
CA TRP A 83 14.81 11.55 8.45
C TRP A 83 15.57 11.16 9.71
N ILE A 84 14.85 10.60 10.68
CA ILE A 84 15.45 10.16 11.93
C ILE A 84 15.14 8.70 12.22
N PHE A 85 13.87 8.39 12.43
CA PHE A 85 13.45 7.03 12.71
C PHE A 85 14.30 6.03 11.96
N HIS A 86 14.63 4.92 12.62
CA HIS A 86 15.45 3.88 12.01
C HIS A 86 14.64 2.60 11.82
N GLY A 87 13.92 2.19 12.85
CA GLY A 87 13.11 1.00 12.78
C GLY A 87 13.65 -0.11 13.67
N SER A 88 13.89 -1.28 13.08
CA SER A 88 14.39 -2.42 13.82
C SER A 88 14.92 -3.50 12.88
N SER A 89 16.15 -3.93 13.10
CA SER A 89 16.78 -4.95 12.27
C SER A 89 16.77 -4.53 10.80
N GLY A 90 17.16 -3.29 10.55
CA GLY A 90 17.20 -2.79 9.19
C GLY A 90 18.59 -2.81 8.60
N PRO A 91 18.80 -2.04 7.52
CA PRO A 91 20.09 -1.96 6.84
C PRO A 91 21.14 -1.23 7.68
N SER A 92 20.76 -0.82 8.88
CA SER A 92 21.66 -0.12 9.78
C SER A 92 23.09 -0.62 9.62
N SER A 93 23.98 0.25 9.15
CA SER A 93 25.37 -0.10 8.95
C SER A 93 26.23 0.41 10.11
N GLY A 94 26.90 -0.51 10.79
CA GLY A 94 27.75 -0.13 11.91
C GLY A 94 27.63 -1.08 13.08
N GLY A 1 3.28 16.56 -13.10
CA GLY A 1 3.53 17.49 -14.19
C GLY A 1 2.23 17.98 -14.82
N SER A 2 2.15 17.92 -16.14
CA SER A 2 0.97 18.36 -16.87
C SER A 2 -0.13 17.31 -16.80
N SER A 3 -1.35 17.77 -16.53
CA SER A 3 -2.50 16.86 -16.43
C SER A 3 -2.11 15.57 -15.71
N GLY A 4 -1.33 15.70 -14.64
CA GLY A 4 -0.91 14.54 -13.88
C GLY A 4 -1.12 14.71 -12.39
N SER A 5 -0.13 14.29 -11.61
CA SER A 5 -0.20 14.39 -10.16
C SER A 5 -0.26 15.86 -9.72
N SER A 6 -1.29 16.20 -8.96
CA SER A 6 -1.47 17.56 -8.48
C SER A 6 -1.90 17.57 -7.02
N GLY A 7 -1.06 18.17 -6.17
CA GLY A 7 -1.37 18.24 -4.75
C GLY A 7 -2.04 16.97 -4.25
N SER A 8 -1.28 15.89 -4.13
CA SER A 8 -1.81 14.63 -3.66
C SER A 8 -1.33 14.33 -2.25
N ARG A 9 -2.26 14.02 -1.36
CA ARG A 9 -1.92 13.71 0.03
C ARG A 9 -1.25 12.35 0.13
N ASP A 10 0.03 12.37 0.48
CA ASP A 10 0.80 11.13 0.62
C ASP A 10 0.93 10.73 2.08
N ILE A 11 0.93 9.43 2.34
CA ILE A 11 1.04 8.91 3.70
C ILE A 11 2.51 8.71 4.09
N ARG A 12 2.93 9.37 5.15
CA ARG A 12 4.30 9.27 5.63
C ARG A 12 4.34 8.81 7.09
N PHE A 13 3.58 9.50 7.94
CA PHE A 13 3.52 9.16 9.36
C PHE A 13 2.08 8.98 9.82
N ALA A 14 1.26 8.39 8.95
CA ALA A 14 -0.14 8.16 9.27
C ALA A 14 -0.40 6.68 9.53
N ASN A 15 -1.64 6.35 9.89
CA ASN A 15 -2.02 4.97 10.16
C ASN A 15 -1.74 4.08 8.95
N HIS A 16 -2.33 4.42 7.82
CA HIS A 16 -2.13 3.65 6.59
C HIS A 16 -0.69 3.18 6.47
N GLU A 17 -0.52 1.90 6.17
CA GLU A 17 0.81 1.32 6.03
C GLU A 17 1.20 1.20 4.55
N THR A 18 2.50 1.27 4.28
CA THR A 18 2.99 1.16 2.91
C THR A 18 3.71 -0.17 2.68
N LEU A 19 3.35 -0.86 1.61
CA LEU A 19 3.96 -2.14 1.28
C LEU A 19 4.38 -2.18 -0.19
N GLN A 20 5.44 -2.94 -0.47
CA GLN A 20 5.94 -3.07 -1.83
C GLN A 20 5.65 -4.45 -2.39
N VAL A 21 5.13 -4.49 -3.61
CA VAL A 21 4.81 -5.76 -4.26
C VAL A 21 6.07 -6.57 -4.53
N ILE A 22 6.02 -7.85 -4.17
CA ILE A 22 7.14 -8.74 -4.37
C ILE A 22 6.92 -9.67 -5.57
N TYR A 23 5.65 -9.83 -5.94
CA TYR A 23 5.30 -10.70 -7.07
C TYR A 23 4.01 -10.23 -7.72
N PRO A 24 3.93 -10.36 -9.05
CA PRO A 24 2.76 -9.95 -9.82
C PRO A 24 1.56 -10.87 -9.57
N TYR A 25 0.35 -10.32 -9.72
CA TYR A 25 -0.87 -11.08 -9.51
C TYR A 25 -1.93 -10.69 -10.52
N THR A 26 -2.56 -11.70 -11.12
CA THR A 26 -3.61 -11.47 -12.11
C THR A 26 -4.99 -11.72 -11.53
N PRO A 27 -5.70 -10.63 -11.19
CA PRO A 27 -7.04 -10.71 -10.61
C PRO A 27 -8.08 -11.19 -11.62
N GLN A 28 -9.29 -11.47 -11.14
CA GLN A 28 -10.36 -11.93 -12.01
C GLN A 28 -11.60 -11.05 -11.87
N ASN A 29 -11.62 -10.24 -10.82
CA ASN A 29 -12.75 -9.33 -10.58
C ASN A 29 -12.29 -8.10 -9.80
N ASP A 30 -13.25 -7.25 -9.45
CA ASP A 30 -12.95 -6.03 -8.71
C ASP A 30 -12.59 -6.35 -7.27
N ASP A 31 -13.26 -7.34 -6.69
CA ASP A 31 -13.01 -7.76 -5.32
C ASP A 31 -11.52 -7.62 -4.98
N GLU A 32 -10.67 -7.99 -5.94
CA GLU A 32 -9.22 -7.91 -5.75
C GLU A 32 -8.63 -6.78 -6.56
N LEU A 33 -7.31 -6.61 -6.45
CA LEU A 33 -6.61 -5.56 -7.18
C LEU A 33 -5.34 -6.11 -7.84
N GLU A 34 -5.02 -5.57 -9.01
CA GLU A 34 -3.83 -5.99 -9.74
C GLU A 34 -2.56 -5.64 -8.98
N LEU A 35 -1.59 -6.54 -9.02
CA LEU A 35 -0.32 -6.33 -8.35
C LEU A 35 0.83 -6.20 -9.34
N VAL A 36 1.65 -5.17 -9.18
CA VAL A 36 2.78 -4.94 -10.06
C VAL A 36 4.08 -4.86 -9.28
N PRO A 37 5.12 -5.55 -9.77
CA PRO A 37 6.44 -5.57 -9.13
C PRO A 37 7.16 -4.22 -9.23
N GLY A 38 7.40 -3.60 -8.08
CA GLY A 38 8.08 -2.31 -8.06
C GLY A 38 7.16 -1.18 -7.63
N ASP A 39 5.92 -1.53 -7.33
CA ASP A 39 4.93 -0.53 -6.91
C ASP A 39 4.67 -0.62 -5.41
N PHE A 40 3.86 0.29 -4.89
CA PHE A 40 3.54 0.32 -3.47
C PHE A 40 2.05 0.04 -3.24
N ILE A 41 1.69 -0.26 -2.01
CA ILE A 41 0.31 -0.55 -1.66
C ILE A 41 -0.05 0.04 -0.30
N PHE A 42 -1.13 0.80 -0.27
CA PHE A 42 -1.59 1.44 0.97
C PHE A 42 -2.65 0.58 1.66
N MET A 43 -2.28 -0.02 2.79
CA MET A 43 -3.20 -0.87 3.54
C MET A 43 -3.79 -0.11 4.73
N SER A 44 -5.10 -0.21 4.89
CA SER A 44 -5.78 0.47 5.98
C SER A 44 -6.73 -0.49 6.71
N PRO A 45 -6.74 -0.41 8.04
CA PRO A 45 -7.58 -1.26 8.89
C PRO A 45 -9.07 -0.90 8.77
N MET A 46 -9.35 0.21 8.08
CA MET A 46 -10.72 0.65 7.90
C MET A 46 -11.33 0.03 6.64
N GLU A 47 -10.48 -0.60 5.83
CA GLU A 47 -10.95 -1.24 4.60
C GLU A 47 -10.43 -2.67 4.51
N GLN A 48 -10.17 -3.28 5.66
CA GLN A 48 -9.67 -4.65 5.71
C GLN A 48 -10.82 -5.65 5.67
N THR A 49 -11.27 -5.97 4.46
CA THR A 49 -12.37 -6.91 4.28
C THR A 49 -11.84 -8.29 3.90
N SER A 50 -12.12 -9.27 4.74
CA SER A 50 -11.68 -10.64 4.49
C SER A 50 -10.15 -10.72 4.44
N THR A 51 -9.50 -9.78 5.11
CA THR A 51 -8.04 -9.73 5.15
C THR A 51 -7.49 -10.61 6.27
N SER A 52 -7.99 -10.38 7.49
CA SER A 52 -7.54 -11.15 8.65
C SER A 52 -7.32 -12.61 8.28
N GLU A 53 -8.11 -13.10 7.33
CA GLU A 53 -8.00 -14.49 6.88
C GLU A 53 -6.66 -14.72 6.19
N GLY A 54 -6.31 -13.83 5.27
CA GLY A 54 -5.06 -13.95 4.55
C GLY A 54 -4.86 -12.84 3.53
N TRP A 55 -5.96 -12.30 3.03
CA TRP A 55 -5.90 -11.22 2.05
C TRP A 55 -5.65 -9.88 2.72
N ILE A 56 -5.57 -8.83 1.92
CA ILE A 56 -5.33 -7.48 2.45
C ILE A 56 -5.79 -6.42 1.47
N TYR A 57 -6.65 -5.52 1.93
CA TYR A 57 -7.17 -4.45 1.09
C TYR A 57 -6.16 -3.31 0.98
N GLY A 58 -5.64 -3.10 -0.23
CA GLY A 58 -4.68 -2.04 -0.45
C GLY A 58 -4.98 -1.24 -1.71
N THR A 59 -4.37 -0.06 -1.81
CA THR A 59 -4.57 0.81 -2.95
C THR A 59 -3.29 0.97 -3.76
N SER A 60 -3.40 0.82 -5.08
CA SER A 60 -2.24 0.94 -5.96
C SER A 60 -1.74 2.38 -6.00
N LEU A 61 -0.44 2.54 -6.17
CA LEU A 61 0.18 3.86 -6.23
C LEU A 61 0.36 4.32 -7.67
N THR A 62 0.57 3.35 -8.57
CA THR A 62 0.76 3.67 -9.98
C THR A 62 -0.57 3.95 -10.66
N THR A 63 -1.55 3.07 -10.45
CA THR A 63 -2.87 3.23 -11.04
C THR A 63 -3.79 4.01 -10.11
N GLY A 64 -3.74 3.69 -8.83
CA GLY A 64 -4.58 4.36 -7.86
C GLY A 64 -5.83 3.57 -7.51
N CYS A 65 -5.92 2.35 -8.05
CA CYS A 65 -7.07 1.49 -7.80
C CYS A 65 -7.03 0.92 -6.39
N SER A 66 -8.13 0.31 -5.96
CA SER A 66 -8.22 -0.27 -4.64
C SER A 66 -8.93 -1.62 -4.69
N GLY A 67 -8.41 -2.58 -3.91
CA GLY A 67 -9.01 -3.90 -3.87
C GLY A 67 -8.27 -4.85 -2.95
N LEU A 68 -8.71 -6.09 -2.92
CA LEU A 68 -8.09 -7.10 -2.06
C LEU A 68 -6.94 -7.79 -2.78
N LEU A 69 -5.93 -8.20 -2.02
CA LEU A 69 -4.76 -8.87 -2.59
C LEU A 69 -4.14 -9.84 -1.58
N PRO A 70 -3.43 -10.85 -2.10
CA PRO A 70 -2.78 -11.86 -1.26
C PRO A 70 -1.59 -11.28 -0.49
N GLU A 71 -1.60 -11.46 0.83
CA GLU A 71 -0.53 -10.96 1.68
C GLU A 71 0.80 -11.61 1.32
N ASN A 72 0.74 -12.62 0.46
CA ASN A 72 1.93 -13.34 0.03
C ASN A 72 2.45 -12.79 -1.29
N TYR A 73 2.07 -11.56 -1.61
CA TYR A 73 2.50 -10.92 -2.84
C TYR A 73 3.07 -9.53 -2.57
N ILE A 74 3.02 -9.11 -1.32
CA ILE A 74 3.53 -7.80 -0.92
C ILE A 74 4.48 -7.91 0.27
N THR A 75 5.08 -6.79 0.65
CA THR A 75 6.00 -6.76 1.78
C THR A 75 6.07 -5.37 2.40
N LYS A 76 6.53 -5.31 3.65
CA LYS A 76 6.64 -4.04 4.35
C LYS A 76 7.45 -3.04 3.53
N ALA A 77 7.21 -1.75 3.79
CA ALA A 77 7.93 -0.70 3.07
C ALA A 77 9.36 -0.56 3.57
N ASP A 78 10.28 -1.18 2.85
CA ASP A 78 11.70 -1.14 3.22
C ASP A 78 12.54 -0.54 2.09
N GLU A 79 12.13 -0.83 0.86
CA GLU A 79 12.85 -0.33 -0.32
C GLU A 79 13.25 1.13 -0.13
N CYS A 80 12.38 1.90 0.53
CA CYS A 80 12.65 3.31 0.78
C CYS A 80 11.98 3.76 2.08
N SER A 81 12.41 4.93 2.58
CA SER A 81 11.87 5.47 3.81
C SER A 81 11.64 6.97 3.69
N THR A 82 11.21 7.58 4.79
CA THR A 82 10.95 9.02 4.81
C THR A 82 11.92 9.76 3.90
N TRP A 83 11.41 10.77 3.19
CA TRP A 83 12.25 11.56 2.30
C TRP A 83 13.61 11.86 2.93
N ILE A 84 13.59 12.20 4.21
CA ILE A 84 14.81 12.51 4.93
C ILE A 84 15.03 11.56 6.10
N PHE A 85 14.19 11.70 7.13
CA PHE A 85 14.27 10.86 8.31
C PHE A 85 14.73 9.45 7.94
N HIS A 86 15.87 9.04 8.48
CA HIS A 86 16.42 7.71 8.19
C HIS A 86 16.32 6.82 9.44
N GLY A 87 16.56 7.40 10.60
CA GLY A 87 16.51 6.65 11.84
C GLY A 87 17.27 7.32 12.97
N SER A 88 17.66 6.54 13.97
CA SER A 88 18.38 7.07 15.11
C SER A 88 19.88 7.16 14.81
N SER A 89 20.42 8.37 14.87
CA SER A 89 21.83 8.59 14.60
C SER A 89 22.70 7.82 15.59
N GLY A 90 22.50 8.10 16.88
CA GLY A 90 23.26 7.43 17.91
C GLY A 90 22.46 7.18 19.17
N PRO A 91 22.88 6.18 19.96
CA PRO A 91 22.20 5.82 21.21
C PRO A 91 22.36 6.88 22.29
N SER A 92 21.45 6.89 23.25
CA SER A 92 21.49 7.85 24.34
C SER A 92 22.86 7.88 25.00
N SER A 93 23.55 9.00 24.86
CA SER A 93 24.89 9.15 25.44
C SER A 93 25.82 8.06 24.94
N GLY A 94 25.75 7.78 23.64
CA GLY A 94 26.59 6.74 23.07
C GLY A 94 28.03 6.84 23.55
N GLY A 1 -6.12 22.04 -21.42
CA GLY A 1 -5.51 23.04 -20.56
C GLY A 1 -4.04 22.80 -20.34
N SER A 2 -3.56 23.14 -19.14
CA SER A 2 -2.16 22.96 -18.81
C SER A 2 -2.01 22.10 -17.55
N SER A 3 -2.80 22.42 -16.53
CA SER A 3 -2.75 21.68 -15.28
C SER A 3 -3.29 20.27 -15.45
N GLY A 4 -2.90 19.38 -14.55
CA GLY A 4 -3.34 17.99 -14.62
C GLY A 4 -3.05 17.22 -13.35
N SER A 5 -4.08 16.96 -12.56
CA SER A 5 -3.92 16.22 -11.31
C SER A 5 -4.28 14.75 -11.50
N SER A 6 -3.63 13.89 -10.72
CA SER A 6 -3.87 12.46 -10.81
C SER A 6 -3.21 11.72 -9.63
N GLY A 7 -3.41 10.41 -9.58
CA GLY A 7 -2.82 9.62 -8.51
C GLY A 7 -3.66 9.61 -7.26
N SER A 8 -4.99 9.60 -7.45
CA SER A 8 -5.91 9.60 -6.32
C SER A 8 -5.39 8.72 -5.18
N ARG A 9 -4.92 9.36 -4.11
CA ARG A 9 -4.40 8.63 -2.97
C ARG A 9 -5.45 8.52 -1.86
N ASP A 10 -6.27 9.56 -1.72
CA ASP A 10 -7.31 9.58 -0.71
C ASP A 10 -6.72 9.38 0.69
N ILE A 11 -5.73 10.20 1.02
CA ILE A 11 -5.07 10.11 2.33
C ILE A 11 -5.88 10.85 3.40
N ARG A 12 -6.49 11.96 3.00
CA ARG A 12 -7.30 12.75 3.93
C ARG A 12 -6.65 12.82 5.30
N PHE A 13 -5.31 12.87 5.32
CA PHE A 13 -4.57 12.92 6.57
C PHE A 13 -4.90 11.73 7.46
N ALA A 14 -4.75 10.53 6.91
CA ALA A 14 -5.04 9.31 7.66
C ALA A 14 -3.76 8.50 7.89
N ASN A 15 -3.91 7.36 8.55
CA ASN A 15 -2.77 6.49 8.84
C ASN A 15 -2.84 5.20 8.02
N HIS A 16 -2.26 5.22 6.83
CA HIS A 16 -2.26 4.05 5.96
C HIS A 16 -0.86 3.46 5.86
N GLU A 17 -0.77 2.13 5.95
CA GLU A 17 0.51 1.44 5.88
C GLU A 17 1.00 1.38 4.43
N THR A 18 2.29 1.15 4.26
CA THR A 18 2.89 1.07 2.93
C THR A 18 3.59 -0.26 2.73
N LEU A 19 3.32 -0.91 1.60
CA LEU A 19 3.92 -2.19 1.27
C LEU A 19 4.43 -2.22 -0.16
N GLN A 20 5.47 -3.00 -0.40
CA GLN A 20 6.05 -3.11 -1.73
C GLN A 20 5.75 -4.48 -2.35
N VAL A 21 5.33 -4.47 -3.61
CA VAL A 21 5.00 -5.71 -4.32
C VAL A 21 6.24 -6.55 -4.55
N ILE A 22 6.12 -7.85 -4.28
CA ILE A 22 7.24 -8.77 -4.45
C ILE A 22 6.96 -9.75 -5.59
N TYR A 23 5.72 -9.80 -6.04
CA TYR A 23 5.33 -10.69 -7.12
C TYR A 23 4.02 -10.24 -7.77
N PRO A 24 3.92 -10.39 -9.09
CA PRO A 24 2.73 -10.01 -9.85
C PRO A 24 1.53 -10.92 -9.55
N TYR A 25 0.33 -10.39 -9.72
CA TYR A 25 -0.89 -11.15 -9.48
C TYR A 25 -2.01 -10.71 -10.41
N THR A 26 -2.58 -11.67 -11.12
CA THR A 26 -3.67 -11.38 -12.06
C THR A 26 -5.03 -11.64 -11.42
N PRO A 27 -5.75 -10.56 -11.13
CA PRO A 27 -7.08 -10.64 -10.52
C PRO A 27 -8.13 -11.21 -11.47
N GLN A 28 -9.28 -11.57 -10.92
CA GLN A 28 -10.37 -12.13 -11.72
C GLN A 28 -11.59 -11.21 -11.70
N ASN A 29 -11.66 -10.36 -10.68
CA ASN A 29 -12.78 -9.43 -10.55
C ASN A 29 -12.36 -8.18 -9.76
N ASP A 30 -13.31 -7.29 -9.54
CA ASP A 30 -13.05 -6.06 -8.80
C ASP A 30 -12.68 -6.37 -7.35
N ASP A 31 -13.33 -7.38 -6.78
CA ASP A 31 -13.07 -7.77 -5.40
C ASP A 31 -11.60 -7.67 -5.07
N GLU A 32 -10.75 -8.07 -6.02
CA GLU A 32 -9.31 -8.01 -5.83
C GLU A 32 -8.70 -6.87 -6.63
N LEU A 33 -7.39 -6.67 -6.46
CA LEU A 33 -6.68 -5.61 -7.17
C LEU A 33 -5.42 -6.16 -7.84
N GLU A 34 -5.07 -5.58 -8.99
CA GLU A 34 -3.89 -6.00 -9.72
C GLU A 34 -2.61 -5.67 -8.95
N LEU A 35 -1.60 -6.53 -9.07
CA LEU A 35 -0.34 -6.32 -8.39
C LEU A 35 0.79 -6.12 -9.38
N VAL A 36 1.61 -5.10 -9.16
CA VAL A 36 2.73 -4.79 -10.03
C VAL A 36 4.05 -4.82 -9.27
N PRO A 37 5.03 -5.57 -9.82
CA PRO A 37 6.36 -5.70 -9.20
C PRO A 37 7.16 -4.39 -9.27
N GLY A 38 7.28 -3.72 -8.13
CA GLY A 38 8.02 -2.47 -8.09
C GLY A 38 7.15 -1.29 -7.72
N ASP A 39 5.93 -1.57 -7.27
CA ASP A 39 5.00 -0.52 -6.87
C ASP A 39 4.72 -0.58 -5.37
N PHE A 40 3.91 0.36 -4.89
CA PHE A 40 3.56 0.41 -3.48
C PHE A 40 2.07 0.23 -3.28
N ILE A 41 1.68 -0.15 -2.06
CA ILE A 41 0.28 -0.35 -1.73
C ILE A 41 -0.08 0.28 -0.39
N PHE A 42 -1.23 0.93 -0.33
CA PHE A 42 -1.69 1.57 0.89
C PHE A 42 -2.74 0.73 1.60
N MET A 43 -2.38 0.22 2.78
CA MET A 43 -3.29 -0.61 3.56
C MET A 43 -3.97 0.21 4.65
N SER A 44 -5.26 -0.05 4.87
CA SER A 44 -6.02 0.67 5.89
C SER A 44 -6.85 -0.29 6.74
N PRO A 45 -6.93 -0.02 8.04
CA PRO A 45 -7.68 -0.85 8.98
C PRO A 45 -9.19 -0.76 8.77
N MET A 46 -9.66 0.43 8.43
CA MET A 46 -11.08 0.67 8.20
C MET A 46 -11.50 0.07 6.86
N GLU A 47 -10.56 -0.56 6.16
CA GLU A 47 -10.84 -1.17 4.87
C GLU A 47 -10.36 -2.61 4.83
N GLN A 48 -10.11 -3.18 6.01
CA GLN A 48 -9.66 -4.56 6.11
C GLN A 48 -10.81 -5.54 5.91
N THR A 49 -11.08 -5.86 4.66
CA THR A 49 -12.16 -6.79 4.32
C THR A 49 -11.62 -8.15 3.93
N SER A 50 -12.11 -9.21 4.58
CA SER A 50 -11.66 -10.56 4.29
C SER A 50 -10.14 -10.64 4.26
N THR A 51 -9.49 -9.77 5.02
CA THR A 51 -8.03 -9.74 5.07
C THR A 51 -7.50 -10.67 6.16
N SER A 52 -8.05 -10.54 7.35
CA SER A 52 -7.63 -11.37 8.48
C SER A 52 -7.37 -12.81 8.03
N GLU A 53 -8.21 -13.30 7.12
CA GLU A 53 -8.07 -14.66 6.60
C GLU A 53 -6.71 -14.85 5.94
N GLY A 54 -6.32 -13.90 5.11
CA GLY A 54 -5.04 -13.99 4.43
C GLY A 54 -4.83 -12.86 3.44
N TRP A 55 -5.93 -12.30 2.93
CA TRP A 55 -5.86 -11.21 1.97
C TRP A 55 -5.61 -9.88 2.67
N ILE A 56 -5.53 -8.81 1.89
CA ILE A 56 -5.29 -7.48 2.43
C ILE A 56 -5.80 -6.40 1.48
N TYR A 57 -6.65 -5.52 2.00
CA TYR A 57 -7.21 -4.43 1.21
C TYR A 57 -6.22 -3.29 1.06
N GLY A 58 -5.70 -3.10 -0.14
CA GLY A 58 -4.75 -2.03 -0.39
C GLY A 58 -5.09 -1.23 -1.64
N THR A 59 -4.39 -0.11 -1.81
CA THR A 59 -4.62 0.75 -2.97
C THR A 59 -3.32 1.00 -3.74
N SER A 60 -3.28 0.53 -4.98
CA SER A 60 -2.10 0.69 -5.82
C SER A 60 -1.70 2.16 -5.91
N LEU A 61 -0.41 2.40 -6.15
CA LEU A 61 0.11 3.76 -6.26
C LEU A 61 0.20 4.19 -7.72
N THR A 62 0.82 3.36 -8.54
CA THR A 62 0.97 3.66 -9.96
C THR A 62 -0.37 3.97 -10.60
N THR A 63 -1.33 3.07 -10.42
CA THR A 63 -2.66 3.25 -10.98
C THR A 63 -3.55 4.06 -10.04
N GLY A 64 -3.65 3.61 -8.80
CA GLY A 64 -4.47 4.30 -7.83
C GLY A 64 -5.73 3.53 -7.47
N CYS A 65 -5.85 2.32 -8.01
CA CYS A 65 -7.02 1.48 -7.75
C CYS A 65 -6.92 0.82 -6.38
N SER A 66 -8.03 0.26 -5.92
CA SER A 66 -8.07 -0.39 -4.61
C SER A 66 -8.79 -1.74 -4.71
N GLY A 67 -8.36 -2.68 -3.88
CA GLY A 67 -8.98 -4.00 -3.88
C GLY A 67 -8.27 -4.98 -2.96
N LEU A 68 -8.72 -6.22 -2.95
CA LEU A 68 -8.14 -7.25 -2.11
C LEU A 68 -6.99 -7.95 -2.83
N LEU A 69 -5.90 -8.20 -2.12
CA LEU A 69 -4.74 -8.87 -2.69
C LEU A 69 -4.11 -9.82 -1.67
N PRO A 70 -3.39 -10.83 -2.18
CA PRO A 70 -2.72 -11.82 -1.34
C PRO A 70 -1.53 -11.23 -0.58
N GLU A 71 -1.55 -11.38 0.74
CA GLU A 71 -0.47 -10.86 1.58
C GLU A 71 0.85 -11.52 1.23
N ASN A 72 0.80 -12.54 0.40
CA ASN A 72 1.99 -13.27 -0.02
C ASN A 72 2.52 -12.73 -1.35
N TYR A 73 2.14 -11.50 -1.68
CA TYR A 73 2.58 -10.88 -2.92
C TYR A 73 3.17 -9.50 -2.66
N ILE A 74 3.16 -9.08 -1.39
CA ILE A 74 3.69 -7.78 -1.01
C ILE A 74 4.63 -7.91 0.19
N THR A 75 5.14 -6.77 0.66
CA THR A 75 6.04 -6.75 1.80
C THR A 75 6.05 -5.38 2.47
N LYS A 76 6.55 -5.33 3.70
CA LYS A 76 6.62 -4.09 4.45
C LYS A 76 7.53 -3.08 3.75
N ALA A 77 7.15 -1.81 3.81
CA ALA A 77 7.93 -0.75 3.19
C ALA A 77 9.35 -0.70 3.76
N ASP A 78 10.27 -1.37 3.08
CA ASP A 78 11.66 -1.41 3.52
C ASP A 78 12.51 -0.42 2.72
N GLU A 79 12.33 -0.42 1.41
CA GLU A 79 13.07 0.47 0.53
C GLU A 79 12.30 1.75 0.26
N CYS A 80 12.66 2.81 0.97
CA CYS A 80 12.00 4.10 0.81
C CYS A 80 12.93 5.12 0.16
N SER A 81 14.14 5.22 0.67
CA SER A 81 15.13 6.15 0.14
C SER A 81 15.32 5.95 -1.35
N THR A 82 15.73 4.74 -1.73
CA THR A 82 15.95 4.41 -3.13
C THR A 82 14.96 3.35 -3.62
N TRP A 83 14.56 3.47 -4.88
CA TRP A 83 13.61 2.51 -5.46
C TRP A 83 14.02 1.08 -5.16
N ILE A 84 15.33 0.83 -5.20
CA ILE A 84 15.86 -0.50 -4.93
C ILE A 84 16.85 -0.47 -3.77
N PHE A 85 17.98 0.17 -3.98
CA PHE A 85 19.02 0.27 -2.95
C PHE A 85 18.39 0.42 -1.57
N HIS A 86 19.06 -0.12 -0.56
CA HIS A 86 18.57 -0.05 0.82
C HIS A 86 19.18 1.14 1.55
N GLY A 87 18.58 1.51 2.67
CA GLY A 87 19.07 2.64 3.45
C GLY A 87 19.76 2.20 4.73
N SER A 88 20.68 1.24 4.61
CA SER A 88 21.39 0.73 5.77
C SER A 88 22.64 1.57 6.05
N SER A 89 22.65 2.25 7.19
CA SER A 89 23.77 3.10 7.57
C SER A 89 24.99 2.25 7.92
N GLY A 90 24.81 1.35 8.89
CA GLY A 90 25.91 0.49 9.31
C GLY A 90 25.88 0.21 10.80
N PRO A 91 24.93 -0.62 11.24
CA PRO A 91 24.78 -0.98 12.65
C PRO A 91 25.92 -1.87 13.14
N SER A 92 26.79 -2.27 12.22
CA SER A 92 27.91 -3.14 12.56
C SER A 92 29.00 -2.35 13.29
N SER A 93 29.43 -2.86 14.44
CA SER A 93 30.47 -2.21 15.23
C SER A 93 31.62 -1.75 14.35
N GLY A 94 32.17 -0.58 14.67
CA GLY A 94 33.27 -0.04 13.89
C GLY A 94 34.42 0.42 14.76
N GLY A 1 -16.44 1.16 -18.48
CA GLY A 1 -15.42 2.10 -18.03
C GLY A 1 -15.77 3.54 -18.37
N SER A 2 -15.63 4.42 -17.38
CA SER A 2 -15.93 5.83 -17.57
C SER A 2 -14.79 6.71 -17.07
N SER A 3 -14.13 7.40 -18.00
CA SER A 3 -13.01 8.26 -17.65
C SER A 3 -13.26 8.97 -16.32
N GLY A 4 -12.61 8.48 -15.27
CA GLY A 4 -12.77 9.08 -13.95
C GLY A 4 -11.66 10.05 -13.61
N SER A 5 -12.03 11.27 -13.26
CA SER A 5 -11.05 12.30 -12.91
C SER A 5 -10.05 11.77 -11.89
N SER A 6 -8.79 12.14 -12.06
CA SER A 6 -7.73 11.70 -11.16
C SER A 6 -7.55 12.68 -10.01
N GLY A 7 -7.19 12.17 -8.84
CA GLY A 7 -6.99 13.01 -7.68
C GLY A 7 -7.50 12.37 -6.40
N SER A 8 -6.59 12.11 -5.47
CA SER A 8 -6.95 11.49 -4.20
C SER A 8 -6.34 12.26 -3.03
N ARG A 9 -6.54 11.73 -1.82
CA ARG A 9 -6.01 12.37 -0.62
C ARG A 9 -4.52 12.10 -0.47
N ASP A 10 -3.80 13.04 0.14
CA ASP A 10 -2.36 12.90 0.34
C ASP A 10 -2.06 12.37 1.74
N ILE A 11 -1.94 11.05 1.86
CA ILE A 11 -1.67 10.42 3.14
C ILE A 11 -0.63 11.22 3.94
N ARG A 12 -1.01 11.67 5.11
CA ARG A 12 -0.11 12.45 5.96
C ARG A 12 0.51 11.57 7.04
N PHE A 13 1.11 10.45 6.62
CA PHE A 13 1.75 9.53 7.55
C PHE A 13 0.77 9.10 8.64
N ALA A 14 -0.45 8.76 8.23
CA ALA A 14 -1.47 8.33 9.16
C ALA A 14 -1.42 6.82 9.37
N ASN A 15 -2.34 6.31 10.19
CA ASN A 15 -2.40 4.88 10.46
C ASN A 15 -2.06 4.07 9.23
N HIS A 16 -2.67 4.42 8.10
CA HIS A 16 -2.44 3.72 6.84
C HIS A 16 -0.98 3.29 6.73
N GLU A 17 -0.76 2.09 6.20
CA GLU A 17 0.59 1.55 6.05
C GLU A 17 0.95 1.42 4.57
N THR A 18 2.24 1.28 4.30
CA THR A 18 2.73 1.14 2.92
C THR A 18 3.41 -0.20 2.72
N LEU A 19 3.14 -0.82 1.57
CA LEU A 19 3.74 -2.12 1.25
C LEU A 19 4.24 -2.14 -0.19
N GLN A 20 5.29 -2.92 -0.43
CA GLN A 20 5.87 -3.04 -1.77
C GLN A 20 5.57 -4.41 -2.37
N VAL A 21 5.09 -4.41 -3.61
CA VAL A 21 4.78 -5.65 -4.30
C VAL A 21 6.04 -6.47 -4.57
N ILE A 22 6.01 -7.74 -4.18
CA ILE A 22 7.15 -8.63 -4.37
C ILE A 22 6.90 -9.59 -5.53
N TYR A 23 5.64 -9.80 -5.86
CA TYR A 23 5.26 -10.70 -6.95
C TYR A 23 3.96 -10.26 -7.59
N PRO A 24 3.86 -10.42 -8.92
CA PRO A 24 2.67 -10.05 -9.68
C PRO A 24 1.49 -10.97 -9.40
N TYR A 25 0.28 -10.45 -9.59
CA TYR A 25 -0.93 -11.23 -9.34
C TYR A 25 -2.04 -10.82 -10.30
N THR A 26 -2.57 -11.79 -11.04
CA THR A 26 -3.63 -11.54 -12.01
C THR A 26 -5.01 -11.76 -11.37
N PRO A 27 -5.71 -10.66 -11.10
CA PRO A 27 -7.05 -10.71 -10.50
C PRO A 27 -8.10 -11.26 -11.45
N GLN A 28 -9.30 -11.50 -10.93
CA GLN A 28 -10.38 -12.03 -11.74
C GLN A 28 -11.61 -11.11 -11.69
N ASN A 29 -11.61 -10.20 -10.71
CA ASN A 29 -12.72 -9.26 -10.54
C ASN A 29 -12.27 -8.04 -9.75
N ASP A 30 -13.20 -7.12 -9.52
CA ASP A 30 -12.92 -5.90 -8.77
C ASP A 30 -12.55 -6.23 -7.32
N ASP A 31 -13.23 -7.22 -6.75
CA ASP A 31 -12.99 -7.64 -5.38
C ASP A 31 -11.50 -7.54 -5.05
N GLU A 32 -10.66 -7.92 -6.00
CA GLU A 32 -9.22 -7.87 -5.81
C GLU A 32 -8.58 -6.77 -6.65
N LEU A 33 -7.30 -6.52 -6.43
CA LEU A 33 -6.57 -5.49 -7.16
C LEU A 33 -5.33 -6.07 -7.81
N GLU A 34 -5.03 -5.58 -9.03
CA GLU A 34 -3.86 -6.05 -9.76
C GLU A 34 -2.57 -5.68 -9.03
N LEU A 35 -1.64 -6.63 -8.95
CA LEU A 35 -0.37 -6.41 -8.27
C LEU A 35 0.75 -6.25 -9.29
N VAL A 36 1.53 -5.18 -9.16
CA VAL A 36 2.65 -4.92 -10.06
C VAL A 36 3.97 -4.86 -9.30
N PRO A 37 4.96 -5.60 -9.79
CA PRO A 37 6.30 -5.66 -9.18
C PRO A 37 7.06 -4.35 -9.33
N GLY A 38 7.28 -3.67 -8.21
CA GLY A 38 8.00 -2.41 -8.23
C GLY A 38 7.12 -1.23 -7.81
N ASP A 39 5.88 -1.52 -7.47
CA ASP A 39 4.95 -0.49 -7.05
C ASP A 39 4.68 -0.56 -5.55
N PHE A 40 3.92 0.39 -5.03
CA PHE A 40 3.60 0.43 -3.62
C PHE A 40 2.10 0.20 -3.38
N ILE A 41 1.73 -0.08 -2.14
CA ILE A 41 0.34 -0.31 -1.78
C ILE A 41 0.02 0.25 -0.41
N PHE A 42 -1.17 0.83 -0.27
CA PHE A 42 -1.60 1.41 1.00
C PHE A 42 -2.70 0.57 1.63
N MET A 43 -2.41 0.00 2.79
CA MET A 43 -3.38 -0.83 3.50
C MET A 43 -4.01 -0.06 4.65
N SER A 44 -5.32 -0.20 4.79
CA SER A 44 -6.06 0.50 5.86
C SER A 44 -6.86 -0.50 6.70
N PRO A 45 -6.86 -0.29 8.01
CA PRO A 45 -7.58 -1.16 8.96
C PRO A 45 -9.09 -0.99 8.84
N MET A 46 -9.51 0.14 8.30
CA MET A 46 -10.95 0.41 8.14
C MET A 46 -11.51 -0.36 6.95
N GLU A 47 -10.64 -0.71 6.00
CA GLU A 47 -11.06 -1.44 4.81
C GLU A 47 -10.36 -2.80 4.74
N GLN A 48 -10.04 -3.35 5.91
CA GLN A 48 -9.38 -4.64 5.98
C GLN A 48 -10.40 -5.78 6.00
N THR A 49 -11.20 -5.87 4.95
CA THR A 49 -12.23 -6.91 4.86
C THR A 49 -11.65 -8.18 4.25
N SER A 50 -12.08 -9.33 4.77
CA SER A 50 -11.61 -10.61 4.27
C SER A 50 -10.09 -10.65 4.21
N THR A 51 -9.44 -9.82 5.04
CA THR A 51 -8.00 -9.75 5.08
C THR A 51 -7.43 -10.65 6.17
N SER A 52 -8.09 -10.65 7.33
CA SER A 52 -7.65 -11.47 8.45
C SER A 52 -7.45 -12.93 8.03
N GLU A 53 -8.17 -13.34 6.99
CA GLU A 53 -8.07 -14.70 6.48
C GLU A 53 -6.74 -14.92 5.77
N GLY A 54 -6.22 -13.85 5.15
CA GLY A 54 -4.97 -13.95 4.43
C GLY A 54 -4.79 -12.83 3.42
N TRP A 55 -5.90 -12.28 2.96
CA TRP A 55 -5.86 -11.18 1.98
C TRP A 55 -5.59 -9.85 2.67
N ILE A 56 -5.53 -8.79 1.87
CA ILE A 56 -5.28 -7.45 2.40
C ILE A 56 -5.72 -6.38 1.42
N TYR A 57 -6.66 -5.55 1.85
CA TYR A 57 -7.18 -4.48 1.00
C TYR A 57 -6.17 -3.34 0.89
N GLY A 58 -5.60 -3.16 -0.30
CA GLY A 58 -4.63 -2.11 -0.51
C GLY A 58 -4.91 -1.30 -1.76
N THR A 59 -4.23 -0.17 -1.90
CA THR A 59 -4.42 0.70 -3.07
C THR A 59 -3.11 0.89 -3.81
N SER A 60 -3.12 0.62 -5.12
CA SER A 60 -1.94 0.77 -5.94
C SER A 60 -1.52 2.24 -6.04
N LEU A 61 -0.23 2.47 -6.27
CA LEU A 61 0.30 3.83 -6.38
C LEU A 61 0.31 4.29 -7.84
N THR A 62 0.84 3.44 -8.71
CA THR A 62 0.92 3.76 -10.14
C THR A 62 -0.47 4.01 -10.71
N THR A 63 -1.35 3.03 -10.58
CA THR A 63 -2.72 3.15 -11.10
C THR A 63 -3.58 3.98 -10.16
N GLY A 64 -3.55 3.63 -8.87
CA GLY A 64 -4.34 4.35 -7.89
C GLY A 64 -5.65 3.65 -7.56
N CYS A 65 -5.77 2.41 -8.00
CA CYS A 65 -6.98 1.63 -7.74
C CYS A 65 -6.92 0.97 -6.38
N SER A 66 -8.05 0.45 -5.92
CA SER A 66 -8.14 -0.21 -4.62
C SER A 66 -8.81 -1.57 -4.74
N GLY A 67 -8.36 -2.52 -3.92
CA GLY A 67 -8.93 -3.85 -3.95
C GLY A 67 -8.22 -4.81 -3.00
N LEU A 68 -8.68 -6.04 -2.96
CA LEU A 68 -8.09 -7.05 -2.10
C LEU A 68 -6.94 -7.77 -2.79
N LEU A 69 -5.91 -8.11 -2.03
CA LEU A 69 -4.75 -8.80 -2.57
C LEU A 69 -4.14 -9.75 -1.54
N PRO A 70 -3.44 -10.78 -2.02
CA PRO A 70 -2.79 -11.77 -1.16
C PRO A 70 -1.61 -11.20 -0.40
N GLU A 71 -1.60 -11.40 0.92
CA GLU A 71 -0.52 -10.90 1.77
C GLU A 71 0.80 -11.56 1.41
N ASN A 72 0.75 -12.55 0.51
CA ASN A 72 1.94 -13.26 0.09
C ASN A 72 2.45 -12.74 -1.25
N TYR A 73 2.06 -11.50 -1.58
CA TYR A 73 2.48 -10.88 -2.82
C TYR A 73 3.04 -9.49 -2.58
N ILE A 74 3.03 -9.07 -1.32
CA ILE A 74 3.54 -7.76 -0.94
C ILE A 74 4.43 -7.84 0.30
N THR A 75 5.01 -6.71 0.69
CA THR A 75 5.87 -6.65 1.86
C THR A 75 5.88 -5.27 2.48
N LYS A 76 6.37 -5.17 3.71
CA LYS A 76 6.44 -3.90 4.41
C LYS A 76 7.38 -2.93 3.70
N ALA A 77 7.04 -1.65 3.73
CA ALA A 77 7.85 -0.62 3.09
C ALA A 77 9.20 -0.48 3.80
N ASP A 78 10.19 -1.20 3.31
CA ASP A 78 11.53 -1.15 3.89
C ASP A 78 12.37 -0.06 3.24
N GLU A 79 12.16 0.15 1.94
CA GLU A 79 12.89 1.17 1.20
C GLU A 79 12.95 2.48 1.99
N CYS A 80 11.78 3.00 2.34
CA CYS A 80 11.71 4.26 3.08
C CYS A 80 11.94 4.00 4.57
N SER A 81 12.01 5.09 5.34
CA SER A 81 12.24 5.00 6.78
C SER A 81 11.12 4.23 7.46
N THR A 82 11.28 3.97 8.75
CA THR A 82 10.28 3.24 9.52
C THR A 82 8.93 3.96 9.48
N TRP A 83 7.87 3.21 9.75
CA TRP A 83 6.52 3.78 9.76
C TRP A 83 6.21 4.45 11.09
N ILE A 84 6.66 3.82 12.17
CA ILE A 84 6.42 4.36 13.51
C ILE A 84 7.73 4.43 14.30
N PHE A 85 8.47 3.33 14.31
CA PHE A 85 9.74 3.26 15.04
C PHE A 85 10.45 4.60 14.98
N HIS A 86 10.99 5.03 16.13
CA HIS A 86 11.71 6.30 16.21
C HIS A 86 13.14 6.08 16.70
N GLY A 87 14.01 7.02 16.38
CA GLY A 87 15.40 6.91 16.78
C GLY A 87 15.57 7.00 18.29
N SER A 88 15.31 8.19 18.84
CA SER A 88 15.44 8.40 20.28
C SER A 88 14.22 9.15 20.83
N SER A 89 13.70 8.66 21.95
CA SER A 89 12.54 9.27 22.58
C SER A 89 12.96 10.38 23.53
N GLY A 90 11.99 11.23 23.90
CA GLY A 90 12.28 12.33 24.81
C GLY A 90 11.85 12.04 26.23
N PRO A 91 12.67 12.48 27.20
CA PRO A 91 12.38 12.28 28.62
C PRO A 91 11.19 13.11 29.10
N SER A 92 10.72 12.82 30.31
CA SER A 92 9.59 13.54 30.89
C SER A 92 10.02 14.91 31.39
N SER A 93 11.16 14.96 32.06
CA SER A 93 11.68 16.21 32.61
C SER A 93 11.85 17.25 31.50
N GLY A 94 10.90 18.17 31.41
CA GLY A 94 10.95 19.20 30.40
C GLY A 94 9.86 19.07 29.36
N GLY A 1 0.07 27.76 -23.31
CA GLY A 1 0.04 27.63 -21.86
C GLY A 1 0.04 26.19 -21.40
N SER A 2 -0.14 25.99 -20.10
CA SER A 2 -0.16 24.64 -19.53
C SER A 2 -0.70 24.66 -18.11
N SER A 3 -1.28 23.54 -17.68
CA SER A 3 -1.84 23.42 -16.35
C SER A 3 -0.81 22.87 -15.37
N GLY A 4 -0.50 23.65 -14.34
CA GLY A 4 0.48 23.23 -13.35
C GLY A 4 0.07 21.95 -12.65
N SER A 5 0.91 21.47 -11.74
CA SER A 5 0.64 20.25 -11.01
C SER A 5 -0.77 20.27 -10.43
N SER A 6 -1.31 19.08 -10.18
CA SER A 6 -2.66 18.96 -9.62
C SER A 6 -2.63 19.10 -8.11
N GLY A 7 -3.23 20.17 -7.60
CA GLY A 7 -3.26 20.40 -6.18
C GLY A 7 -4.11 19.38 -5.44
N SER A 8 -3.51 18.24 -5.11
CA SER A 8 -4.22 17.18 -4.41
C SER A 8 -3.56 16.86 -3.08
N ARG A 9 -4.38 16.61 -2.07
CA ARG A 9 -3.87 16.29 -0.74
C ARG A 9 -3.06 15.01 -0.75
N ASP A 10 -1.87 15.05 -0.16
CA ASP A 10 -1.00 13.89 -0.10
C ASP A 10 -1.02 13.24 1.28
N ILE A 11 -0.41 12.07 1.39
CA ILE A 11 -0.37 11.35 2.66
C ILE A 11 0.83 11.80 3.50
N ARG A 12 0.55 12.28 4.71
CA ARG A 12 1.60 12.73 5.61
C ARG A 12 2.09 11.59 6.49
N PHE A 13 2.07 10.38 5.94
CA PHE A 13 2.52 9.20 6.67
C PHE A 13 1.52 8.83 7.78
N ALA A 14 0.24 8.95 7.47
CA ALA A 14 -0.81 8.64 8.43
C ALA A 14 -0.79 7.16 8.81
N ASN A 15 -1.73 6.76 9.65
CA ASN A 15 -1.82 5.37 10.09
C ASN A 15 -1.63 4.41 8.92
N HIS A 16 -2.28 4.73 7.80
CA HIS A 16 -2.19 3.90 6.60
C HIS A 16 -0.79 3.31 6.46
N GLU A 17 -0.72 2.01 6.21
CA GLU A 17 0.55 1.32 6.06
C GLU A 17 1.00 1.31 4.60
N THR A 18 2.25 0.95 4.37
CA THR A 18 2.79 0.90 3.02
C THR A 18 3.53 -0.40 2.76
N LEU A 19 3.21 -1.05 1.65
CA LEU A 19 3.85 -2.31 1.29
C LEU A 19 4.33 -2.29 -0.15
N GLN A 20 5.40 -3.04 -0.42
CA GLN A 20 5.96 -3.11 -1.77
C GLN A 20 5.68 -4.46 -2.40
N VAL A 21 5.22 -4.45 -3.65
CA VAL A 21 4.93 -5.67 -4.37
C VAL A 21 6.19 -6.50 -4.60
N ILE A 22 6.10 -7.79 -4.34
CA ILE A 22 7.24 -8.69 -4.51
C ILE A 22 7.00 -9.65 -5.67
N TYR A 23 5.74 -9.82 -6.06
CA TYR A 23 5.38 -10.71 -7.14
C TYR A 23 4.07 -10.26 -7.81
N PRO A 24 4.02 -10.39 -9.14
CA PRO A 24 2.85 -10.00 -9.92
C PRO A 24 1.66 -10.94 -9.69
N TYR A 25 0.45 -10.39 -9.78
CA TYR A 25 -0.77 -11.17 -9.58
C TYR A 25 -1.79 -10.88 -10.67
N THR A 26 -2.70 -11.83 -10.88
CA THR A 26 -3.74 -11.67 -11.89
C THR A 26 -5.13 -11.88 -11.30
N PRO A 27 -5.83 -10.76 -11.03
CA PRO A 27 -7.17 -10.79 -10.45
C PRO A 27 -8.21 -11.33 -11.44
N GLN A 28 -9.41 -11.60 -10.93
CA GLN A 28 -10.49 -12.11 -11.78
C GLN A 28 -11.73 -11.22 -11.69
N ASN A 29 -11.74 -10.35 -10.69
CA ASN A 29 -12.86 -9.43 -10.50
C ASN A 29 -12.41 -8.16 -9.79
N ASP A 30 -13.37 -7.29 -9.48
CA ASP A 30 -13.08 -6.04 -8.80
C ASP A 30 -12.76 -6.27 -7.33
N ASP A 31 -13.34 -7.32 -6.77
CA ASP A 31 -13.12 -7.66 -5.36
C ASP A 31 -11.64 -7.56 -5.01
N GLU A 32 -10.79 -8.06 -5.90
CA GLU A 32 -9.35 -8.03 -5.66
C GLU A 32 -8.70 -6.90 -6.47
N LEU A 33 -7.38 -6.76 -6.32
CA LEU A 33 -6.64 -5.72 -7.02
C LEU A 33 -5.38 -6.29 -7.67
N GLU A 34 -5.05 -5.78 -8.84
CA GLU A 34 -3.86 -6.24 -9.55
C GLU A 34 -2.59 -5.88 -8.80
N LEU A 35 -1.58 -6.73 -8.91
CA LEU A 35 -0.31 -6.49 -8.24
C LEU A 35 0.82 -6.28 -9.25
N VAL A 36 1.52 -5.17 -9.12
CA VAL A 36 2.63 -4.86 -10.03
C VAL A 36 3.96 -4.80 -9.28
N PRO A 37 4.97 -5.50 -9.81
CA PRO A 37 6.29 -5.54 -9.20
C PRO A 37 7.03 -4.21 -9.32
N GLY A 38 7.23 -3.55 -8.19
CA GLY A 38 7.91 -2.26 -8.19
C GLY A 38 7.02 -1.13 -7.72
N ASP A 39 5.79 -1.46 -7.34
CA ASP A 39 4.85 -0.46 -6.87
C ASP A 39 4.57 -0.62 -5.38
N PHE A 40 3.79 0.30 -4.82
CA PHE A 40 3.45 0.26 -3.40
C PHE A 40 1.96 0.04 -3.20
N ILE A 41 1.58 -0.33 -1.99
CA ILE A 41 0.18 -0.57 -1.66
C ILE A 41 -0.18 0.00 -0.29
N PHE A 42 -1.15 0.91 -0.27
CA PHE A 42 -1.58 1.53 0.97
C PHE A 42 -2.65 0.67 1.67
N MET A 43 -2.30 0.17 2.85
CA MET A 43 -3.22 -0.66 3.61
C MET A 43 -3.92 0.15 4.71
N SER A 44 -5.23 0.04 4.76
CA SER A 44 -6.02 0.76 5.76
C SER A 44 -6.90 -0.18 6.56
N PRO A 45 -7.05 0.09 7.86
CA PRO A 45 -7.87 -0.72 8.76
C PRO A 45 -9.37 -0.59 8.46
N MET A 46 -9.76 0.58 7.97
CA MET A 46 -11.16 0.83 7.64
C MET A 46 -11.55 0.15 6.33
N GLU A 47 -10.56 -0.47 5.68
CA GLU A 47 -10.80 -1.16 4.42
C GLU A 47 -10.41 -2.63 4.52
N GLN A 48 -10.04 -3.07 5.72
CA GLN A 48 -9.63 -4.45 5.96
C GLN A 48 -10.82 -5.40 5.78
N THR A 49 -10.99 -5.91 4.57
CA THR A 49 -12.08 -6.83 4.27
C THR A 49 -11.56 -8.21 3.92
N SER A 50 -12.02 -9.22 4.65
CA SER A 50 -11.60 -10.60 4.41
C SER A 50 -10.07 -10.70 4.36
N THR A 51 -9.40 -9.80 5.08
CA THR A 51 -7.94 -9.78 5.12
C THR A 51 -7.41 -10.72 6.19
N SER A 52 -7.86 -10.53 7.42
CA SER A 52 -7.42 -11.36 8.53
C SER A 52 -7.19 -12.80 8.08
N GLU A 53 -8.03 -13.28 7.18
CA GLU A 53 -7.91 -14.63 6.66
C GLU A 53 -6.57 -14.84 5.97
N GLY A 54 -6.23 -13.91 5.08
CA GLY A 54 -4.97 -14.00 4.37
C GLY A 54 -4.78 -12.88 3.37
N TRP A 55 -5.90 -12.33 2.89
CA TRP A 55 -5.85 -11.23 1.93
C TRP A 55 -5.58 -9.90 2.63
N ILE A 56 -5.52 -8.83 1.84
CA ILE A 56 -5.26 -7.49 2.38
C ILE A 56 -5.76 -6.42 1.43
N TYR A 57 -6.69 -5.60 1.91
CA TYR A 57 -7.24 -4.51 1.10
C TYR A 57 -6.29 -3.33 1.05
N GLY A 58 -5.74 -3.06 -0.12
CA GLY A 58 -4.81 -1.95 -0.28
C GLY A 58 -5.08 -1.15 -1.54
N THR A 59 -4.35 -0.06 -1.71
CA THR A 59 -4.51 0.80 -2.89
C THR A 59 -3.19 0.99 -3.61
N SER A 60 -3.21 0.84 -4.94
CA SER A 60 -2.01 1.00 -5.75
C SER A 60 -1.58 2.46 -5.81
N LEU A 61 -0.29 2.69 -5.97
CA LEU A 61 0.25 4.05 -6.05
C LEU A 61 0.41 4.48 -7.49
N THR A 62 0.88 3.56 -8.34
CA THR A 62 1.08 3.85 -9.74
C THR A 62 -0.25 4.03 -10.47
N THR A 63 -1.19 3.13 -10.20
CA THR A 63 -2.51 3.19 -10.82
C THR A 63 -3.49 3.99 -9.97
N GLY A 64 -3.60 3.61 -8.69
CA GLY A 64 -4.50 4.30 -7.79
C GLY A 64 -5.75 3.51 -7.50
N CYS A 65 -5.77 2.24 -7.93
CA CYS A 65 -6.91 1.37 -7.70
C CYS A 65 -6.91 0.83 -6.27
N SER A 66 -8.04 0.25 -5.87
CA SER A 66 -8.17 -0.30 -4.52
C SER A 66 -8.92 -1.62 -4.55
N GLY A 67 -8.39 -2.61 -3.83
CA GLY A 67 -9.02 -3.92 -3.79
C GLY A 67 -8.28 -4.89 -2.89
N LEU A 68 -8.73 -6.14 -2.87
CA LEU A 68 -8.11 -7.17 -2.04
C LEU A 68 -6.98 -7.86 -2.79
N LEU A 69 -5.90 -8.14 -2.08
CA LEU A 69 -4.75 -8.80 -2.68
C LEU A 69 -4.11 -9.78 -1.70
N PRO A 70 -3.40 -10.79 -2.23
CA PRO A 70 -2.72 -11.80 -1.42
C PRO A 70 -1.54 -11.24 -0.66
N GLU A 71 -1.56 -11.38 0.67
CA GLU A 71 -0.48 -10.89 1.51
C GLU A 71 0.85 -11.55 1.14
N ASN A 72 0.78 -12.58 0.31
CA ASN A 72 1.96 -13.31 -0.11
C ASN A 72 2.49 -12.77 -1.45
N TYR A 73 2.12 -11.52 -1.75
CA TYR A 73 2.55 -10.89 -2.99
C TYR A 73 3.16 -9.52 -2.72
N ILE A 74 3.14 -9.11 -1.46
CA ILE A 74 3.69 -7.81 -1.06
C ILE A 74 4.60 -7.95 0.15
N THR A 75 5.15 -6.82 0.60
CA THR A 75 6.04 -6.82 1.75
C THR A 75 6.08 -5.44 2.40
N LYS A 76 6.66 -5.37 3.60
CA LYS A 76 6.76 -4.11 4.33
C LYS A 76 7.57 -3.08 3.54
N ALA A 77 7.16 -1.83 3.60
CA ALA A 77 7.83 -0.76 2.89
C ALA A 77 9.32 -0.73 3.24
N ASP A 78 10.13 -1.41 2.44
CA ASP A 78 11.58 -1.46 2.67
C ASP A 78 12.19 -0.08 2.53
N GLU A 79 11.78 0.65 1.49
CA GLU A 79 12.30 1.99 1.25
C GLU A 79 12.25 2.83 2.53
N CYS A 80 13.41 2.97 3.17
CA CYS A 80 13.49 3.76 4.40
C CYS A 80 12.78 3.05 5.55
N SER A 81 12.98 1.74 5.64
CA SER A 81 12.35 0.94 6.69
C SER A 81 13.18 0.97 7.97
N THR A 82 12.56 1.39 9.06
CA THR A 82 13.23 1.46 10.34
C THR A 82 13.00 0.20 11.17
N TRP A 83 13.50 0.20 12.40
CA TRP A 83 13.35 -0.94 13.30
C TRP A 83 12.84 -0.51 14.66
N ILE A 84 13.25 0.68 15.09
CA ILE A 84 12.84 1.21 16.38
C ILE A 84 12.28 2.63 16.24
N PHE A 85 12.97 3.46 15.46
CA PHE A 85 12.55 4.83 15.25
C PHE A 85 11.06 4.89 14.89
N HIS A 86 10.39 5.94 15.36
CA HIS A 86 8.97 6.11 15.11
C HIS A 86 8.71 7.42 14.36
N GLY A 87 7.92 7.34 13.29
CA GLY A 87 7.61 8.52 12.51
C GLY A 87 6.44 9.30 13.07
N SER A 88 6.71 10.14 14.06
CA SER A 88 5.66 10.94 14.69
C SER A 88 5.50 12.28 13.97
N SER A 89 4.32 12.48 13.39
CA SER A 89 4.03 13.72 12.66
C SER A 89 2.86 14.46 13.31
N GLY A 90 2.62 15.69 12.85
CA GLY A 90 1.54 16.48 13.39
C GLY A 90 2.03 17.56 14.32
N PRO A 91 1.16 18.55 14.60
CA PRO A 91 1.49 19.68 15.48
C PRO A 91 1.60 19.24 16.95
N SER A 92 0.84 18.22 17.31
CA SER A 92 0.86 17.70 18.68
C SER A 92 2.27 17.75 19.26
N SER A 93 2.53 18.75 20.10
CA SER A 93 3.84 18.90 20.72
C SER A 93 3.94 18.08 22.01
N GLY A 94 3.41 16.86 21.96
CA GLY A 94 3.44 15.99 23.12
C GLY A 94 2.96 16.69 24.38
N GLY A 1 0.97 15.36 -12.49
CA GLY A 1 1.68 16.40 -11.77
C GLY A 1 2.75 17.06 -12.61
N SER A 2 2.91 18.38 -12.43
CA SER A 2 3.90 19.12 -13.20
C SER A 2 5.26 19.09 -12.50
N SER A 3 6.32 19.15 -13.30
CA SER A 3 7.68 19.12 -12.78
C SER A 3 7.93 20.32 -11.86
N GLY A 4 8.06 20.04 -10.56
CA GLY A 4 8.30 21.11 -9.61
C GLY A 4 7.16 21.28 -8.63
N SER A 5 6.68 20.17 -8.09
CA SER A 5 5.58 20.20 -7.13
C SER A 5 5.77 19.15 -6.04
N SER A 6 5.10 19.35 -4.91
CA SER A 6 5.20 18.44 -3.78
C SER A 6 3.92 18.43 -2.96
N GLY A 7 3.25 17.28 -2.92
CA GLY A 7 2.02 17.17 -2.17
C GLY A 7 0.99 16.31 -2.87
N SER A 8 1.37 15.08 -3.20
CA SER A 8 0.46 14.17 -3.89
C SER A 8 0.34 12.84 -3.13
N ARG A 9 -0.61 12.79 -2.21
CA ARG A 9 -0.83 11.59 -1.42
C ARG A 9 0.43 11.20 -0.66
N ASP A 10 1.06 12.18 -0.02
CA ASP A 10 2.28 11.94 0.74
C ASP A 10 1.96 11.45 2.15
N ILE A 11 1.90 10.13 2.31
CA ILE A 11 1.60 9.53 3.60
C ILE A 11 2.88 9.16 4.35
N ARG A 12 3.08 9.81 5.50
CA ARG A 12 4.28 9.56 6.30
C ARG A 12 4.06 8.35 7.22
N PHE A 13 3.21 7.42 6.77
CA PHE A 13 2.92 6.22 7.55
C PHE A 13 2.30 6.59 8.90
N ALA A 14 1.34 7.52 8.87
CA ALA A 14 0.67 7.95 10.09
C ALA A 14 -0.50 7.02 10.43
N ASN A 15 -1.36 6.76 9.44
CA ASN A 15 -2.51 5.89 9.65
C ASN A 15 -2.48 4.71 8.67
N HIS A 16 -2.18 5.01 7.41
CA HIS A 16 -2.12 3.98 6.38
C HIS A 16 -0.71 3.41 6.26
N GLU A 17 -0.63 2.10 6.02
CA GLU A 17 0.67 1.43 5.89
C GLU A 17 1.11 1.39 4.43
N THR A 18 2.38 1.05 4.21
CA THR A 18 2.93 0.98 2.87
C THR A 18 3.65 -0.34 2.64
N LEU A 19 3.32 -1.01 1.54
CA LEU A 19 3.93 -2.28 1.21
C LEU A 19 4.43 -2.29 -0.23
N GLN A 20 5.47 -3.07 -0.49
CA GLN A 20 6.05 -3.16 -1.83
C GLN A 20 5.77 -4.54 -2.44
N VAL A 21 5.23 -4.54 -3.65
CA VAL A 21 4.92 -5.79 -4.35
C VAL A 21 6.18 -6.60 -4.59
N ILE A 22 6.11 -7.90 -4.29
CA ILE A 22 7.25 -8.79 -4.48
C ILE A 22 7.01 -9.75 -5.64
N TYR A 23 5.74 -9.94 -5.98
CA TYR A 23 5.37 -10.83 -7.08
C TYR A 23 4.05 -10.40 -7.72
N PRO A 24 3.96 -10.58 -9.04
CA PRO A 24 2.77 -10.20 -9.81
C PRO A 24 1.58 -11.13 -9.51
N TYR A 25 0.37 -10.60 -9.69
CA TYR A 25 -0.83 -11.37 -9.44
C TYR A 25 -1.96 -10.96 -10.39
N THR A 26 -2.54 -11.94 -11.06
CA THR A 26 -3.62 -11.67 -12.01
C THR A 26 -4.98 -11.88 -11.35
N PRO A 27 -5.69 -10.77 -11.09
CA PRO A 27 -7.02 -10.81 -10.48
C PRO A 27 -8.08 -11.39 -11.40
N GLN A 28 -9.27 -11.62 -10.85
CA GLN A 28 -10.38 -12.18 -11.63
C GLN A 28 -11.59 -11.25 -11.60
N ASN A 29 -11.57 -10.29 -10.69
CA ASN A 29 -12.67 -9.34 -10.55
C ASN A 29 -12.23 -8.11 -9.76
N ASP A 30 -13.16 -7.18 -9.56
CA ASP A 30 -12.87 -5.95 -8.82
C ASP A 30 -12.50 -6.26 -7.38
N ASP A 31 -13.16 -7.26 -6.79
CA ASP A 31 -12.91 -7.66 -5.42
C ASP A 31 -11.42 -7.56 -5.10
N GLU A 32 -10.58 -7.98 -6.04
CA GLU A 32 -9.14 -7.93 -5.86
C GLU A 32 -8.51 -6.84 -6.71
N LEU A 33 -7.20 -6.64 -6.54
CA LEU A 33 -6.48 -5.62 -7.29
C LEU A 33 -5.25 -6.21 -7.97
N GLU A 34 -4.93 -5.70 -9.15
CA GLU A 34 -3.76 -6.18 -9.89
C GLU A 34 -2.47 -5.80 -9.18
N LEU A 35 -1.60 -6.78 -8.98
CA LEU A 35 -0.33 -6.55 -8.31
C LEU A 35 0.80 -6.36 -9.32
N VAL A 36 1.56 -5.28 -9.16
CA VAL A 36 2.67 -5.00 -10.06
C VAL A 36 3.99 -4.91 -9.30
N PRO A 37 5.01 -5.62 -9.80
CA PRO A 37 6.34 -5.65 -9.19
C PRO A 37 7.07 -4.31 -9.34
N GLY A 38 7.12 -3.55 -8.25
CA GLY A 38 7.78 -2.26 -8.29
C GLY A 38 6.88 -1.12 -7.88
N ASP A 39 5.66 -1.46 -7.45
CA ASP A 39 4.69 -0.46 -7.03
C ASP A 39 4.45 -0.53 -5.52
N PHE A 40 3.74 0.46 -4.99
CA PHE A 40 3.45 0.50 -3.56
C PHE A 40 1.94 0.34 -3.32
N ILE A 41 1.60 -0.32 -2.22
CA ILE A 41 0.21 -0.56 -1.88
C ILE A 41 -0.11 -0.03 -0.48
N PHE A 42 -1.04 0.91 -0.41
CA PHE A 42 -1.44 1.50 0.87
C PHE A 42 -2.47 0.63 1.58
N MET A 43 -2.11 0.16 2.77
CA MET A 43 -3.00 -0.68 3.56
C MET A 43 -3.71 0.13 4.63
N SER A 44 -5.01 -0.14 4.81
CA SER A 44 -5.80 0.57 5.80
C SER A 44 -6.74 -0.39 6.52
N PRO A 45 -6.58 -0.48 7.85
CA PRO A 45 -7.41 -1.35 8.69
C PRO A 45 -8.86 -0.87 8.79
N MET A 46 -9.15 0.25 8.12
CA MET A 46 -10.49 0.82 8.14
C MET A 46 -11.30 0.35 6.94
N GLU A 47 -10.60 -0.04 5.87
CA GLU A 47 -11.26 -0.51 4.66
C GLU A 47 -10.80 -1.93 4.31
N GLN A 48 -10.68 -2.78 5.33
CA GLN A 48 -10.26 -4.15 5.14
C GLN A 48 -11.46 -5.09 5.04
N THR A 49 -11.34 -6.10 4.18
CA THR A 49 -12.42 -7.06 3.99
C THR A 49 -11.88 -8.44 3.64
N SER A 50 -12.13 -9.40 4.52
CA SER A 50 -11.66 -10.77 4.31
C SER A 50 -10.13 -10.82 4.32
N THR A 51 -9.51 -9.86 5.00
CA THR A 51 -8.05 -9.80 5.08
C THR A 51 -7.53 -10.71 6.17
N SER A 52 -8.08 -10.56 7.38
CA SER A 52 -7.66 -11.37 8.51
C SER A 52 -7.33 -12.80 8.08
N GLU A 53 -8.18 -13.34 7.19
CA GLU A 53 -7.99 -14.70 6.69
C GLU A 53 -6.60 -14.85 6.06
N GLY A 54 -6.22 -13.88 5.23
CA GLY A 54 -4.93 -13.92 4.58
C GLY A 54 -4.76 -12.82 3.55
N TRP A 55 -5.88 -12.31 3.04
CA TRP A 55 -5.86 -11.25 2.04
C TRP A 55 -5.62 -9.89 2.70
N ILE A 56 -5.59 -8.84 1.88
CA ILE A 56 -5.37 -7.49 2.40
C ILE A 56 -5.94 -6.45 1.44
N TYR A 57 -6.70 -5.50 1.99
CA TYR A 57 -7.31 -4.46 1.18
C TYR A 57 -6.43 -3.20 1.16
N GLY A 58 -5.81 -2.94 0.01
CA GLY A 58 -4.95 -1.78 -0.11
C GLY A 58 -5.23 -0.99 -1.37
N THR A 59 -4.45 0.06 -1.59
CA THR A 59 -4.61 0.90 -2.78
C THR A 59 -3.28 1.16 -3.46
N SER A 60 -3.21 0.87 -4.76
CA SER A 60 -1.99 1.06 -5.53
C SER A 60 -1.61 2.54 -5.57
N LEU A 61 -0.38 2.81 -5.99
CA LEU A 61 0.12 4.18 -6.07
C LEU A 61 0.21 4.64 -7.52
N THR A 62 0.46 3.70 -8.42
CA THR A 62 0.57 4.01 -9.84
C THR A 62 -0.81 4.25 -10.45
N THR A 63 -1.71 3.29 -10.28
CA THR A 63 -3.06 3.40 -10.83
C THR A 63 -3.99 4.06 -9.82
N GLY A 64 -3.78 3.78 -8.54
CA GLY A 64 -4.60 4.36 -7.50
C GLY A 64 -5.86 3.54 -7.25
N CYS A 65 -5.85 2.30 -7.71
CA CYS A 65 -7.00 1.41 -7.53
C CYS A 65 -6.95 0.70 -6.19
N SER A 66 -8.11 0.47 -5.59
CA SER A 66 -8.18 -0.21 -4.31
C SER A 66 -8.86 -1.57 -4.44
N GLY A 67 -8.26 -2.59 -3.85
CA GLY A 67 -8.82 -3.93 -3.91
C GLY A 67 -8.11 -4.90 -2.97
N LEU A 68 -8.58 -6.14 -2.96
CA LEU A 68 -7.99 -7.17 -2.11
C LEU A 68 -6.86 -7.90 -2.83
N LEU A 69 -5.81 -8.22 -2.08
CA LEU A 69 -4.66 -8.92 -2.65
C LEU A 69 -4.04 -9.88 -1.63
N PRO A 70 -3.33 -10.90 -2.13
CA PRO A 70 -2.67 -11.89 -1.28
C PRO A 70 -1.49 -11.31 -0.51
N GLU A 71 -1.54 -11.38 0.81
CA GLU A 71 -0.47 -10.85 1.65
C GLU A 71 0.86 -11.53 1.33
N ASN A 72 0.79 -12.61 0.55
CA ASN A 72 1.98 -13.35 0.16
C ASN A 72 2.53 -12.85 -1.17
N TYR A 73 2.14 -11.63 -1.54
CA TYR A 73 2.58 -11.04 -2.79
C TYR A 73 3.17 -9.64 -2.56
N ILE A 74 3.13 -9.21 -1.31
CA ILE A 74 3.66 -7.89 -0.94
C ILE A 74 4.58 -7.98 0.27
N THR A 75 5.21 -6.86 0.60
CA THR A 75 6.13 -6.81 1.74
C THR A 75 6.08 -5.45 2.42
N LYS A 76 6.53 -5.40 3.68
CA LYS A 76 6.54 -4.16 4.44
C LYS A 76 7.50 -3.15 3.82
N ALA A 77 7.12 -1.88 3.87
CA ALA A 77 7.95 -0.81 3.32
C ALA A 77 9.26 -0.67 4.10
N ASP A 78 10.30 -1.33 3.61
CA ASP A 78 11.61 -1.27 4.26
C ASP A 78 12.54 -0.30 3.55
N GLU A 79 12.54 -0.36 2.22
CA GLU A 79 13.39 0.51 1.41
C GLU A 79 13.09 1.98 1.71
N CYS A 80 11.94 2.23 2.33
CA CYS A 80 11.54 3.60 2.67
C CYS A 80 12.38 4.13 3.82
N SER A 81 12.53 5.46 3.87
CA SER A 81 13.31 6.10 4.92
C SER A 81 12.45 6.40 6.13
N THR A 82 12.31 5.40 7.01
CA THR A 82 11.52 5.56 8.22
C THR A 82 11.93 6.80 9.00
N TRP A 83 10.96 7.64 9.33
CA TRP A 83 11.22 8.87 10.08
C TRP A 83 11.63 8.54 11.51
N ILE A 84 11.09 7.46 12.05
CA ILE A 84 11.39 7.05 13.42
C ILE A 84 11.68 5.55 13.49
N PHE A 85 10.75 4.75 13.00
CA PHE A 85 10.91 3.30 13.01
C PHE A 85 12.36 2.92 12.78
N HIS A 86 12.85 1.96 13.57
CA HIS A 86 14.22 1.49 13.45
C HIS A 86 14.35 0.42 12.38
N GLY A 87 14.49 0.84 11.12
CA GLY A 87 14.61 -0.10 10.03
C GLY A 87 15.56 0.38 8.95
N SER A 88 16.60 1.11 9.36
CA SER A 88 17.57 1.64 8.42
C SER A 88 17.90 0.61 7.34
N SER A 89 17.86 1.05 6.09
CA SER A 89 18.15 0.18 4.96
C SER A 89 19.65 0.02 4.76
N GLY A 90 20.03 -0.75 3.74
CA GLY A 90 21.44 -0.96 3.46
C GLY A 90 21.75 -0.88 1.97
N PRO A 91 21.98 0.34 1.48
CA PRO A 91 22.29 0.57 0.06
C PRO A 91 23.66 0.05 -0.33
N SER A 92 24.56 -0.04 0.65
CA SER A 92 25.91 -0.53 0.41
C SER A 92 26.15 -1.84 1.14
N SER A 93 26.66 -2.83 0.41
CA SER A 93 26.94 -4.14 0.99
C SER A 93 28.23 -4.73 0.43
N GLY A 94 29.14 -5.14 1.31
CA GLY A 94 30.40 -5.70 0.89
C GLY A 94 31.42 -5.77 2.00
N GLY A 1 -16.13 28.57 -0.60
CA GLY A 1 -15.13 28.12 -1.54
C GLY A 1 -14.18 27.10 -0.94
N SER A 2 -14.28 25.85 -1.38
CA SER A 2 -13.43 24.78 -0.87
C SER A 2 -12.15 24.67 -1.70
N SER A 3 -11.11 25.37 -1.27
CA SER A 3 -9.83 25.35 -1.97
C SER A 3 -9.35 23.92 -2.18
N GLY A 4 -9.14 23.55 -3.44
CA GLY A 4 -8.69 22.20 -3.75
C GLY A 4 -9.78 21.34 -4.36
N SER A 5 -10.20 20.32 -3.62
CA SER A 5 -11.24 19.42 -4.09
C SER A 5 -12.03 18.85 -2.92
N SER A 6 -13.23 18.35 -3.20
CA SER A 6 -14.09 17.78 -2.18
C SER A 6 -13.52 16.47 -1.66
N GLY A 7 -12.64 16.56 -0.66
CA GLY A 7 -12.04 15.37 -0.10
C GLY A 7 -10.54 15.53 0.09
N SER A 8 -10.00 14.86 1.12
CA SER A 8 -8.58 14.93 1.41
C SER A 8 -7.81 13.90 0.59
N ARG A 9 -7.36 14.31 -0.59
CA ARG A 9 -6.61 13.43 -1.47
C ARG A 9 -5.44 12.78 -0.73
N ASP A 10 -4.91 13.49 0.26
CA ASP A 10 -3.79 13.00 1.04
C ASP A 10 -4.24 12.60 2.45
N ILE A 11 -3.59 11.59 3.02
CA ILE A 11 -3.93 11.12 4.35
C ILE A 11 -3.05 11.78 5.40
N ARG A 12 -3.67 12.52 6.31
CA ARG A 12 -2.94 13.21 7.37
C ARG A 12 -3.43 12.77 8.74
N PHE A 13 -4.74 12.77 8.93
CA PHE A 13 -5.34 12.36 10.19
C PHE A 13 -5.30 10.84 10.36
N ALA A 14 -5.66 10.13 9.28
CA ALA A 14 -5.67 8.68 9.30
C ALA A 14 -4.25 8.12 9.27
N ASN A 15 -4.13 6.81 9.44
CA ASN A 15 -2.83 6.15 9.43
C ASN A 15 -2.83 4.95 8.48
N HIS A 16 -2.40 5.17 7.25
CA HIS A 16 -2.34 4.11 6.26
C HIS A 16 -0.93 3.55 6.13
N GLU A 17 -0.83 2.22 6.07
CA GLU A 17 0.46 1.56 5.96
C GLU A 17 0.92 1.53 4.50
N THR A 18 2.18 1.16 4.29
CA THR A 18 2.75 1.09 2.95
C THR A 18 3.47 -0.23 2.73
N LEU A 19 3.15 -0.91 1.63
CA LEU A 19 3.77 -2.18 1.30
C LEU A 19 4.28 -2.20 -0.13
N GLN A 20 5.34 -2.95 -0.38
CA GLN A 20 5.92 -3.05 -1.71
C GLN A 20 5.67 -4.42 -2.33
N VAL A 21 5.06 -4.43 -3.50
CA VAL A 21 4.75 -5.68 -4.20
C VAL A 21 6.03 -6.46 -4.51
N ILE A 22 6.02 -7.74 -4.18
CA ILE A 22 7.16 -8.60 -4.43
C ILE A 22 6.90 -9.56 -5.58
N TYR A 23 5.65 -9.63 -6.00
CA TYR A 23 5.25 -10.51 -7.10
C TYR A 23 3.90 -10.10 -7.68
N PRO A 24 3.76 -10.23 -9.00
CA PRO A 24 2.52 -9.88 -9.71
C PRO A 24 1.39 -10.85 -9.39
N TYR A 25 0.19 -10.53 -9.88
CA TYR A 25 -0.98 -11.36 -9.65
C TYR A 25 -2.17 -10.88 -10.47
N THR A 26 -2.65 -11.73 -11.36
CA THR A 26 -3.79 -11.39 -12.21
C THR A 26 -5.11 -11.64 -11.49
N PRO A 27 -5.84 -10.55 -11.21
CA PRO A 27 -7.13 -10.62 -10.52
C PRO A 27 -8.21 -11.25 -11.40
N GLN A 28 -9.38 -11.51 -10.79
CA GLN A 28 -10.49 -12.10 -11.51
C GLN A 28 -11.70 -11.17 -11.49
N ASN A 29 -11.67 -10.16 -10.64
CA ASN A 29 -12.76 -9.21 -10.52
C ASN A 29 -12.34 -7.99 -9.70
N ASP A 30 -13.27 -7.07 -9.50
CA ASP A 30 -13.01 -5.86 -8.74
C ASP A 30 -12.68 -6.20 -7.28
N ASP A 31 -13.25 -7.30 -6.79
CA ASP A 31 -13.03 -7.73 -5.42
C ASP A 31 -11.55 -7.65 -5.06
N GLU A 32 -10.70 -8.08 -5.99
CA GLU A 32 -9.26 -8.06 -5.77
C GLU A 32 -8.60 -6.95 -6.58
N LEU A 33 -7.29 -6.81 -6.42
CA LEU A 33 -6.53 -5.78 -7.14
C LEU A 33 -5.30 -6.38 -7.80
N GLU A 34 -4.92 -5.83 -8.94
CA GLU A 34 -3.75 -6.31 -9.67
C GLU A 34 -2.47 -6.02 -8.90
N LEU A 35 -1.45 -6.85 -9.12
CA LEU A 35 -0.17 -6.68 -8.44
C LEU A 35 0.94 -6.38 -9.44
N VAL A 36 1.70 -5.31 -9.17
CA VAL A 36 2.79 -4.91 -10.05
C VAL A 36 4.12 -4.90 -9.30
N PRO A 37 5.11 -5.60 -9.86
CA PRO A 37 6.45 -5.69 -9.26
C PRO A 37 7.20 -4.36 -9.34
N GLY A 38 7.29 -3.67 -8.21
CA GLY A 38 7.99 -2.39 -8.18
C GLY A 38 7.08 -1.24 -7.80
N ASP A 39 5.88 -1.57 -7.34
CA ASP A 39 4.90 -0.56 -6.94
C ASP A 39 4.62 -0.63 -5.44
N PHE A 40 3.83 0.32 -4.95
CA PHE A 40 3.49 0.36 -3.53
C PHE A 40 2.00 0.14 -3.33
N ILE A 41 1.60 -0.14 -2.09
CA ILE A 41 0.21 -0.37 -1.76
C ILE A 41 -0.14 0.18 -0.38
N PHE A 42 -1.19 1.00 -0.32
CA PHE A 42 -1.62 1.59 0.93
C PHE A 42 -2.68 0.72 1.61
N MET A 43 -2.36 0.22 2.79
CA MET A 43 -3.29 -0.63 3.53
C MET A 43 -3.96 0.16 4.66
N SER A 44 -5.27 0.00 4.80
CA SER A 44 -6.01 0.70 5.83
C SER A 44 -6.82 -0.28 6.69
N PRO A 45 -6.88 -0.01 7.99
CA PRO A 45 -7.61 -0.86 8.94
C PRO A 45 -9.12 -0.77 8.75
N MET A 46 -9.59 0.40 8.33
CA MET A 46 -11.02 0.61 8.11
C MET A 46 -11.46 -0.02 6.79
N GLU A 47 -10.51 -0.60 6.06
CA GLU A 47 -10.81 -1.24 4.79
C GLU A 47 -10.40 -2.72 4.81
N GLN A 48 -10.02 -3.20 5.99
CA GLN A 48 -9.60 -4.59 6.14
C GLN A 48 -10.78 -5.54 5.95
N THR A 49 -11.05 -5.89 4.69
CA THR A 49 -12.15 -6.78 4.36
C THR A 49 -11.63 -8.14 3.91
N SER A 50 -12.04 -9.19 4.61
CA SER A 50 -11.61 -10.55 4.28
C SER A 50 -10.09 -10.65 4.25
N THR A 51 -9.43 -9.77 5.00
CA THR A 51 -7.97 -9.76 5.05
C THR A 51 -7.46 -10.71 6.12
N SER A 52 -8.09 -10.69 7.29
CA SER A 52 -7.69 -11.55 8.40
C SER A 52 -7.40 -12.96 7.90
N GLU A 53 -8.23 -13.45 6.99
CA GLU A 53 -8.07 -14.79 6.43
C GLU A 53 -6.69 -14.94 5.78
N GLY A 54 -6.26 -13.90 5.09
CA GLY A 54 -4.96 -13.93 4.43
C GLY A 54 -4.79 -12.82 3.41
N TRP A 55 -5.91 -12.28 2.95
CA TRP A 55 -5.88 -11.19 1.96
C TRP A 55 -5.59 -9.86 2.64
N ILE A 56 -5.55 -8.80 1.85
CA ILE A 56 -5.30 -7.47 2.37
C ILE A 56 -5.84 -6.39 1.42
N TYR A 57 -6.73 -5.55 1.94
CA TYR A 57 -7.32 -4.48 1.15
C TYR A 57 -6.42 -3.25 1.13
N GLY A 58 -5.86 -2.95 -0.03
CA GLY A 58 -4.98 -1.80 -0.17
C GLY A 58 -5.24 -1.02 -1.44
N THR A 59 -4.38 -0.04 -1.71
CA THR A 59 -4.53 0.80 -2.90
C THR A 59 -3.18 1.06 -3.56
N SER A 60 -3.07 0.70 -4.84
CA SER A 60 -1.84 0.89 -5.58
C SER A 60 -1.47 2.37 -5.66
N LEU A 61 -0.24 2.65 -6.11
CA LEU A 61 0.23 4.02 -6.24
C LEU A 61 0.25 4.46 -7.70
N THR A 62 0.68 3.57 -8.57
CA THR A 62 0.75 3.85 -10.00
C THR A 62 -0.65 4.03 -10.58
N THR A 63 -1.43 2.94 -10.60
CA THR A 63 -2.77 2.98 -11.13
C THR A 63 -3.73 3.68 -10.17
N GLY A 64 -3.46 3.57 -8.88
CA GLY A 64 -4.31 4.20 -7.88
C GLY A 64 -5.59 3.43 -7.64
N CYS A 65 -5.57 2.13 -7.91
CA CYS A 65 -6.73 1.28 -7.73
C CYS A 65 -6.71 0.63 -6.35
N SER A 66 -7.90 0.32 -5.83
CA SER A 66 -8.02 -0.32 -4.52
C SER A 66 -8.75 -1.65 -4.62
N GLY A 67 -8.23 -2.66 -3.92
CA GLY A 67 -8.84 -3.97 -3.95
C GLY A 67 -8.13 -4.95 -3.03
N LEU A 68 -8.63 -6.19 -3.00
CA LEU A 68 -8.04 -7.22 -2.15
C LEU A 68 -6.92 -7.95 -2.88
N LEU A 69 -5.82 -8.19 -2.17
CA LEU A 69 -4.67 -8.88 -2.74
C LEU A 69 -4.04 -9.83 -1.73
N PRO A 70 -3.33 -10.85 -2.23
CA PRO A 70 -2.65 -11.84 -1.38
C PRO A 70 -1.47 -11.25 -0.63
N GLU A 71 -1.57 -11.24 0.70
CA GLU A 71 -0.51 -10.71 1.55
C GLU A 71 0.82 -11.38 1.23
N ASN A 72 0.76 -12.50 0.52
CA ASN A 72 1.96 -13.25 0.15
C ASN A 72 2.53 -12.75 -1.18
N TYR A 73 2.12 -11.54 -1.57
CA TYR A 73 2.59 -10.95 -2.82
C TYR A 73 3.16 -9.55 -2.58
N ILE A 74 3.14 -9.12 -1.33
CA ILE A 74 3.66 -7.80 -0.98
C ILE A 74 4.59 -7.89 0.22
N THR A 75 5.14 -6.75 0.62
CA THR A 75 6.05 -6.69 1.76
C THR A 75 5.95 -5.35 2.48
N LYS A 76 6.35 -5.33 3.75
CA LYS A 76 6.30 -4.10 4.54
C LYS A 76 7.27 -3.06 3.99
N ALA A 77 6.95 -1.80 4.20
CA ALA A 77 7.78 -0.70 3.73
C ALA A 77 9.02 -0.54 4.60
N ASP A 78 10.13 -1.11 4.15
CA ASP A 78 11.39 -1.04 4.90
C ASP A 78 12.47 -0.36 4.07
N GLU A 79 12.69 -0.89 2.86
CA GLU A 79 13.71 -0.34 1.97
C GLU A 79 13.49 1.16 1.74
N CYS A 80 12.24 1.54 1.50
CA CYS A 80 11.89 2.93 1.28
C CYS A 80 12.45 3.82 2.39
N SER A 81 12.27 5.13 2.25
CA SER A 81 12.75 6.08 3.24
C SER A 81 11.59 6.59 4.11
N THR A 82 11.85 6.69 5.42
CA THR A 82 10.84 7.15 6.36
C THR A 82 10.50 8.62 6.12
N TRP A 83 9.60 9.15 6.93
CA TRP A 83 9.19 10.54 6.81
C TRP A 83 9.66 11.36 8.00
N ILE A 84 9.57 10.78 9.19
CA ILE A 84 10.00 11.45 10.41
C ILE A 84 10.97 10.58 11.21
N PHE A 85 10.77 9.27 11.16
CA PHE A 85 11.62 8.33 11.87
C PHE A 85 13.10 8.70 11.68
N HIS A 86 13.89 8.51 12.73
CA HIS A 86 15.32 8.82 12.68
C HIS A 86 16.15 7.55 12.89
N GLY A 87 17.33 7.53 12.30
CA GLY A 87 18.21 6.38 12.44
C GLY A 87 19.59 6.75 12.94
N SER A 88 20.13 7.84 12.40
CA SER A 88 21.46 8.30 12.78
C SER A 88 21.47 8.78 14.23
N SER A 89 22.53 8.45 14.96
CA SER A 89 22.66 8.85 16.36
C SER A 89 22.51 10.36 16.51
N GLY A 90 22.47 10.83 17.75
CA GLY A 90 22.34 12.25 18.01
C GLY A 90 21.96 12.55 19.45
N PRO A 91 21.86 13.84 19.78
CA PRO A 91 21.51 14.28 21.13
C PRO A 91 20.06 13.98 21.48
N SER A 92 19.16 14.29 20.55
CA SER A 92 17.73 14.06 20.75
C SER A 92 17.34 14.36 22.20
N SER A 93 17.88 15.45 22.73
CA SER A 93 17.59 15.85 24.12
C SER A 93 16.14 16.30 24.25
N GLY A 94 15.32 15.47 24.90
CA GLY A 94 13.92 15.80 25.08
C GLY A 94 13.34 16.57 23.91
N GLY A 1 -2.64 4.72 -14.43
CA GLY A 1 -4.04 5.04 -14.23
C GLY A 1 -4.25 6.47 -13.77
N SER A 2 -4.64 6.64 -12.51
CA SER A 2 -4.88 7.96 -11.95
C SER A 2 -3.57 8.68 -11.68
N SER A 3 -3.07 9.40 -12.69
CA SER A 3 -1.81 10.13 -12.56
C SER A 3 -2.04 11.63 -12.70
N GLY A 4 -2.20 12.32 -11.58
CA GLY A 4 -2.41 13.75 -11.60
C GLY A 4 -2.80 14.30 -10.25
N SER A 5 -2.02 13.96 -9.23
CA SER A 5 -2.29 14.43 -7.87
C SER A 5 -1.16 15.31 -7.36
N SER A 6 -1.40 16.61 -7.34
CA SER A 6 -0.40 17.57 -6.88
C SER A 6 -0.33 17.60 -5.36
N GLY A 7 0.51 16.76 -4.79
CA GLY A 7 0.67 16.70 -3.35
C GLY A 7 -0.67 16.79 -2.63
N SER A 8 -1.57 15.86 -2.92
CA SER A 8 -2.89 15.84 -2.30
C SER A 8 -3.43 14.41 -2.23
N ARG A 9 -3.92 14.03 -1.05
CA ARG A 9 -4.46 12.70 -0.85
C ARG A 9 -3.36 11.66 -0.76
N ASP A 10 -2.19 12.08 -0.27
CA ASP A 10 -1.05 11.19 -0.14
C ASP A 10 -0.89 10.71 1.31
N ILE A 11 -0.64 9.42 1.47
CA ILE A 11 -0.48 8.84 2.81
C ILE A 11 0.74 9.42 3.51
N ARG A 12 1.83 9.58 2.76
CA ARG A 12 3.06 10.13 3.32
C ARG A 12 3.39 9.47 4.65
N PHE A 13 3.07 8.19 4.77
CA PHE A 13 3.33 7.45 6.00
C PHE A 13 2.64 8.10 7.19
N ALA A 14 1.36 8.43 7.02
CA ALA A 14 0.57 9.06 8.07
C ALA A 14 -0.08 8.02 8.96
N ASN A 15 -1.07 7.32 8.41
CA ASN A 15 -1.79 6.29 9.17
C ASN A 15 -1.84 4.99 8.37
N HIS A 16 -2.04 5.10 7.06
CA HIS A 16 -2.11 3.93 6.19
C HIS A 16 -0.74 3.27 6.06
N GLU A 17 -0.73 1.94 6.07
CA GLU A 17 0.50 1.18 5.96
C GLU A 17 0.99 1.15 4.52
N THR A 18 2.30 1.03 4.34
CA THR A 18 2.89 0.98 3.01
C THR A 18 3.60 -0.35 2.77
N LEU A 19 3.32 -0.96 1.62
CA LEU A 19 3.93 -2.23 1.27
C LEU A 19 4.42 -2.23 -0.18
N GLN A 20 5.47 -3.01 -0.45
CA GLN A 20 6.03 -3.08 -1.80
C GLN A 20 5.72 -4.43 -2.44
N VAL A 21 5.23 -4.40 -3.67
CA VAL A 21 4.89 -5.61 -4.39
C VAL A 21 6.12 -6.46 -4.66
N ILE A 22 6.06 -7.73 -4.25
CA ILE A 22 7.18 -8.65 -4.44
C ILE A 22 6.92 -9.58 -5.62
N TYR A 23 5.66 -9.69 -6.02
CA TYR A 23 5.28 -10.56 -7.13
C TYR A 23 3.95 -10.13 -7.73
N PRO A 24 3.83 -10.27 -9.06
CA PRO A 24 2.61 -9.89 -9.78
C PRO A 24 1.45 -10.83 -9.49
N TYR A 25 0.23 -10.36 -9.71
CA TYR A 25 -0.97 -11.16 -9.46
C TYR A 25 -2.10 -10.76 -10.40
N THR A 26 -2.74 -11.76 -11.01
CA THR A 26 -3.83 -11.51 -11.94
C THR A 26 -5.17 -11.78 -11.27
N PRO A 27 -5.91 -10.70 -10.97
CA PRO A 27 -7.23 -10.79 -10.33
C PRO A 27 -8.29 -11.37 -11.26
N GLN A 28 -9.46 -11.66 -10.72
CA GLN A 28 -10.56 -12.21 -11.51
C GLN A 28 -11.82 -11.36 -11.37
N ASN A 29 -11.83 -10.49 -10.36
CA ASN A 29 -12.97 -9.62 -10.12
C ASN A 29 -12.52 -8.31 -9.47
N ASP A 30 -13.49 -7.47 -9.12
CA ASP A 30 -13.21 -6.18 -8.49
C ASP A 30 -12.72 -6.38 -7.05
N ASP A 31 -13.37 -7.31 -6.34
CA ASP A 31 -13.00 -7.60 -4.96
C ASP A 31 -11.49 -7.54 -4.77
N GLU A 32 -10.75 -8.10 -5.73
CA GLU A 32 -9.29 -8.11 -5.67
C GLU A 32 -8.70 -7.00 -6.54
N LEU A 33 -7.40 -6.79 -6.42
CA LEU A 33 -6.71 -5.76 -7.19
C LEU A 33 -5.45 -6.32 -7.83
N GLU A 34 -5.07 -5.76 -8.98
CA GLU A 34 -3.88 -6.20 -9.70
C GLU A 34 -2.62 -5.84 -8.93
N LEU A 35 -1.58 -6.65 -9.09
CA LEU A 35 -0.30 -6.42 -8.42
C LEU A 35 0.82 -6.21 -9.42
N VAL A 36 1.60 -5.15 -9.21
CA VAL A 36 2.71 -4.83 -10.10
C VAL A 36 4.02 -4.77 -9.33
N PRO A 37 5.05 -5.49 -9.83
CA PRO A 37 6.36 -5.54 -9.20
C PRO A 37 7.11 -4.21 -9.33
N GLY A 38 7.35 -3.55 -8.20
CA GLY A 38 8.05 -2.28 -8.22
C GLY A 38 7.18 -1.12 -7.76
N ASP A 39 5.93 -1.44 -7.41
CA ASP A 39 4.99 -0.42 -6.96
C ASP A 39 4.68 -0.58 -5.48
N PHE A 40 4.01 0.41 -4.91
CA PHE A 40 3.65 0.38 -3.49
C PHE A 40 2.16 0.16 -3.31
N ILE A 41 1.76 -0.17 -2.09
CA ILE A 41 0.35 -0.40 -1.78
C ILE A 41 -0.01 0.13 -0.40
N PHE A 42 -1.02 0.99 -0.35
CA PHE A 42 -1.47 1.57 0.91
C PHE A 42 -2.55 0.72 1.55
N MET A 43 -2.24 0.16 2.71
CA MET A 43 -3.20 -0.68 3.43
C MET A 43 -3.85 0.09 4.57
N SER A 44 -5.15 -0.16 4.77
CA SER A 44 -5.90 0.52 5.82
C SER A 44 -6.88 -0.43 6.48
N PRO A 45 -6.98 -0.33 7.82
CA PRO A 45 -7.88 -1.18 8.60
C PRO A 45 -9.35 -0.85 8.37
N MET A 46 -9.60 0.35 7.84
CA MET A 46 -10.96 0.80 7.56
C MET A 46 -11.63 -0.08 6.51
N GLU A 47 -10.81 -0.61 5.59
CA GLU A 47 -11.32 -1.46 4.53
C GLU A 47 -10.62 -2.82 4.54
N GLN A 48 -10.41 -3.36 5.74
CA GLN A 48 -9.75 -4.65 5.88
C GLN A 48 -10.77 -5.79 5.89
N THR A 49 -11.43 -6.00 4.76
CA THR A 49 -12.43 -7.05 4.63
C THR A 49 -11.81 -8.33 4.08
N SER A 50 -12.26 -9.47 4.59
CA SER A 50 -11.75 -10.76 4.17
C SER A 50 -10.23 -10.75 4.09
N THR A 51 -9.62 -9.87 4.87
CA THR A 51 -8.17 -9.75 4.89
C THR A 51 -7.55 -10.63 5.97
N SER A 52 -7.97 -10.41 7.22
CA SER A 52 -7.46 -11.18 8.34
C SER A 52 -7.23 -12.64 7.93
N GLU A 53 -8.13 -13.17 7.12
CA GLU A 53 -8.03 -14.55 6.66
C GLU A 53 -6.70 -14.78 5.94
N GLY A 54 -6.35 -13.87 5.04
CA GLY A 54 -5.11 -14.01 4.30
C GLY A 54 -4.90 -12.88 3.30
N TRP A 55 -6.01 -12.30 2.84
CA TRP A 55 -5.94 -11.21 1.87
C TRP A 55 -5.71 -9.88 2.57
N ILE A 56 -5.65 -8.81 1.78
CA ILE A 56 -5.43 -7.47 2.33
C ILE A 56 -5.92 -6.40 1.37
N TYR A 57 -6.61 -5.40 1.90
CA TYR A 57 -7.13 -4.31 1.10
C TYR A 57 -6.12 -3.18 0.97
N GLY A 58 -5.59 -2.99 -0.24
CA GLY A 58 -4.62 -1.95 -0.48
C GLY A 58 -4.94 -1.12 -1.71
N THR A 59 -4.24 0.01 -1.86
CA THR A 59 -4.46 0.88 -3.00
C THR A 59 -3.16 1.17 -3.73
N SER A 60 -3.07 0.74 -4.98
CA SER A 60 -1.88 0.94 -5.78
C SER A 60 -1.51 2.42 -5.84
N LEU A 61 -0.20 2.70 -5.92
CA LEU A 61 0.28 4.07 -5.98
C LEU A 61 0.36 4.56 -7.43
N THR A 62 0.86 3.70 -8.31
CA THR A 62 0.99 4.03 -9.72
C THR A 62 -0.37 4.24 -10.37
N THR A 63 -1.18 3.19 -10.36
CA THR A 63 -2.52 3.25 -10.94
C THR A 63 -3.48 4.03 -10.05
N GLY A 64 -3.52 3.67 -8.77
CA GLY A 64 -4.39 4.34 -7.83
C GLY A 64 -5.63 3.54 -7.52
N CYS A 65 -5.67 2.29 -7.97
CA CYS A 65 -6.81 1.42 -7.74
C CYS A 65 -6.72 0.75 -6.38
N SER A 66 -7.87 0.40 -5.81
CA SER A 66 -7.93 -0.24 -4.51
C SER A 66 -8.68 -1.57 -4.58
N GLY A 67 -8.16 -2.58 -3.90
CA GLY A 67 -8.80 -3.88 -3.89
C GLY A 67 -8.11 -4.87 -2.98
N LEU A 68 -8.55 -6.12 -3.02
CA LEU A 68 -7.96 -7.17 -2.17
C LEU A 68 -6.82 -7.86 -2.90
N LEU A 69 -5.76 -8.18 -2.16
CA LEU A 69 -4.60 -8.86 -2.72
C LEU A 69 -4.00 -9.84 -1.73
N PRO A 70 -3.29 -10.85 -2.25
CA PRO A 70 -2.65 -11.87 -1.41
C PRO A 70 -1.46 -11.31 -0.62
N GLU A 71 -1.57 -11.36 0.71
CA GLU A 71 -0.52 -10.87 1.58
C GLU A 71 0.81 -11.53 1.25
N ASN A 72 0.75 -12.62 0.48
CA ASN A 72 1.95 -13.34 0.10
C ASN A 72 2.52 -12.81 -1.21
N TYR A 73 2.16 -11.58 -1.54
CA TYR A 73 2.62 -10.95 -2.78
C TYR A 73 3.18 -9.55 -2.49
N ILE A 74 3.05 -9.12 -1.25
CA ILE A 74 3.54 -7.80 -0.84
C ILE A 74 4.48 -7.90 0.36
N THR A 75 5.15 -6.80 0.68
CA THR A 75 6.06 -6.76 1.81
C THR A 75 6.14 -5.37 2.41
N LYS A 76 6.74 -5.28 3.59
CA LYS A 76 6.88 -4.00 4.28
C LYS A 76 7.95 -3.14 3.62
N ALA A 77 7.72 -1.83 3.59
CA ALA A 77 8.66 -0.90 2.99
C ALA A 77 10.01 -0.94 3.71
N ASP A 78 10.94 -1.71 3.16
CA ASP A 78 12.27 -1.84 3.75
C ASP A 78 13.30 -1.08 2.92
N GLU A 79 13.10 -1.06 1.61
CA GLU A 79 14.02 -0.37 0.71
C GLU A 79 13.58 1.07 0.47
N CYS A 80 13.73 1.91 1.49
CA CYS A 80 13.34 3.31 1.39
C CYS A 80 14.18 4.04 0.35
N SER A 81 15.47 4.16 0.63
CA SER A 81 16.39 4.84 -0.28
C SER A 81 16.59 4.03 -1.55
N THR A 82 15.92 4.43 -2.63
CA THR A 82 16.03 3.75 -3.91
C THR A 82 17.36 4.05 -4.58
N TRP A 83 17.91 3.05 -5.27
CA TRP A 83 19.19 3.22 -5.97
C TRP A 83 19.21 4.51 -6.77
N ILE A 84 18.05 4.88 -7.30
CA ILE A 84 17.92 6.10 -8.10
C ILE A 84 16.89 7.04 -7.51
N PHE A 85 15.62 6.68 -7.65
CA PHE A 85 14.53 7.50 -7.12
C PHE A 85 14.95 8.20 -5.83
N HIS A 86 14.85 9.53 -5.82
CA HIS A 86 15.23 10.30 -4.64
C HIS A 86 13.99 10.64 -3.80
N GLY A 87 14.14 10.53 -2.49
CA GLY A 87 13.03 10.83 -1.60
C GLY A 87 13.15 12.19 -0.95
N SER A 88 12.04 12.71 -0.46
CA SER A 88 12.02 14.02 0.18
C SER A 88 11.46 13.92 1.61
N SER A 89 12.00 14.74 2.51
CA SER A 89 11.56 14.74 3.89
C SER A 89 11.93 16.05 4.58
N GLY A 90 10.97 16.64 5.28
CA GLY A 90 11.21 17.89 5.97
C GLY A 90 10.04 18.32 6.83
N PRO A 91 9.97 19.62 7.13
CA PRO A 91 8.89 20.19 7.96
C PRO A 91 7.56 20.19 7.24
N SER A 92 6.57 19.48 7.80
CA SER A 92 5.24 19.40 7.20
C SER A 92 4.16 19.66 8.25
N SER A 93 3.19 20.48 7.89
CA SER A 93 2.10 20.82 8.80
C SER A 93 1.02 19.74 8.77
N GLY A 94 0.30 19.59 9.88
CA GLY A 94 -0.75 18.59 9.96
C GLY A 94 -0.35 17.27 9.34
N GLY A 1 -19.52 20.04 13.79
CA GLY A 1 -18.44 19.89 12.82
C GLY A 1 -17.07 19.81 13.49
N SER A 2 -16.17 20.69 13.07
CA SER A 2 -14.82 20.72 13.63
C SER A 2 -14.28 19.31 13.81
N SER A 3 -14.53 18.45 12.82
CA SER A 3 -14.06 17.07 12.88
C SER A 3 -12.75 16.91 12.12
N GLY A 4 -12.68 17.51 10.93
CA GLY A 4 -11.49 17.42 10.13
C GLY A 4 -11.76 16.91 8.73
N SER A 5 -10.72 16.45 8.04
CA SER A 5 -10.87 15.94 6.68
C SER A 5 -10.27 14.54 6.56
N SER A 6 -11.13 13.53 6.71
CA SER A 6 -10.70 12.15 6.63
C SER A 6 -9.61 11.97 5.57
N GLY A 7 -9.85 12.52 4.39
CA GLY A 7 -8.89 12.43 3.31
C GLY A 7 -9.02 11.15 2.52
N SER A 8 -8.81 11.23 1.20
CA SER A 8 -8.93 10.07 0.33
C SER A 8 -7.70 9.94 -0.56
N ARG A 9 -7.25 11.06 -1.12
CA ARG A 9 -6.08 11.07 -1.99
C ARG A 9 -4.83 11.47 -1.22
N ASP A 10 -5.01 12.33 -0.21
CA ASP A 10 -3.89 12.79 0.61
C ASP A 10 -4.04 12.32 2.05
N ILE A 11 -3.17 11.41 2.47
CA ILE A 11 -3.20 10.88 3.83
C ILE A 11 -2.44 11.78 4.79
N ARG A 12 -3.19 12.44 5.68
CA ARG A 12 -2.58 13.34 6.66
C ARG A 12 -2.99 12.95 8.08
N PHE A 13 -4.29 12.74 8.27
CA PHE A 13 -4.82 12.36 9.57
C PHE A 13 -5.41 10.95 9.55
N ALA A 14 -4.71 10.05 8.85
CA ALA A 14 -5.16 8.66 8.74
C ALA A 14 -4.01 7.70 8.98
N ASN A 15 -4.33 6.50 9.44
CA ASN A 15 -3.32 5.48 9.71
C ASN A 15 -3.25 4.47 8.57
N HIS A 16 -2.52 4.83 7.52
CA HIS A 16 -2.37 3.95 6.35
C HIS A 16 -0.94 3.44 6.25
N GLU A 17 -0.80 2.13 6.05
CA GLU A 17 0.52 1.51 5.92
C GLU A 17 0.97 1.47 4.47
N THR A 18 2.24 1.17 4.25
CA THR A 18 2.79 1.09 2.91
C THR A 18 3.54 -0.22 2.69
N LEU A 19 3.18 -0.92 1.62
CA LEU A 19 3.82 -2.20 1.29
C LEU A 19 4.32 -2.21 -0.14
N GLN A 20 5.39 -2.96 -0.38
CA GLN A 20 5.97 -3.05 -1.71
C GLN A 20 5.72 -4.43 -2.32
N VAL A 21 5.16 -4.44 -3.53
CA VAL A 21 4.87 -5.70 -4.22
C VAL A 21 6.14 -6.49 -4.50
N ILE A 22 6.06 -7.80 -4.31
CA ILE A 22 7.21 -8.67 -4.53
C ILE A 22 6.95 -9.63 -5.68
N TYR A 23 5.69 -9.74 -6.08
CA TYR A 23 5.31 -10.63 -7.18
C TYR A 23 3.96 -10.22 -7.77
N PRO A 24 3.82 -10.43 -9.08
CA PRO A 24 2.57 -10.08 -9.80
C PRO A 24 1.42 -11.00 -9.42
N TYR A 25 0.21 -10.59 -9.78
CA TYR A 25 -0.98 -11.38 -9.47
C TYR A 25 -2.15 -10.97 -10.37
N THR A 26 -2.71 -11.93 -11.10
CA THR A 26 -3.82 -11.66 -11.99
C THR A 26 -5.16 -11.85 -11.27
N PRO A 27 -5.86 -10.74 -11.04
CA PRO A 27 -7.16 -10.75 -10.36
C PRO A 27 -8.25 -11.38 -11.22
N GLN A 28 -9.42 -11.59 -10.61
CA GLN A 28 -10.55 -12.19 -11.31
C GLN A 28 -11.74 -11.25 -11.33
N ASN A 29 -11.69 -10.22 -10.48
CA ASN A 29 -12.77 -9.24 -10.39
C ASN A 29 -12.33 -8.02 -9.59
N ASP A 30 -13.25 -7.08 -9.42
CA ASP A 30 -12.96 -5.86 -8.68
C ASP A 30 -12.58 -6.18 -7.24
N ASP A 31 -13.19 -7.21 -6.69
CA ASP A 31 -12.92 -7.62 -5.31
C ASP A 31 -11.42 -7.50 -5.01
N GLU A 32 -10.59 -7.95 -5.94
CA GLU A 32 -9.14 -7.89 -5.76
C GLU A 32 -8.54 -6.78 -6.61
N LEU A 33 -7.22 -6.60 -6.49
CA LEU A 33 -6.52 -5.57 -7.25
C LEU A 33 -5.25 -6.14 -7.89
N GLU A 34 -4.97 -5.69 -9.11
CA GLU A 34 -3.78 -6.15 -9.82
C GLU A 34 -2.52 -5.88 -9.03
N LEU A 35 -1.51 -6.71 -9.22
CA LEU A 35 -0.24 -6.57 -8.51
C LEU A 35 0.89 -6.23 -9.48
N VAL A 36 1.62 -5.16 -9.18
CA VAL A 36 2.72 -4.73 -10.02
C VAL A 36 4.05 -4.78 -9.26
N PRO A 37 5.02 -5.54 -9.80
CA PRO A 37 6.34 -5.69 -9.19
C PRO A 37 7.16 -4.40 -9.26
N GLY A 38 7.26 -3.71 -8.13
CA GLY A 38 8.02 -2.47 -8.09
C GLY A 38 7.15 -1.28 -7.73
N ASP A 39 5.95 -1.55 -7.27
CA ASP A 39 5.03 -0.49 -6.89
C ASP A 39 4.72 -0.53 -5.39
N PHE A 40 3.91 0.41 -4.93
CA PHE A 40 3.55 0.49 -3.52
C PHE A 40 2.05 0.27 -3.32
N ILE A 41 1.66 -0.09 -2.11
CA ILE A 41 0.26 -0.32 -1.79
C ILE A 41 -0.11 0.26 -0.43
N PHE A 42 -1.23 0.97 -0.38
CA PHE A 42 -1.69 1.58 0.86
C PHE A 42 -2.71 0.69 1.56
N MET A 43 -2.32 0.12 2.68
CA MET A 43 -3.21 -0.76 3.45
C MET A 43 -3.80 -0.02 4.64
N SER A 44 -5.11 -0.18 4.83
CA SER A 44 -5.80 0.48 5.94
C SER A 44 -6.79 -0.47 6.60
N PRO A 45 -6.88 -0.40 7.93
CA PRO A 45 -7.78 -1.25 8.72
C PRO A 45 -9.25 -0.88 8.50
N MET A 46 -9.49 0.37 8.14
CA MET A 46 -10.85 0.85 7.91
C MET A 46 -11.51 0.08 6.77
N GLU A 47 -10.71 -0.31 5.79
CA GLU A 47 -11.21 -1.06 4.64
C GLU A 47 -10.58 -2.44 4.57
N GLN A 48 -10.45 -3.09 5.73
CA GLN A 48 -9.87 -4.43 5.80
C GLN A 48 -10.95 -5.50 5.80
N THR A 49 -11.24 -6.04 4.62
CA THR A 49 -12.25 -7.07 4.48
C THR A 49 -11.64 -8.39 4.04
N SER A 50 -12.09 -9.48 4.65
CA SER A 50 -11.57 -10.81 4.32
C SER A 50 -10.05 -10.81 4.29
N THR A 51 -9.45 -9.89 5.03
CA THR A 51 -8.00 -9.78 5.10
C THR A 51 -7.43 -10.67 6.20
N SER A 52 -8.13 -10.74 7.32
CA SER A 52 -7.69 -11.55 8.45
C SER A 52 -7.48 -12.99 8.03
N GLU A 53 -8.16 -13.40 6.97
CA GLU A 53 -8.04 -14.77 6.46
C GLU A 53 -6.70 -14.98 5.77
N GLY A 54 -6.16 -13.90 5.19
CA GLY A 54 -4.88 -13.98 4.51
C GLY A 54 -4.70 -12.89 3.48
N TRP A 55 -5.81 -12.28 3.07
CA TRP A 55 -5.77 -11.22 2.08
C TRP A 55 -5.54 -9.86 2.74
N ILE A 56 -5.47 -8.81 1.93
CA ILE A 56 -5.25 -7.46 2.43
C ILE A 56 -5.74 -6.42 1.45
N TYR A 57 -6.62 -5.55 1.91
CA TYR A 57 -7.18 -4.49 1.06
C TYR A 57 -6.20 -3.32 0.94
N GLY A 58 -5.64 -3.14 -0.25
CA GLY A 58 -4.69 -2.07 -0.48
C GLY A 58 -5.03 -1.26 -1.72
N THR A 59 -4.27 -0.19 -1.94
CA THR A 59 -4.49 0.67 -3.10
C THR A 59 -3.18 0.95 -3.83
N SER A 60 -3.20 0.80 -5.15
CA SER A 60 -2.02 1.04 -5.97
C SER A 60 -1.61 2.50 -5.92
N LEU A 61 -0.31 2.75 -6.08
CA LEU A 61 0.21 4.12 -6.05
C LEU A 61 0.35 4.68 -7.46
N THR A 62 0.71 3.80 -8.40
CA THR A 62 0.88 4.20 -9.79
C THR A 62 -0.47 4.36 -10.49
N THR A 63 -1.33 3.35 -10.35
CA THR A 63 -2.64 3.37 -10.96
C THR A 63 -3.65 4.12 -10.08
N GLY A 64 -3.73 3.72 -8.81
CA GLY A 64 -4.65 4.35 -7.89
C GLY A 64 -5.86 3.49 -7.58
N CYS A 65 -5.87 2.29 -8.13
CA CYS A 65 -6.97 1.36 -7.91
C CYS A 65 -6.87 0.72 -6.53
N SER A 66 -8.03 0.41 -5.94
CA SER A 66 -8.07 -0.20 -4.62
C SER A 66 -8.79 -1.55 -4.68
N GLY A 67 -8.27 -2.52 -3.93
CA GLY A 67 -8.88 -3.84 -3.91
C GLY A 67 -8.16 -4.80 -2.97
N LEU A 68 -8.62 -6.04 -2.94
CA LEU A 68 -8.01 -7.05 -2.08
C LEU A 68 -6.86 -7.75 -2.79
N LEU A 69 -5.88 -8.20 -2.02
CA LEU A 69 -4.72 -8.89 -2.58
C LEU A 69 -4.11 -9.83 -1.55
N PRO A 70 -3.40 -10.87 -2.04
CA PRO A 70 -2.75 -11.86 -1.18
C PRO A 70 -1.56 -11.28 -0.43
N GLU A 71 -1.55 -11.45 0.88
CA GLU A 71 -0.46 -10.94 1.72
C GLU A 71 0.85 -11.62 1.37
N ASN A 72 0.78 -12.63 0.50
CA ASN A 72 1.96 -13.37 0.08
C ASN A 72 2.48 -12.85 -1.26
N TYR A 73 2.11 -11.62 -1.59
CA TYR A 73 2.53 -11.01 -2.85
C TYR A 73 3.13 -9.62 -2.61
N ILE A 74 3.08 -9.18 -1.35
CA ILE A 74 3.62 -7.87 -0.99
C ILE A 74 4.53 -7.98 0.22
N THR A 75 5.12 -6.84 0.62
CA THR A 75 6.02 -6.80 1.77
C THR A 75 5.96 -5.45 2.45
N LYS A 76 6.32 -5.42 3.73
CA LYS A 76 6.31 -4.19 4.51
C LYS A 76 7.23 -3.14 3.89
N ALA A 77 6.76 -1.90 3.84
CA ALA A 77 7.55 -0.81 3.26
C ALA A 77 8.94 -0.75 3.88
N ASP A 78 9.90 -1.37 3.21
CA ASP A 78 11.28 -1.38 3.69
C ASP A 78 12.08 -0.23 3.10
N GLU A 79 11.87 0.02 1.81
CA GLU A 79 12.57 1.10 1.12
C GLU A 79 12.12 2.47 1.64
N CYS A 80 12.83 2.98 2.64
CA CYS A 80 12.51 4.27 3.23
C CYS A 80 13.77 5.10 3.44
N SER A 81 13.60 6.35 3.83
CA SER A 81 14.71 7.26 4.07
C SER A 81 15.74 6.61 4.99
N THR A 82 16.81 7.34 5.27
CA THR A 82 17.87 6.84 6.15
C THR A 82 17.53 7.08 7.61
N TRP A 83 17.98 6.16 8.47
CA TRP A 83 17.71 6.27 9.90
C TRP A 83 17.85 7.72 10.37
N ILE A 84 18.80 8.44 9.77
CA ILE A 84 19.02 9.83 10.14
C ILE A 84 19.13 10.71 8.89
N PHE A 85 20.20 10.51 8.13
CA PHE A 85 20.41 11.29 6.90
C PHE A 85 19.08 11.62 6.24
N HIS A 86 18.97 12.86 5.78
CA HIS A 86 17.74 13.31 5.12
C HIS A 86 18.00 13.62 3.64
N GLY A 87 19.00 14.46 3.38
CA GLY A 87 19.34 14.81 2.02
C GLY A 87 19.15 16.29 1.74
N SER A 88 20.07 17.11 2.27
CA SER A 88 20.00 18.56 2.08
C SER A 88 21.25 19.23 2.66
N SER A 89 21.64 20.35 2.04
CA SER A 89 22.81 21.09 2.49
C SER A 89 24.05 20.21 2.45
N GLY A 90 24.18 19.42 1.40
CA GLY A 90 25.33 18.53 1.26
C GLY A 90 25.05 17.35 0.35
N PRO A 91 24.92 17.63 -0.95
CA PRO A 91 24.65 16.58 -1.95
C PRO A 91 25.84 15.66 -2.16
N SER A 92 25.78 14.47 -1.55
CA SER A 92 26.85 13.50 -1.68
C SER A 92 27.10 13.13 -3.13
N SER A 93 28.34 12.80 -3.45
CA SER A 93 28.72 12.44 -4.81
C SER A 93 28.49 10.95 -5.06
N GLY A 94 29.15 10.11 -4.26
CA GLY A 94 29.00 8.68 -4.41
C GLY A 94 29.46 7.92 -3.18
N GLY A 1 7.27 21.60 -17.81
CA GLY A 1 8.60 22.17 -17.67
C GLY A 1 9.32 21.65 -16.44
N SER A 2 8.63 21.64 -15.31
CA SER A 2 9.21 21.17 -14.06
C SER A 2 8.28 20.19 -13.36
N SER A 3 7.01 20.55 -13.27
CA SER A 3 6.02 19.70 -12.62
C SER A 3 5.53 18.61 -13.56
N GLY A 4 4.90 17.59 -13.00
CA GLY A 4 4.40 16.49 -13.80
C GLY A 4 4.52 15.15 -13.09
N SER A 5 3.52 14.82 -12.28
CA SER A 5 3.52 13.56 -11.54
C SER A 5 2.10 13.10 -11.27
N SER A 6 1.97 11.90 -10.73
CA SER A 6 0.66 11.33 -10.42
C SER A 6 0.43 11.27 -8.91
N GLY A 7 -0.83 11.42 -8.51
CA GLY A 7 -1.17 11.39 -7.10
C GLY A 7 -0.94 12.73 -6.43
N SER A 8 -2.04 13.38 -6.04
CA SER A 8 -1.96 14.69 -5.38
C SER A 8 -1.63 14.52 -3.90
N ARG A 9 -2.49 13.81 -3.18
CA ARG A 9 -2.30 13.58 -1.75
C ARG A 9 -1.25 12.51 -1.52
N ASP A 10 -0.18 12.88 -0.83
CA ASP A 10 0.91 11.95 -0.53
C ASP A 10 0.88 11.54 0.94
N ILE A 11 0.80 10.24 1.19
CA ILE A 11 0.78 9.72 2.55
C ILE A 11 2.19 9.51 3.09
N ARG A 12 2.54 10.26 4.12
CA ARG A 12 3.85 10.16 4.74
C ARG A 12 3.74 9.84 6.22
N PHE A 13 3.15 10.77 6.97
CA PHE A 13 2.97 10.60 8.41
C PHE A 13 1.53 10.26 8.75
N ALA A 14 0.95 9.35 7.97
CA ALA A 14 -0.44 8.94 8.19
C ALA A 14 -0.50 7.53 8.78
N ASN A 15 -1.71 7.09 9.12
CA ASN A 15 -1.90 5.76 9.69
C ASN A 15 -1.72 4.67 8.62
N HIS A 16 -2.38 4.85 7.49
CA HIS A 16 -2.30 3.90 6.40
C HIS A 16 -0.88 3.34 6.27
N GLU A 17 -0.78 2.03 6.11
CA GLU A 17 0.52 1.37 5.98
C GLU A 17 0.97 1.34 4.53
N THR A 18 2.27 1.13 4.32
CA THR A 18 2.82 1.09 2.97
C THR A 18 3.56 -0.22 2.74
N LEU A 19 3.18 -0.92 1.68
CA LEU A 19 3.80 -2.19 1.33
C LEU A 19 4.31 -2.19 -0.11
N GLN A 20 5.37 -2.94 -0.36
CA GLN A 20 5.95 -3.02 -1.70
C GLN A 20 5.69 -4.38 -2.32
N VAL A 21 5.19 -4.37 -3.56
CA VAL A 21 4.89 -5.61 -4.27
C VAL A 21 6.15 -6.45 -4.46
N ILE A 22 5.99 -7.77 -4.38
CA ILE A 22 7.11 -8.69 -4.54
C ILE A 22 6.87 -9.65 -5.69
N TYR A 23 5.62 -9.72 -6.15
CA TYR A 23 5.26 -10.61 -7.25
C TYR A 23 3.93 -10.19 -7.88
N PRO A 24 3.83 -10.38 -9.20
CA PRO A 24 2.61 -10.02 -9.95
C PRO A 24 1.44 -10.93 -9.62
N TYR A 25 0.24 -10.50 -9.99
CA TYR A 25 -0.97 -11.28 -9.72
C TYR A 25 -2.12 -10.82 -10.62
N THR A 26 -2.74 -11.77 -11.30
CA THR A 26 -3.85 -11.47 -12.20
C THR A 26 -5.19 -11.72 -11.52
N PRO A 27 -5.91 -10.63 -11.19
CA PRO A 27 -7.21 -10.71 -10.54
C PRO A 27 -8.29 -11.27 -11.45
N GLN A 28 -9.42 -11.66 -10.86
CA GLN A 28 -10.53 -12.22 -11.63
C GLN A 28 -11.74 -11.29 -11.58
N ASN A 29 -11.78 -10.43 -10.56
CA ASN A 29 -12.89 -9.51 -10.40
C ASN A 29 -12.45 -8.26 -9.62
N ASP A 30 -13.38 -7.35 -9.40
CA ASP A 30 -13.09 -6.12 -8.66
C ASP A 30 -12.70 -6.43 -7.22
N ASP A 31 -13.28 -7.49 -6.67
CA ASP A 31 -12.99 -7.89 -5.30
C ASP A 31 -11.51 -7.73 -4.99
N GLU A 32 -10.66 -8.18 -5.91
CA GLU A 32 -9.22 -8.08 -5.73
C GLU A 32 -8.63 -6.97 -6.60
N LEU A 33 -7.32 -6.77 -6.51
CA LEU A 33 -6.64 -5.73 -7.27
C LEU A 33 -5.39 -6.29 -7.95
N GLU A 34 -5.02 -5.70 -9.08
CA GLU A 34 -3.84 -6.14 -9.81
C GLU A 34 -2.58 -5.91 -9.01
N LEU A 35 -1.54 -6.67 -9.31
CA LEU A 35 -0.26 -6.56 -8.61
C LEU A 35 0.86 -6.23 -9.58
N VAL A 36 1.67 -5.22 -9.23
CA VAL A 36 2.79 -4.81 -10.07
C VAL A 36 4.09 -4.83 -9.28
N PRO A 37 5.10 -5.54 -9.83
CA PRO A 37 6.42 -5.65 -9.19
C PRO A 37 7.19 -4.35 -9.24
N GLY A 38 7.39 -3.74 -8.07
CA GLY A 38 8.12 -2.48 -8.00
C GLY A 38 7.23 -1.32 -7.61
N ASP A 39 6.01 -1.62 -7.20
CA ASP A 39 5.06 -0.59 -6.79
C ASP A 39 4.76 -0.69 -5.29
N PHE A 40 3.93 0.23 -4.81
CA PHE A 40 3.57 0.25 -3.40
C PHE A 40 2.07 0.00 -3.21
N ILE A 41 1.66 -0.21 -1.98
CA ILE A 41 0.26 -0.46 -1.66
C ILE A 41 -0.12 0.13 -0.30
N PHE A 42 -1.15 0.96 -0.30
CA PHE A 42 -1.62 1.59 0.95
C PHE A 42 -2.70 0.74 1.61
N MET A 43 -2.38 0.18 2.78
CA MET A 43 -3.32 -0.65 3.51
C MET A 43 -3.99 0.15 4.62
N SER A 44 -5.30 -0.01 4.76
CA SER A 44 -6.05 0.70 5.78
C SER A 44 -6.92 -0.27 6.59
N PRO A 45 -7.02 -0.01 7.90
CA PRO A 45 -7.81 -0.85 8.81
C PRO A 45 -9.31 -0.72 8.56
N MET A 46 -9.73 0.46 8.13
CA MET A 46 -11.14 0.72 7.84
C MET A 46 -11.55 0.10 6.52
N GLU A 47 -10.63 -0.63 5.90
CA GLU A 47 -10.91 -1.29 4.63
C GLU A 47 -10.56 -2.77 4.70
N GLN A 48 -10.08 -3.22 5.85
CA GLN A 48 -9.72 -4.61 6.04
C GLN A 48 -10.91 -5.52 5.80
N THR A 49 -11.12 -5.89 4.54
CA THR A 49 -12.24 -6.76 4.17
C THR A 49 -11.74 -8.13 3.75
N SER A 50 -11.97 -9.13 4.60
CA SER A 50 -11.54 -10.49 4.32
C SER A 50 -10.02 -10.59 4.32
N THR A 51 -9.37 -9.72 5.08
CA THR A 51 -7.92 -9.71 5.16
C THR A 51 -7.42 -10.64 6.25
N SER A 52 -8.02 -10.54 7.43
CA SER A 52 -7.64 -11.38 8.56
C SER A 52 -7.35 -12.80 8.11
N GLU A 53 -8.16 -13.30 7.18
CA GLU A 53 -7.99 -14.65 6.66
C GLU A 53 -6.62 -14.83 6.03
N GLY A 54 -6.21 -13.84 5.23
CA GLY A 54 -4.92 -13.91 4.58
C GLY A 54 -4.72 -12.80 3.56
N TRP A 55 -5.82 -12.26 3.06
CA TRP A 55 -5.77 -11.19 2.08
C TRP A 55 -5.50 -9.85 2.74
N ILE A 56 -5.44 -8.79 1.94
CA ILE A 56 -5.18 -7.45 2.46
C ILE A 56 -5.68 -6.39 1.48
N TYR A 57 -6.59 -5.54 1.95
CA TYR A 57 -7.15 -4.48 1.12
C TYR A 57 -6.19 -3.29 1.05
N GLY A 58 -5.65 -3.04 -0.14
CA GLY A 58 -4.73 -1.94 -0.33
C GLY A 58 -5.05 -1.11 -1.56
N THR A 59 -4.31 -0.03 -1.75
CA THR A 59 -4.52 0.85 -2.89
C THR A 59 -3.24 1.04 -3.69
N SER A 60 -3.33 0.89 -5.01
CA SER A 60 -2.17 1.04 -5.88
C SER A 60 -1.67 2.48 -5.87
N LEU A 61 -0.37 2.64 -6.05
CA LEU A 61 0.24 3.97 -6.07
C LEU A 61 0.44 4.47 -7.49
N THR A 62 0.78 3.54 -8.39
CA THR A 62 0.99 3.89 -9.79
C THR A 62 -0.34 4.16 -10.50
N THR A 63 -1.32 3.29 -10.25
CA THR A 63 -2.63 3.44 -10.87
C THR A 63 -3.59 4.19 -9.95
N GLY A 64 -3.60 3.81 -8.68
CA GLY A 64 -4.48 4.46 -7.73
C GLY A 64 -5.71 3.64 -7.40
N CYS A 65 -5.78 2.45 -7.96
CA CYS A 65 -6.92 1.56 -7.74
C CYS A 65 -6.88 1.00 -6.32
N SER A 66 -7.91 0.23 -5.97
CA SER A 66 -8.01 -0.37 -4.65
C SER A 66 -8.74 -1.71 -4.70
N GLY A 67 -8.25 -2.68 -3.93
CA GLY A 67 -8.86 -3.98 -3.90
C GLY A 67 -8.16 -4.94 -2.96
N LEU A 68 -8.63 -6.18 -2.92
CA LEU A 68 -8.03 -7.20 -2.06
C LEU A 68 -6.90 -7.92 -2.77
N LEU A 69 -5.79 -8.13 -2.06
CA LEU A 69 -4.64 -8.82 -2.62
C LEU A 69 -4.02 -9.77 -1.60
N PRO A 70 -3.36 -10.83 -2.11
CA PRO A 70 -2.71 -11.84 -1.26
C PRO A 70 -1.50 -11.29 -0.53
N GLU A 71 -1.50 -11.40 0.80
CA GLU A 71 -0.39 -10.92 1.61
C GLU A 71 0.91 -11.60 1.21
N ASN A 72 0.81 -12.64 0.39
CA ASN A 72 1.97 -13.39 -0.05
C ASN A 72 2.48 -12.83 -1.39
N TYR A 73 2.09 -11.61 -1.71
CA TYR A 73 2.51 -10.96 -2.94
C TYR A 73 3.09 -9.58 -2.68
N ILE A 74 3.07 -9.17 -1.41
CA ILE A 74 3.59 -7.87 -1.03
C ILE A 74 4.48 -7.99 0.22
N THR A 75 5.05 -6.86 0.63
CA THR A 75 5.92 -6.83 1.81
C THR A 75 5.90 -5.45 2.46
N LYS A 76 6.30 -5.41 3.73
CA LYS A 76 6.34 -4.16 4.47
C LYS A 76 7.18 -3.12 3.75
N ALA A 77 6.81 -1.85 3.90
CA ALA A 77 7.54 -0.76 3.26
C ALA A 77 8.98 -0.70 3.76
N ASP A 78 9.89 -1.34 3.03
CA ASP A 78 11.29 -1.35 3.39
C ASP A 78 11.98 -0.07 2.95
N GLU A 79 11.64 0.41 1.77
CA GLU A 79 12.23 1.63 1.22
C GLU A 79 11.59 2.86 1.86
N CYS A 80 12.30 3.48 2.80
CA CYS A 80 11.80 4.66 3.48
C CYS A 80 12.95 5.53 3.98
N SER A 81 12.66 6.79 4.26
CA SER A 81 13.67 7.73 4.74
C SER A 81 13.76 7.70 6.26
N THR A 82 14.65 8.53 6.81
CA THR A 82 14.83 8.60 8.25
C THR A 82 13.51 8.85 8.97
N TRP A 83 13.35 8.24 10.14
CA TRP A 83 12.14 8.39 10.93
C TRP A 83 12.09 9.77 11.59
N ILE A 84 13.23 10.21 12.09
CA ILE A 84 13.32 11.51 12.75
C ILE A 84 14.42 12.36 12.14
N PHE A 85 15.63 11.80 12.07
CA PHE A 85 16.77 12.52 11.51
C PHE A 85 16.33 13.42 10.36
N HIS A 86 16.77 14.68 10.41
CA HIS A 86 16.43 15.64 9.37
C HIS A 86 17.64 15.98 8.52
N GLY A 87 17.76 15.32 7.37
CA GLY A 87 18.89 15.55 6.48
C GLY A 87 19.42 14.28 5.87
N SER A 88 19.36 14.20 4.54
CA SER A 88 19.83 13.03 3.82
C SER A 88 21.08 13.35 3.01
N SER A 89 22.07 13.94 3.68
CA SER A 89 23.32 14.30 3.01
C SER A 89 24.50 13.54 3.61
N GLY A 90 25.29 12.90 2.76
CA GLY A 90 26.43 12.15 3.22
C GLY A 90 26.13 10.68 3.41
N PRO A 91 27.12 9.81 3.16
CA PRO A 91 26.98 8.37 3.30
C PRO A 91 26.84 7.93 4.75
N SER A 92 26.92 8.90 5.66
CA SER A 92 26.80 8.61 7.09
C SER A 92 25.81 7.50 7.35
N SER A 93 26.20 6.53 8.17
CA SER A 93 25.34 5.40 8.50
C SER A 93 24.66 4.86 7.25
N GLY A 94 25.39 4.88 6.14
CA GLY A 94 24.85 4.38 4.88
C GLY A 94 24.13 5.46 4.10
N GLY A 1 -15.97 26.29 -9.22
CA GLY A 1 -16.42 26.11 -7.85
C GLY A 1 -15.86 24.85 -7.22
N SER A 2 -16.04 23.72 -7.90
CA SER A 2 -15.56 22.45 -7.40
C SER A 2 -15.21 21.50 -8.55
N SER A 3 -14.10 20.79 -8.41
CA SER A 3 -13.65 19.86 -9.44
C SER A 3 -14.42 18.54 -9.35
N GLY A 4 -14.55 18.02 -8.13
CA GLY A 4 -15.26 16.77 -7.92
C GLY A 4 -16.10 16.78 -6.66
N SER A 5 -17.32 16.25 -6.76
CA SER A 5 -18.22 16.20 -5.62
C SER A 5 -18.47 14.77 -5.17
N SER A 6 -18.96 13.94 -6.10
CA SER A 6 -19.23 12.54 -5.81
C SER A 6 -18.30 11.62 -6.58
N GLY A 7 -17.14 11.33 -6.00
CA GLY A 7 -16.18 10.46 -6.65
C GLY A 7 -14.77 10.71 -6.17
N SER A 8 -14.34 11.97 -6.20
CA SER A 8 -13.00 12.33 -5.77
C SER A 8 -12.66 11.69 -4.44
N ARG A 9 -11.56 10.93 -4.42
CA ARG A 9 -11.13 10.25 -3.19
C ARG A 9 -9.61 10.30 -3.06
N ASP A 10 -9.13 10.47 -1.84
CA ASP A 10 -7.70 10.53 -1.58
C ASP A 10 -7.42 10.33 -0.09
N ILE A 11 -6.14 10.15 0.23
CA ILE A 11 -5.73 9.94 1.62
C ILE A 11 -5.36 11.27 2.28
N ARG A 12 -6.03 11.59 3.38
CA ARG A 12 -5.78 12.83 4.10
C ARG A 12 -4.57 12.67 5.02
N PHE A 13 -3.53 12.02 4.52
CA PHE A 13 -2.32 11.80 5.30
C PHE A 13 -2.62 11.02 6.57
N ALA A 14 -3.47 10.01 6.44
CA ALA A 14 -3.85 9.18 7.59
C ALA A 14 -2.72 8.23 7.96
N ASN A 15 -2.96 7.42 8.98
CA ASN A 15 -1.95 6.47 9.45
C ASN A 15 -1.97 5.20 8.60
N HIS A 16 -2.05 5.37 7.28
CA HIS A 16 -2.08 4.25 6.35
C HIS A 16 -0.69 3.65 6.19
N GLU A 17 -0.62 2.32 6.07
CA GLU A 17 0.65 1.63 5.92
C GLU A 17 1.01 1.49 4.44
N THR A 18 2.30 1.32 4.16
CA THR A 18 2.77 1.17 2.80
C THR A 18 3.52 -0.14 2.61
N LEU A 19 3.14 -0.88 1.56
CA LEU A 19 3.78 -2.16 1.27
C LEU A 19 4.25 -2.21 -0.18
N GLN A 20 5.32 -2.98 -0.41
CA GLN A 20 5.87 -3.13 -1.76
C GLN A 20 5.59 -4.51 -2.32
N VAL A 21 5.09 -4.55 -3.55
CA VAL A 21 4.77 -5.81 -4.20
C VAL A 21 6.04 -6.62 -4.48
N ILE A 22 6.00 -7.90 -4.15
CA ILE A 22 7.15 -8.78 -4.36
C ILE A 22 6.92 -9.68 -5.57
N TYR A 23 5.66 -9.97 -5.86
CA TYR A 23 5.32 -10.83 -7.00
C TYR A 23 4.02 -10.37 -7.65
N PRO A 24 3.95 -10.50 -8.99
CA PRO A 24 2.76 -10.11 -9.76
C PRO A 24 1.57 -11.03 -9.50
N TYR A 25 0.37 -10.48 -9.66
CA TYR A 25 -0.85 -11.26 -9.43
C TYR A 25 -1.98 -10.76 -10.34
N THR A 26 -2.47 -11.66 -11.19
CA THR A 26 -3.55 -11.33 -12.10
C THR A 26 -4.92 -11.60 -11.48
N PRO A 27 -5.63 -10.53 -11.13
CA PRO A 27 -6.96 -10.63 -10.52
C PRO A 27 -8.01 -11.13 -11.50
N GLN A 28 -9.20 -11.44 -11.00
CA GLN A 28 -10.29 -11.91 -11.83
C GLN A 28 -11.50 -10.99 -11.74
N ASN A 29 -11.50 -10.12 -10.74
CA ASN A 29 -12.60 -9.18 -10.54
C ASN A 29 -12.14 -7.99 -9.71
N ASP A 30 -13.04 -7.02 -9.53
CA ASP A 30 -12.73 -5.82 -8.76
C ASP A 30 -12.41 -6.17 -7.31
N ASP A 31 -13.15 -7.12 -6.76
CA ASP A 31 -12.95 -7.55 -5.37
C ASP A 31 -11.47 -7.51 -5.00
N GLU A 32 -10.61 -7.92 -5.95
CA GLU A 32 -9.18 -7.93 -5.73
C GLU A 32 -8.51 -6.79 -6.48
N LEU A 33 -7.20 -6.64 -6.27
CA LEU A 33 -6.43 -5.59 -6.93
C LEU A 33 -5.23 -6.17 -7.67
N GLU A 34 -4.91 -5.58 -8.82
CA GLU A 34 -3.78 -6.05 -9.62
C GLU A 34 -2.46 -5.72 -8.94
N LEU A 35 -1.59 -6.73 -8.83
CA LEU A 35 -0.29 -6.54 -8.20
C LEU A 35 0.81 -6.41 -9.24
N VAL A 36 1.66 -5.40 -9.09
CA VAL A 36 2.76 -5.17 -10.01
C VAL A 36 4.10 -5.16 -9.29
N PRO A 37 5.08 -5.87 -9.85
CA PRO A 37 6.43 -5.96 -9.26
C PRO A 37 7.19 -4.65 -9.38
N GLY A 38 7.28 -3.91 -8.28
CA GLY A 38 7.99 -2.65 -8.29
C GLY A 38 7.09 -1.48 -7.96
N ASP A 39 5.90 -1.77 -7.44
CA ASP A 39 4.94 -0.74 -7.08
C ASP A 39 4.68 -0.74 -5.58
N PHE A 40 3.84 0.20 -5.13
CA PHE A 40 3.51 0.31 -3.72
C PHE A 40 2.00 0.14 -3.50
N ILE A 41 1.62 -0.15 -2.27
CA ILE A 41 0.21 -0.33 -1.93
C ILE A 41 -0.09 0.24 -0.54
N PHE A 42 -1.24 0.89 -0.41
CA PHE A 42 -1.65 1.47 0.85
C PHE A 42 -2.69 0.59 1.54
N MET A 43 -2.30 0.02 2.69
CA MET A 43 -3.19 -0.84 3.45
C MET A 43 -3.81 -0.09 4.62
N SER A 44 -5.12 -0.23 4.79
CA SER A 44 -5.84 0.43 5.87
C SER A 44 -6.78 -0.54 6.58
N PRO A 45 -6.79 -0.47 7.93
CA PRO A 45 -7.63 -1.33 8.76
C PRO A 45 -9.12 -0.98 8.63
N MET A 46 -9.40 0.23 8.17
CA MET A 46 -10.77 0.68 7.99
C MET A 46 -11.46 -0.10 6.89
N GLU A 47 -10.69 -0.51 5.87
CA GLU A 47 -11.24 -1.25 4.76
C GLU A 47 -10.57 -2.63 4.64
N GLN A 48 -10.39 -3.28 5.79
CA GLN A 48 -9.77 -4.60 5.82
C GLN A 48 -10.81 -5.70 5.80
N THR A 49 -11.30 -6.02 4.60
CA THR A 49 -12.31 -7.06 4.43
C THR A 49 -11.67 -8.40 4.10
N SER A 50 -12.17 -9.46 4.73
CA SER A 50 -11.65 -10.80 4.49
C SER A 50 -10.13 -10.77 4.37
N THR A 51 -9.50 -9.84 5.07
CA THR A 51 -8.05 -9.71 5.03
C THR A 51 -7.39 -10.57 6.10
N SER A 52 -7.75 -10.36 7.35
CA SER A 52 -7.20 -11.12 8.46
C SER A 52 -6.96 -12.57 8.05
N GLU A 53 -7.93 -13.16 7.35
CA GLU A 53 -7.83 -14.53 6.90
C GLU A 53 -6.52 -14.77 6.16
N GLY A 54 -6.19 -13.86 5.25
CA GLY A 54 -4.96 -13.99 4.49
C GLY A 54 -4.78 -12.88 3.47
N TRP A 55 -5.91 -12.32 3.03
CA TRP A 55 -5.87 -11.24 2.04
C TRP A 55 -5.63 -9.89 2.71
N ILE A 56 -5.57 -8.83 1.91
CA ILE A 56 -5.34 -7.49 2.43
C ILE A 56 -5.81 -6.42 1.44
N TYR A 57 -6.70 -5.56 1.89
CA TYR A 57 -7.23 -4.49 1.03
C TYR A 57 -6.22 -3.35 0.91
N GLY A 58 -5.74 -3.13 -0.30
CA GLY A 58 -4.77 -2.07 -0.53
C GLY A 58 -5.07 -1.27 -1.78
N THR A 59 -4.41 -0.13 -1.94
CA THR A 59 -4.61 0.73 -3.10
C THR A 59 -3.30 0.96 -3.86
N SER A 60 -3.37 0.90 -5.18
CA SER A 60 -2.19 1.09 -6.01
C SER A 60 -1.72 2.54 -5.96
N LEU A 61 -0.42 2.74 -6.15
CA LEU A 61 0.17 4.07 -6.11
C LEU A 61 0.39 4.60 -7.52
N THR A 62 0.65 3.70 -8.45
CA THR A 62 0.89 4.08 -9.85
C THR A 62 -0.42 4.39 -10.56
N THR A 63 -1.46 3.63 -10.22
CA THR A 63 -2.77 3.84 -10.82
C THR A 63 -3.71 4.59 -9.88
N GLY A 64 -4.05 3.96 -8.76
CA GLY A 64 -4.93 4.59 -7.79
C GLY A 64 -6.10 3.71 -7.42
N CYS A 65 -6.25 2.58 -8.12
CA CYS A 65 -7.33 1.65 -7.85
C CYS A 65 -7.11 0.91 -6.53
N SER A 66 -8.19 0.44 -5.93
CA SER A 66 -8.12 -0.27 -4.66
C SER A 66 -8.78 -1.64 -4.77
N GLY A 67 -8.35 -2.58 -3.93
CA GLY A 67 -8.92 -3.91 -3.95
C GLY A 67 -8.19 -4.86 -3.00
N LEU A 68 -8.65 -6.11 -2.96
CA LEU A 68 -8.04 -7.11 -2.10
C LEU A 68 -6.89 -7.82 -2.81
N LEU A 69 -5.88 -8.21 -2.05
CA LEU A 69 -4.72 -8.90 -2.61
C LEU A 69 -4.11 -9.86 -1.59
N PRO A 70 -3.41 -10.89 -2.09
CA PRO A 70 -2.76 -11.89 -1.24
C PRO A 70 -1.57 -11.33 -0.48
N GLU A 71 -1.64 -11.38 0.85
CA GLU A 71 -0.56 -10.87 1.69
C GLU A 71 0.75 -11.55 1.35
N ASN A 72 0.68 -12.63 0.58
CA ASN A 72 1.88 -13.37 0.19
C ASN A 72 2.42 -12.87 -1.15
N TYR A 73 2.06 -11.64 -1.50
CA TYR A 73 2.50 -11.04 -2.75
C TYR A 73 3.08 -9.65 -2.51
N ILE A 74 3.01 -9.19 -1.27
CA ILE A 74 3.53 -7.87 -0.91
C ILE A 74 4.49 -7.96 0.26
N THR A 75 5.02 -6.82 0.68
CA THR A 75 5.96 -6.77 1.79
C THR A 75 5.96 -5.39 2.45
N LYS A 76 6.44 -5.33 3.69
CA LYS A 76 6.50 -4.07 4.42
C LYS A 76 7.35 -3.04 3.68
N ALA A 77 6.95 -1.78 3.75
CA ALA A 77 7.68 -0.71 3.09
C ALA A 77 9.14 -0.69 3.52
N ASP A 78 9.99 -1.37 2.77
CA ASP A 78 11.42 -1.44 3.07
C ASP A 78 12.15 -0.25 2.48
N GLU A 79 11.79 0.11 1.25
CA GLU A 79 12.42 1.23 0.57
C GLU A 79 11.82 2.57 1.03
N CYS A 80 11.60 2.68 2.34
CA CYS A 80 11.03 3.90 2.90
C CYS A 80 12.09 4.98 3.05
N SER A 81 11.64 6.22 3.18
CA SER A 81 12.55 7.36 3.33
C SER A 81 12.28 8.10 4.63
N THR A 82 13.17 9.03 4.97
CA THR A 82 13.04 9.81 6.19
C THR A 82 11.97 10.89 6.04
N TRP A 83 11.53 11.43 7.17
CA TRP A 83 10.50 12.46 7.16
C TRP A 83 10.92 13.64 8.04
N ILE A 84 11.49 13.34 9.20
CA ILE A 84 11.92 14.37 10.14
C ILE A 84 13.40 14.21 10.49
N PHE A 85 13.96 13.05 10.14
CA PHE A 85 15.36 12.76 10.42
C PHE A 85 16.21 14.03 10.32
N HIS A 86 17.18 14.16 11.22
CA HIS A 86 18.06 15.32 11.23
C HIS A 86 19.45 14.95 10.73
N GLY A 87 20.14 15.93 10.15
CA GLY A 87 21.48 15.68 9.64
C GLY A 87 22.35 16.92 9.71
N SER A 88 23.67 16.72 9.66
CA SER A 88 24.62 17.83 9.71
C SER A 88 24.60 18.62 8.40
N SER A 89 24.42 19.93 8.51
CA SER A 89 24.38 20.79 7.33
C SER A 89 25.68 21.57 7.19
N GLY A 90 26.15 21.71 5.96
CA GLY A 90 27.39 22.43 5.71
C GLY A 90 28.62 21.60 6.02
N PRO A 91 29.70 22.27 6.46
CA PRO A 91 30.95 21.60 6.80
C PRO A 91 30.84 20.73 8.06
N SER A 92 31.57 19.63 8.08
CA SER A 92 31.55 18.72 9.22
C SER A 92 32.61 19.10 10.24
N SER A 93 32.29 20.08 11.09
CA SER A 93 33.22 20.54 12.11
C SER A 93 33.13 19.66 13.36
N GLY A 94 34.21 19.64 14.14
CA GLY A 94 34.24 18.84 15.35
C GLY A 94 35.61 18.81 15.99
N GLY A 1 -22.20 8.75 0.80
CA GLY A 1 -22.25 9.49 -0.44
C GLY A 1 -21.43 10.76 -0.40
N SER A 2 -22.08 11.87 -0.07
CA SER A 2 -21.40 13.16 0.01
C SER A 2 -21.21 13.59 1.47
N SER A 3 -20.06 13.25 2.03
CA SER A 3 -19.74 13.60 3.40
C SER A 3 -20.80 13.03 4.36
N GLY A 4 -21.11 11.74 4.19
CA GLY A 4 -22.10 11.11 5.04
C GLY A 4 -21.62 9.78 5.59
N SER A 5 -21.19 8.90 4.70
CA SER A 5 -20.71 7.58 5.10
C SER A 5 -19.26 7.38 4.68
N SER A 6 -18.99 7.56 3.39
CA SER A 6 -17.65 7.39 2.86
C SER A 6 -16.78 8.60 3.18
N GLY A 7 -17.10 9.72 2.55
CA GLY A 7 -16.34 10.94 2.78
C GLY A 7 -15.74 11.50 1.51
N SER A 8 -14.49 11.12 1.23
CA SER A 8 -13.80 11.59 0.04
C SER A 8 -12.48 10.84 -0.14
N ARG A 9 -11.84 11.06 -1.29
CA ARG A 9 -10.57 10.42 -1.59
C ARG A 9 -9.39 11.34 -1.25
N ASP A 10 -8.98 11.29 0.02
CA ASP A 10 -7.86 12.12 0.47
C ASP A 10 -7.30 11.60 1.79
N ILE A 11 -5.99 11.37 1.82
CA ILE A 11 -5.34 10.87 3.02
C ILE A 11 -4.95 12.01 3.95
N ARG A 12 -5.54 12.02 5.14
CA ARG A 12 -5.27 13.05 6.14
C ARG A 12 -4.24 12.56 7.15
N PHE A 13 -3.15 11.98 6.66
CA PHE A 13 -2.09 11.47 7.53
C PHE A 13 -2.65 10.42 8.50
N ALA A 14 -3.47 9.52 7.98
CA ALA A 14 -4.06 8.47 8.80
C ALA A 14 -3.05 7.38 9.10
N ASN A 15 -3.51 6.32 9.77
CA ASN A 15 -2.63 5.21 10.13
C ASN A 15 -2.52 4.22 8.97
N HIS A 16 -2.34 4.74 7.76
CA HIS A 16 -2.21 3.91 6.57
C HIS A 16 -0.80 3.33 6.47
N GLU A 17 -0.73 2.04 6.14
CA GLU A 17 0.56 1.36 6.01
C GLU A 17 1.02 1.34 4.55
N THR A 18 2.32 1.16 4.36
CA THR A 18 2.88 1.12 3.01
C THR A 18 3.65 -0.18 2.77
N LEU A 19 3.25 -0.92 1.74
CA LEU A 19 3.90 -2.17 1.40
C LEU A 19 4.37 -2.18 -0.04
N GLN A 20 5.42 -2.94 -0.32
CA GLN A 20 5.97 -3.03 -1.66
C GLN A 20 5.67 -4.39 -2.28
N VAL A 21 5.15 -4.38 -3.51
CA VAL A 21 4.82 -5.61 -4.22
C VAL A 21 6.08 -6.41 -4.56
N ILE A 22 6.10 -7.67 -4.15
CA ILE A 22 7.24 -8.54 -4.42
C ILE A 22 6.98 -9.44 -5.62
N TYR A 23 5.71 -9.57 -5.98
CA TYR A 23 5.32 -10.41 -7.12
C TYR A 23 3.99 -9.96 -7.70
N PRO A 24 3.84 -10.09 -9.03
CA PRO A 24 2.62 -9.71 -9.73
C PRO A 24 1.45 -10.64 -9.41
N TYR A 25 0.24 -10.19 -9.71
CA TYR A 25 -0.96 -10.98 -9.46
C TYR A 25 -2.04 -10.68 -10.50
N THR A 26 -2.78 -11.72 -10.88
CA THR A 26 -3.84 -11.58 -11.86
C THR A 26 -5.21 -11.83 -11.24
N PRO A 27 -5.93 -10.74 -10.91
CA PRO A 27 -7.25 -10.81 -10.30
C PRO A 27 -8.30 -11.32 -11.29
N GLN A 28 -9.49 -11.64 -10.76
CA GLN A 28 -10.58 -12.14 -11.59
C GLN A 28 -11.83 -11.30 -11.41
N ASN A 29 -11.83 -10.47 -10.36
CA ASN A 29 -12.97 -9.60 -10.08
C ASN A 29 -12.53 -8.30 -9.45
N ASP A 30 -13.48 -7.43 -9.12
CA ASP A 30 -13.18 -6.15 -8.50
C ASP A 30 -12.73 -6.33 -7.06
N ASP A 31 -13.41 -7.21 -6.34
CA ASP A 31 -13.08 -7.48 -4.94
C ASP A 31 -11.57 -7.46 -4.73
N GLU A 32 -10.83 -8.01 -5.68
CA GLU A 32 -9.37 -8.04 -5.60
C GLU A 32 -8.75 -6.94 -6.45
N LEU A 33 -7.43 -6.85 -6.41
CA LEU A 33 -6.70 -5.84 -7.17
C LEU A 33 -5.45 -6.43 -7.80
N GLU A 34 -5.01 -5.85 -8.90
CA GLU A 34 -3.82 -6.32 -9.60
C GLU A 34 -2.55 -5.90 -8.85
N LEU A 35 -1.51 -6.70 -8.99
CA LEU A 35 -0.23 -6.43 -8.33
C LEU A 35 0.88 -6.21 -9.34
N VAL A 36 1.66 -5.16 -9.14
CA VAL A 36 2.76 -4.84 -10.04
C VAL A 36 4.10 -4.87 -9.30
N PRO A 37 5.07 -5.57 -9.89
CA PRO A 37 6.42 -5.70 -9.30
C PRO A 37 7.20 -4.39 -9.36
N GLY A 38 7.33 -3.74 -8.21
CA GLY A 38 8.05 -2.48 -8.14
C GLY A 38 7.15 -1.31 -7.77
N ASP A 39 5.97 -1.62 -7.26
CA ASP A 39 5.00 -0.58 -6.88
C ASP A 39 4.71 -0.65 -5.39
N PHE A 40 4.00 0.36 -4.89
CA PHE A 40 3.65 0.41 -3.47
C PHE A 40 2.15 0.20 -3.28
N ILE A 41 1.77 -0.18 -2.06
CA ILE A 41 0.37 -0.41 -1.73
C ILE A 41 0.00 0.18 -0.39
N PHE A 42 -1.12 0.88 -0.34
CA PHE A 42 -1.58 1.51 0.90
C PHE A 42 -2.65 0.65 1.58
N MET A 43 -2.30 0.08 2.73
CA MET A 43 -3.23 -0.76 3.48
C MET A 43 -3.85 0.02 4.63
N SER A 44 -5.15 -0.19 4.84
CA SER A 44 -5.87 0.49 5.91
C SER A 44 -6.82 -0.46 6.62
N PRO A 45 -6.80 -0.42 7.97
CA PRO A 45 -7.66 -1.28 8.79
C PRO A 45 -9.13 -0.90 8.70
N MET A 46 -9.40 0.22 8.02
CA MET A 46 -10.78 0.69 7.86
C MET A 46 -11.47 -0.04 6.72
N GLU A 47 -10.69 -0.51 5.75
CA GLU A 47 -11.24 -1.22 4.60
C GLU A 47 -10.55 -2.58 4.43
N GLN A 48 -10.32 -3.27 5.54
CA GLN A 48 -9.66 -4.57 5.51
C GLN A 48 -10.68 -5.69 5.56
N THR A 49 -11.37 -5.92 4.45
CA THR A 49 -12.37 -6.98 4.37
C THR A 49 -11.75 -8.31 3.96
N SER A 50 -12.25 -9.38 4.54
CA SER A 50 -11.75 -10.72 4.23
C SER A 50 -10.23 -10.70 4.11
N THR A 51 -9.58 -9.86 4.90
CA THR A 51 -8.13 -9.75 4.87
C THR A 51 -7.49 -10.67 5.89
N SER A 52 -7.86 -10.51 7.15
CA SER A 52 -7.32 -11.34 8.22
C SER A 52 -7.15 -12.79 7.76
N GLU A 53 -8.13 -13.27 7.01
CA GLU A 53 -8.09 -14.65 6.50
C GLU A 53 -6.78 -14.91 5.75
N GLY A 54 -6.39 -13.96 4.91
CA GLY A 54 -5.16 -14.11 4.15
C GLY A 54 -4.95 -12.97 3.17
N TRP A 55 -6.04 -12.33 2.75
CA TRP A 55 -5.96 -11.23 1.81
C TRP A 55 -5.70 -9.92 2.53
N ILE A 56 -5.60 -8.83 1.76
CA ILE A 56 -5.35 -7.51 2.34
C ILE A 56 -5.77 -6.41 1.38
N TYR A 57 -6.65 -5.52 1.85
CA TYR A 57 -7.15 -4.42 1.05
C TYR A 57 -6.11 -3.32 0.94
N GLY A 58 -5.60 -3.09 -0.26
CA GLY A 58 -4.60 -2.05 -0.47
C GLY A 58 -4.90 -1.20 -1.69
N THR A 59 -4.25 -0.05 -1.77
CA THR A 59 -4.44 0.87 -2.90
C THR A 59 -3.17 1.03 -3.71
N SER A 60 -3.26 0.85 -5.02
CA SER A 60 -2.12 0.98 -5.90
C SER A 60 -1.60 2.42 -5.91
N LEU A 61 -0.30 2.58 -6.16
CA LEU A 61 0.32 3.89 -6.21
C LEU A 61 0.55 4.34 -7.65
N THR A 62 0.76 3.37 -8.53
CA THR A 62 0.99 3.66 -9.94
C THR A 62 -0.31 3.89 -10.68
N THR A 63 -1.34 3.12 -10.33
CA THR A 63 -2.64 3.23 -10.95
C THR A 63 -3.63 3.95 -10.05
N GLY A 64 -3.55 3.66 -8.75
CA GLY A 64 -4.44 4.29 -7.80
C GLY A 64 -5.60 3.40 -7.40
N CYS A 65 -5.80 2.33 -8.17
CA CYS A 65 -6.88 1.39 -7.89
C CYS A 65 -6.83 0.90 -6.45
N SER A 66 -7.91 0.27 -6.01
CA SER A 66 -7.99 -0.25 -4.64
C SER A 66 -8.82 -1.53 -4.59
N GLY A 67 -8.24 -2.56 -3.98
CA GLY A 67 -8.95 -3.83 -3.87
C GLY A 67 -8.22 -4.81 -2.97
N LEU A 68 -8.67 -6.07 -2.98
CA LEU A 68 -8.06 -7.10 -2.15
C LEU A 68 -6.90 -7.77 -2.89
N LEU A 69 -5.86 -8.13 -2.15
CA LEU A 69 -4.69 -8.78 -2.73
C LEU A 69 -4.07 -9.77 -1.74
N PRO A 70 -3.33 -10.75 -2.28
CA PRO A 70 -2.67 -11.77 -1.46
C PRO A 70 -1.51 -11.21 -0.64
N GLU A 71 -1.64 -11.26 0.68
CA GLU A 71 -0.60 -10.75 1.57
C GLU A 71 0.75 -11.41 1.26
N ASN A 72 0.71 -12.48 0.49
CA ASN A 72 1.93 -13.21 0.12
C ASN A 72 2.50 -12.69 -1.19
N TYR A 73 2.16 -11.45 -1.52
CA TYR A 73 2.64 -10.83 -2.75
C TYR A 73 3.22 -9.44 -2.48
N ILE A 74 3.14 -9.02 -1.22
CA ILE A 74 3.66 -7.71 -0.83
C ILE A 74 4.63 -7.84 0.33
N THR A 75 5.22 -6.71 0.74
CA THR A 75 6.16 -6.70 1.85
C THR A 75 6.17 -5.35 2.56
N LYS A 76 6.64 -5.34 3.80
CA LYS A 76 6.69 -4.12 4.59
C LYS A 76 7.60 -3.07 3.91
N ALA A 77 7.30 -1.81 4.15
CA ALA A 77 8.08 -0.71 3.57
C ALA A 77 9.39 -0.52 4.33
N ASP A 78 10.08 -1.62 4.60
CA ASP A 78 11.35 -1.58 5.31
C ASP A 78 12.53 -1.70 4.35
N GLU A 79 12.29 -1.37 3.09
CA GLU A 79 13.33 -1.44 2.06
C GLU A 79 14.05 -0.11 1.92
N CYS A 80 15.21 0.01 2.54
CA CYS A 80 16.00 1.23 2.49
C CYS A 80 15.17 2.43 2.89
N SER A 81 14.29 2.23 3.88
CA SER A 81 13.42 3.30 4.36
C SER A 81 12.87 2.97 5.74
N THR A 82 13.07 3.88 6.69
CA THR A 82 12.60 3.68 8.06
C THR A 82 11.10 3.95 8.16
N TRP A 83 10.51 3.54 9.28
CA TRP A 83 9.08 3.73 9.49
C TRP A 83 8.82 4.29 10.89
N ILE A 84 9.48 3.71 11.89
CA ILE A 84 9.32 4.15 13.27
C ILE A 84 10.63 4.69 13.83
N PHE A 85 11.72 4.37 13.16
CA PHE A 85 13.04 4.82 13.59
C PHE A 85 12.96 6.19 14.23
N HIS A 86 13.69 6.37 15.33
CA HIS A 86 13.71 7.65 16.05
C HIS A 86 14.97 8.44 15.71
N GLY A 87 14.97 9.72 16.06
CA GLY A 87 16.12 10.57 15.79
C GLY A 87 15.82 11.66 14.78
N SER A 88 15.89 12.91 15.21
CA SER A 88 15.61 14.04 14.35
C SER A 88 16.86 14.89 14.14
N SER A 89 16.76 15.90 13.28
CA SER A 89 17.89 16.77 12.99
C SER A 89 17.44 18.24 12.98
N GLY A 90 18.05 19.03 13.85
CA GLY A 90 17.70 20.45 13.93
C GLY A 90 17.84 21.00 15.33
N PRO A 91 16.72 21.01 16.08
CA PRO A 91 16.69 21.52 17.45
C PRO A 91 17.42 20.61 18.41
N SER A 92 17.51 21.03 19.67
CA SER A 92 18.20 20.25 20.70
C SER A 92 17.26 19.24 21.33
N SER A 93 17.79 18.05 21.62
CA SER A 93 16.99 16.99 22.22
C SER A 93 17.31 16.85 23.71
N GLY A 94 17.44 17.98 24.39
CA GLY A 94 17.75 17.96 25.81
C GLY A 94 18.01 19.35 26.36
N GLY A 1 4.01 16.29 -20.68
CA GLY A 1 3.09 15.71 -19.73
C GLY A 1 2.69 16.68 -18.64
N SER A 2 2.11 16.15 -17.56
CA SER A 2 1.69 16.98 -16.44
C SER A 2 2.34 16.53 -15.14
N SER A 3 2.19 17.35 -14.10
CA SER A 3 2.78 17.03 -12.80
C SER A 3 1.88 16.08 -12.01
N GLY A 4 2.07 14.78 -12.23
CA GLY A 4 1.27 13.80 -11.54
C GLY A 4 -0.17 14.23 -11.35
N SER A 5 -0.77 13.82 -10.24
CA SER A 5 -2.16 14.17 -9.95
C SER A 5 -2.22 15.36 -8.99
N SER A 6 -2.67 16.50 -9.50
CA SER A 6 -2.78 17.71 -8.70
C SER A 6 -3.95 17.61 -7.72
N GLY A 7 -3.86 18.35 -6.61
CA GLY A 7 -4.91 18.33 -5.63
C GLY A 7 -4.83 17.12 -4.71
N SER A 8 -4.71 15.94 -5.32
CA SER A 8 -4.63 14.71 -4.55
C SER A 8 -3.87 14.92 -3.25
N ARG A 9 -4.40 14.36 -2.16
CA ARG A 9 -3.76 14.49 -0.86
C ARG A 9 -3.00 13.24 -0.49
N ASP A 10 -1.90 13.40 0.25
CA ASP A 10 -1.08 12.27 0.67
C ASP A 10 -1.28 11.97 2.15
N ILE A 11 -1.00 10.72 2.54
CA ILE A 11 -1.14 10.30 3.92
C ILE A 11 -0.04 10.90 4.80
N ARG A 12 -0.45 11.74 5.74
CA ARG A 12 0.50 12.39 6.65
C ARG A 12 0.14 12.10 8.10
N PHE A 13 -1.12 12.30 8.44
CA PHE A 13 -1.59 12.07 9.81
C PHE A 13 -2.63 10.95 9.84
N ALA A 14 -2.46 9.96 8.96
CA ALA A 14 -3.38 8.83 8.89
C ALA A 14 -2.71 7.55 9.38
N ASN A 15 -3.50 6.48 9.46
CA ASN A 15 -3.00 5.20 9.92
C ASN A 15 -2.91 4.20 8.78
N HIS A 16 -2.40 4.66 7.63
CA HIS A 16 -2.26 3.82 6.45
C HIS A 16 -0.83 3.30 6.32
N GLU A 17 -0.70 2.02 6.01
CA GLU A 17 0.62 1.39 5.85
C GLU A 17 1.01 1.32 4.38
N THR A 18 2.29 1.10 4.13
CA THR A 18 2.80 1.00 2.76
C THR A 18 3.57 -0.30 2.56
N LEU A 19 3.18 -1.04 1.52
CA LEU A 19 3.83 -2.31 1.21
C LEU A 19 4.35 -2.32 -0.23
N GLN A 20 5.40 -3.10 -0.46
CA GLN A 20 6.00 -3.18 -1.79
C GLN A 20 5.70 -4.55 -2.42
N VAL A 21 5.23 -4.53 -3.66
CA VAL A 21 4.92 -5.77 -4.37
C VAL A 21 6.16 -6.61 -4.58
N ILE A 22 6.06 -7.90 -4.26
CA ILE A 22 7.18 -8.82 -4.42
C ILE A 22 6.95 -9.77 -5.59
N TYR A 23 5.69 -9.90 -6.00
CA TYR A 23 5.34 -10.79 -7.10
C TYR A 23 4.03 -10.34 -7.75
N PRO A 24 3.95 -10.49 -9.08
CA PRO A 24 2.77 -10.12 -9.86
C PRO A 24 1.58 -11.04 -9.59
N TYR A 25 0.37 -10.52 -9.78
CA TYR A 25 -0.84 -11.30 -9.55
C TYR A 25 -1.97 -10.82 -10.46
N THR A 26 -2.55 -11.75 -11.22
CA THR A 26 -3.63 -11.42 -12.13
C THR A 26 -4.99 -11.68 -11.47
N PRO A 27 -5.71 -10.59 -11.16
CA PRO A 27 -7.04 -10.66 -10.54
C PRO A 27 -8.09 -11.22 -11.49
N GLN A 28 -9.25 -11.58 -10.93
CA GLN A 28 -10.34 -12.12 -11.72
C GLN A 28 -11.55 -11.19 -11.70
N ASN A 29 -11.61 -10.34 -10.68
CA ASN A 29 -12.71 -9.39 -10.54
C ASN A 29 -12.27 -8.15 -9.77
N ASP A 30 -13.20 -7.22 -9.58
CA ASP A 30 -12.91 -5.99 -8.86
C ASP A 30 -12.55 -6.28 -7.40
N ASP A 31 -13.15 -7.32 -6.85
CA ASP A 31 -12.89 -7.71 -5.46
C ASP A 31 -11.40 -7.59 -5.14
N GLU A 32 -10.57 -8.08 -6.05
CA GLU A 32 -9.13 -8.03 -5.86
C GLU A 32 -8.49 -6.92 -6.68
N LEU A 33 -7.21 -6.67 -6.45
CA LEU A 33 -6.50 -5.62 -7.17
C LEU A 33 -5.25 -6.19 -7.86
N GLU A 34 -4.91 -5.61 -9.01
CA GLU A 34 -3.75 -6.06 -9.77
C GLU A 34 -2.46 -5.75 -9.00
N LEU A 35 -1.51 -6.70 -9.05
CA LEU A 35 -0.24 -6.52 -8.37
C LEU A 35 0.90 -6.37 -9.36
N VAL A 36 1.69 -5.32 -9.21
CA VAL A 36 2.82 -5.06 -10.09
C VAL A 36 4.12 -4.94 -9.31
N PRO A 37 5.17 -5.62 -9.78
CA PRO A 37 6.49 -5.59 -9.14
C PRO A 37 7.17 -4.24 -9.28
N GLY A 38 7.21 -3.48 -8.18
CA GLY A 38 7.84 -2.18 -8.21
C GLY A 38 6.89 -1.06 -7.81
N ASP A 39 5.66 -1.44 -7.44
CA ASP A 39 4.66 -0.47 -7.04
C ASP A 39 4.35 -0.58 -5.55
N PHE A 40 3.74 0.45 -4.99
CA PHE A 40 3.40 0.46 -3.57
C PHE A 40 1.89 0.26 -3.37
N ILE A 41 1.51 -0.17 -2.18
CA ILE A 41 0.11 -0.40 -1.86
C ILE A 41 -0.24 0.11 -0.47
N PHE A 42 -1.18 1.05 -0.41
CA PHE A 42 -1.60 1.63 0.86
C PHE A 42 -2.61 0.73 1.56
N MET A 43 -2.23 0.18 2.71
CA MET A 43 -3.09 -0.69 3.48
C MET A 43 -3.76 0.07 4.62
N SER A 44 -5.05 -0.20 4.82
CA SER A 44 -5.80 0.47 5.89
C SER A 44 -6.71 -0.52 6.61
N PRO A 45 -6.57 -0.60 7.94
CA PRO A 45 -7.37 -1.49 8.77
C PRO A 45 -8.83 -1.07 8.85
N MET A 46 -9.13 0.13 8.36
CA MET A 46 -10.48 0.64 8.37
C MET A 46 -11.28 0.12 7.18
N GLU A 47 -10.57 -0.17 6.09
CA GLU A 47 -11.22 -0.68 4.88
C GLU A 47 -10.70 -2.09 4.55
N GLN A 48 -10.52 -2.90 5.57
CA GLN A 48 -10.04 -4.26 5.39
C GLN A 48 -11.19 -5.26 5.33
N THR A 49 -11.27 -6.02 4.25
CA THR A 49 -12.32 -7.00 4.07
C THR A 49 -11.75 -8.37 3.71
N SER A 50 -12.14 -9.39 4.47
CA SER A 50 -11.66 -10.75 4.22
C SER A 50 -10.14 -10.79 4.23
N THR A 51 -9.52 -9.84 4.92
CA THR A 51 -8.07 -9.77 5.00
C THR A 51 -7.53 -10.61 6.15
N SER A 52 -8.05 -10.36 7.35
CA SER A 52 -7.62 -11.09 8.53
C SER A 52 -7.35 -12.56 8.20
N GLU A 53 -8.15 -13.12 7.30
CA GLU A 53 -8.00 -14.50 6.89
C GLU A 53 -6.64 -14.73 6.24
N GLY A 54 -6.30 -13.86 5.30
CA GLY A 54 -5.02 -13.98 4.61
C GLY A 54 -4.82 -12.88 3.58
N TRP A 55 -5.91 -12.36 3.04
CA TRP A 55 -5.84 -11.30 2.04
C TRP A 55 -5.60 -9.94 2.70
N ILE A 56 -5.53 -8.90 1.88
CA ILE A 56 -5.31 -7.55 2.38
C ILE A 56 -5.91 -6.51 1.44
N TYR A 57 -6.61 -5.54 2.02
CA TYR A 57 -7.24 -4.47 1.24
C TYR A 57 -6.35 -3.24 1.19
N GLY A 58 -5.81 -2.95 0.01
CA GLY A 58 -4.95 -1.80 -0.15
C GLY A 58 -5.22 -1.05 -1.45
N THR A 59 -4.51 0.06 -1.65
CA THR A 59 -4.69 0.87 -2.85
C THR A 59 -3.35 1.11 -3.54
N SER A 60 -3.24 0.66 -4.79
CA SER A 60 -2.03 0.83 -5.57
C SER A 60 -1.62 2.30 -5.63
N LEU A 61 -0.41 2.55 -6.09
CA LEU A 61 0.10 3.91 -6.21
C LEU A 61 0.26 4.31 -7.67
N THR A 62 0.49 3.33 -8.53
CA THR A 62 0.66 3.58 -9.95
C THR A 62 -0.68 3.89 -10.62
N THR A 63 -1.68 3.06 -10.33
CA THR A 63 -3.00 3.23 -10.90
C THR A 63 -3.91 3.99 -9.95
N GLY A 64 -3.65 3.86 -8.65
CA GLY A 64 -4.45 4.56 -7.66
C GLY A 64 -5.75 3.84 -7.35
N CYS A 65 -5.83 2.57 -7.76
CA CYS A 65 -7.03 1.77 -7.53
C CYS A 65 -6.97 1.08 -6.18
N SER A 66 -8.09 0.50 -5.77
CA SER A 66 -8.17 -0.20 -4.49
C SER A 66 -8.82 -1.56 -4.66
N GLY A 67 -8.32 -2.54 -3.91
CA GLY A 67 -8.86 -3.89 -3.99
C GLY A 67 -8.17 -4.85 -3.05
N LEU A 68 -8.59 -6.11 -3.07
CA LEU A 68 -8.01 -7.13 -2.21
C LEU A 68 -6.87 -7.85 -2.92
N LEU A 69 -5.91 -8.34 -2.13
CA LEU A 69 -4.75 -9.05 -2.68
C LEU A 69 -4.12 -9.95 -1.63
N PRO A 70 -3.39 -10.98 -2.10
CA PRO A 70 -2.71 -11.94 -1.22
C PRO A 70 -1.55 -11.31 -0.46
N GLU A 71 -1.58 -11.39 0.86
CA GLU A 71 -0.52 -10.82 1.69
C GLU A 71 0.83 -11.50 1.39
N ASN A 72 0.78 -12.56 0.59
CA ASN A 72 1.98 -13.29 0.22
C ASN A 72 2.54 -12.78 -1.11
N TYR A 73 2.13 -11.59 -1.50
CA TYR A 73 2.58 -10.99 -2.75
C TYR A 73 3.16 -9.61 -2.52
N ILE A 74 3.14 -9.17 -1.27
CA ILE A 74 3.67 -7.85 -0.91
C ILE A 74 4.60 -7.95 0.29
N THR A 75 5.20 -6.82 0.66
CA THR A 75 6.11 -6.77 1.79
C THR A 75 6.09 -5.40 2.46
N LYS A 76 6.65 -5.33 3.66
CA LYS A 76 6.69 -4.08 4.41
C LYS A 76 7.60 -3.07 3.72
N ALA A 77 7.22 -1.79 3.78
CA ALA A 77 8.01 -0.73 3.17
C ALA A 77 9.35 -0.56 3.86
N ASP A 78 10.38 -1.20 3.32
CA ASP A 78 11.71 -1.12 3.88
C ASP A 78 12.65 -0.34 2.97
N GLU A 79 12.74 -0.77 1.72
CA GLU A 79 13.61 -0.11 0.73
C GLU A 79 14.94 0.28 1.38
N CYS A 80 15.50 -0.61 2.17
CA CYS A 80 16.77 -0.35 2.83
C CYS A 80 17.81 0.18 1.86
N SER A 81 17.88 -0.45 0.69
CA SER A 81 18.83 -0.05 -0.34
C SER A 81 18.11 0.50 -1.56
N THR A 82 18.08 1.82 -1.69
CA THR A 82 17.43 2.47 -2.82
C THR A 82 18.44 2.88 -3.89
N TRP A 83 17.96 3.03 -5.11
CA TRP A 83 18.82 3.41 -6.23
C TRP A 83 19.04 4.92 -6.24
N ILE A 84 17.99 5.67 -5.94
CA ILE A 84 18.07 7.13 -5.92
C ILE A 84 17.50 7.69 -4.61
N PHE A 85 16.26 7.31 -4.31
CA PHE A 85 15.60 7.77 -3.10
C PHE A 85 16.59 7.90 -1.95
N HIS A 86 16.36 8.88 -1.09
CA HIS A 86 17.23 9.11 0.07
C HIS A 86 16.42 9.26 1.35
N GLY A 87 16.88 8.61 2.41
CA GLY A 87 16.18 8.68 3.67
C GLY A 87 17.01 8.14 4.82
N SER A 88 16.49 7.13 5.51
CA SER A 88 17.18 6.52 6.64
C SER A 88 18.43 5.79 6.17
N SER A 89 19.59 6.31 6.54
CA SER A 89 20.87 5.71 6.16
C SER A 89 21.11 4.42 6.93
N GLY A 90 20.81 3.29 6.30
CA GLY A 90 21.00 2.00 6.94
C GLY A 90 20.27 1.90 8.26
N PRO A 91 20.72 0.98 9.12
CA PRO A 91 20.11 0.76 10.43
C PRO A 91 20.36 1.93 11.39
N SER A 92 19.51 2.94 11.32
CA SER A 92 19.64 4.12 12.17
C SER A 92 19.03 3.85 13.55
N SER A 93 19.67 4.40 14.58
CA SER A 93 19.20 4.23 15.95
C SER A 93 18.99 2.75 16.26
N GLY A 94 19.84 1.90 15.71
CA GLY A 94 19.74 0.46 15.94
C GLY A 94 20.92 -0.30 15.38
N GLY A 1 9.95 25.32 8.25
CA GLY A 1 8.71 24.58 8.18
C GLY A 1 7.49 25.49 8.16
N SER A 2 7.31 26.21 7.06
CA SER A 2 6.19 27.12 6.91
C SER A 2 4.87 26.35 6.88
N SER A 3 3.87 26.89 7.59
CA SER A 3 2.56 26.24 7.64
C SER A 3 1.77 26.52 6.36
N GLY A 4 0.91 25.56 6.00
CA GLY A 4 0.11 25.72 4.79
C GLY A 4 0.24 24.53 3.86
N SER A 5 -0.29 23.39 4.27
CA SER A 5 -0.21 22.17 3.46
C SER A 5 -1.51 21.97 2.68
N SER A 6 -1.42 22.04 1.35
CA SER A 6 -2.58 21.86 0.49
C SER A 6 -2.35 20.72 -0.50
N GLY A 7 -3.39 19.92 -0.72
CA GLY A 7 -3.28 18.81 -1.64
C GLY A 7 -2.11 17.90 -1.32
N SER A 8 -2.20 17.20 -0.20
CA SER A 8 -1.14 16.29 0.22
C SER A 8 -1.15 15.01 -0.61
N ARG A 9 -0.13 14.85 -1.46
CA ARG A 9 -0.04 13.67 -2.31
C ARG A 9 0.28 12.42 -1.47
N ASP A 10 0.98 12.63 -0.37
CA ASP A 10 1.36 11.52 0.52
C ASP A 10 0.49 11.50 1.76
N ILE A 11 0.46 10.36 2.45
CA ILE A 11 -0.33 10.22 3.66
C ILE A 11 0.44 10.69 4.89
N ARG A 12 -0.05 11.73 5.53
CA ARG A 12 0.60 12.27 6.72
C ARG A 12 -0.38 12.37 7.88
N PHE A 13 -1.64 12.68 7.57
CA PHE A 13 -2.68 12.80 8.58
C PHE A 13 -3.22 11.44 8.97
N ALA A 14 -3.42 10.58 7.97
CA ALA A 14 -3.94 9.24 8.20
C ALA A 14 -2.82 8.28 8.63
N ASN A 15 -3.21 7.19 9.27
CA ASN A 15 -2.24 6.19 9.74
C ASN A 15 -2.18 5.02 8.77
N HIS A 16 -2.22 5.31 7.48
CA HIS A 16 -2.17 4.27 6.46
C HIS A 16 -0.75 3.71 6.33
N GLU A 17 -0.66 2.41 6.07
CA GLU A 17 0.64 1.75 5.93
C GLU A 17 1.04 1.65 4.45
N THR A 18 2.32 1.40 4.21
CA THR A 18 2.83 1.28 2.85
C THR A 18 3.61 -0.02 2.67
N LEU A 19 3.33 -0.72 1.58
CA LEU A 19 4.01 -1.98 1.29
C LEU A 19 4.49 -2.02 -0.15
N GLN A 20 5.52 -2.82 -0.41
CA GLN A 20 6.07 -2.95 -1.75
C GLN A 20 5.77 -4.32 -2.34
N VAL A 21 5.29 -4.34 -3.58
CA VAL A 21 4.96 -5.59 -4.25
C VAL A 21 6.22 -6.43 -4.50
N ILE A 22 6.10 -7.74 -4.26
CA ILE A 22 7.22 -8.64 -4.46
C ILE A 22 6.95 -9.61 -5.60
N TYR A 23 5.68 -9.76 -5.96
CA TYR A 23 5.29 -10.65 -7.04
C TYR A 23 3.97 -10.21 -7.67
N PRO A 24 3.86 -10.35 -8.99
CA PRO A 24 2.65 -9.97 -9.73
C PRO A 24 1.48 -10.91 -9.44
N TYR A 25 0.26 -10.41 -9.68
CA TYR A 25 -0.94 -11.19 -9.44
C TYR A 25 -2.08 -10.74 -10.36
N THR A 26 -2.64 -11.69 -11.10
CA THR A 26 -3.74 -11.39 -12.01
C THR A 26 -5.09 -11.66 -11.36
N PRO A 27 -5.83 -10.58 -11.07
CA PRO A 27 -7.16 -10.67 -10.45
C PRO A 27 -8.20 -11.26 -11.39
N GLN A 28 -9.37 -11.56 -10.84
CA GLN A 28 -10.46 -12.13 -11.63
C GLN A 28 -11.73 -11.29 -11.50
N ASN A 29 -11.75 -10.39 -10.52
CA ASN A 29 -12.90 -9.53 -10.29
C ASN A 29 -12.47 -8.20 -9.66
N ASP A 30 -13.44 -7.37 -9.32
CA ASP A 30 -13.17 -6.09 -8.70
C ASP A 30 -12.84 -6.23 -7.22
N ASP A 31 -13.27 -7.35 -6.64
CA ASP A 31 -13.01 -7.62 -5.23
C ASP A 31 -11.51 -7.60 -4.93
N GLU A 32 -10.72 -8.09 -5.88
CA GLU A 32 -9.28 -8.12 -5.72
C GLU A 32 -8.61 -7.03 -6.56
N LEU A 33 -7.34 -6.76 -6.26
CA LEU A 33 -6.59 -5.74 -6.98
C LEU A 33 -5.36 -6.35 -7.66
N GLU A 34 -4.99 -5.78 -8.80
CA GLU A 34 -3.83 -6.26 -9.55
C GLU A 34 -2.53 -5.90 -8.84
N LEU A 35 -1.54 -6.77 -8.94
CA LEU A 35 -0.25 -6.55 -8.31
C LEU A 35 0.86 -6.42 -9.35
N VAL A 36 1.73 -5.42 -9.17
CA VAL A 36 2.82 -5.19 -10.10
C VAL A 36 4.15 -5.12 -9.36
N PRO A 37 5.17 -5.80 -9.90
CA PRO A 37 6.52 -5.83 -9.32
C PRO A 37 7.23 -4.49 -9.44
N GLY A 38 7.46 -3.85 -8.29
CA GLY A 38 8.14 -2.56 -8.29
C GLY A 38 7.21 -1.42 -7.91
N ASP A 39 5.98 -1.76 -7.54
CA ASP A 39 4.99 -0.75 -7.16
C ASP A 39 4.69 -0.82 -5.67
N PHE A 40 4.05 0.22 -5.16
CA PHE A 40 3.70 0.28 -3.74
C PHE A 40 2.20 0.08 -3.53
N ILE A 41 1.83 -0.23 -2.30
CA ILE A 41 0.42 -0.45 -1.97
C ILE A 41 0.10 0.03 -0.56
N PHE A 42 -0.86 0.94 -0.45
CA PHE A 42 -1.26 1.48 0.85
C PHE A 42 -2.23 0.53 1.56
N MET A 43 -1.91 0.21 2.81
CA MET A 43 -2.76 -0.68 3.60
C MET A 43 -3.67 0.11 4.52
N SER A 44 -4.96 -0.20 4.50
CA SER A 44 -5.94 0.49 5.33
C SER A 44 -6.78 -0.51 6.11
N PRO A 45 -6.54 -0.58 7.43
CA PRO A 45 -7.28 -1.50 8.32
C PRO A 45 -8.73 -1.09 8.51
N MET A 46 -9.10 0.05 7.91
CA MET A 46 -10.46 0.55 8.01
C MET A 46 -11.34 -0.02 6.90
N GLU A 47 -10.70 -0.40 5.79
CA GLU A 47 -11.43 -0.96 4.66
C GLU A 47 -10.90 -2.35 4.31
N GLN A 48 -10.61 -3.14 5.33
CA GLN A 48 -10.10 -4.50 5.13
C GLN A 48 -11.22 -5.53 5.26
N THR A 49 -11.60 -6.12 4.14
CA THR A 49 -12.65 -7.13 4.12
C THR A 49 -12.11 -8.50 3.74
N SER A 50 -12.24 -9.46 4.64
CA SER A 50 -11.76 -10.82 4.41
C SER A 50 -10.24 -10.84 4.34
N THR A 51 -9.60 -9.90 5.04
CA THR A 51 -8.15 -9.81 5.06
C THR A 51 -7.56 -10.68 6.17
N SER A 52 -8.21 -10.67 7.33
CA SER A 52 -7.75 -11.45 8.47
C SER A 52 -7.48 -12.89 8.07
N GLU A 53 -8.17 -13.35 7.03
CA GLU A 53 -8.01 -14.71 6.54
C GLU A 53 -6.66 -14.89 5.85
N GLY A 54 -6.28 -13.90 5.04
CA GLY A 54 -5.01 -13.96 4.34
C GLY A 54 -4.84 -12.82 3.36
N TRP A 55 -5.96 -12.28 2.88
CA TRP A 55 -5.92 -11.18 1.93
C TRP A 55 -5.69 -9.85 2.63
N ILE A 56 -5.62 -8.78 1.86
CA ILE A 56 -5.40 -7.45 2.41
C ILE A 56 -5.91 -6.37 1.48
N TYR A 57 -6.76 -5.48 2.01
CA TYR A 57 -7.33 -4.40 1.21
C TYR A 57 -6.38 -3.20 1.17
N GLY A 58 -5.82 -2.94 -0.01
CA GLY A 58 -4.90 -1.82 -0.17
C GLY A 58 -5.22 -0.99 -1.40
N THR A 59 -4.35 -0.03 -1.68
CA THR A 59 -4.53 0.84 -2.84
C THR A 59 -3.23 0.98 -3.64
N SER A 60 -3.36 1.00 -4.96
CA SER A 60 -2.21 1.13 -5.84
C SER A 60 -1.67 2.55 -5.83
N LEU A 61 -0.36 2.69 -6.03
CA LEU A 61 0.29 4.00 -6.05
C LEU A 61 0.43 4.51 -7.48
N THR A 62 0.77 3.61 -8.40
CA THR A 62 0.94 3.97 -9.80
C THR A 62 -0.40 4.29 -10.45
N THR A 63 -1.42 3.51 -10.11
CA THR A 63 -2.75 3.70 -10.67
C THR A 63 -3.65 4.45 -9.69
N GLY A 64 -3.91 3.82 -8.55
CA GLY A 64 -4.75 4.45 -7.54
C GLY A 64 -5.99 3.62 -7.24
N CYS A 65 -6.07 2.43 -7.81
CA CYS A 65 -7.20 1.55 -7.59
C CYS A 65 -7.09 0.82 -6.26
N SER A 66 -8.22 0.43 -5.70
CA SER A 66 -8.24 -0.27 -4.42
C SER A 66 -8.89 -1.65 -4.56
N GLY A 67 -8.43 -2.60 -3.76
CA GLY A 67 -8.97 -3.94 -3.81
C GLY A 67 -8.25 -4.89 -2.89
N LEU A 68 -8.62 -6.17 -2.93
CA LEU A 68 -8.02 -7.18 -2.09
C LEU A 68 -6.87 -7.89 -2.81
N LEU A 69 -5.80 -8.16 -2.09
CA LEU A 69 -4.64 -8.84 -2.67
C LEU A 69 -4.01 -9.80 -1.67
N PRO A 70 -3.28 -10.80 -2.18
CA PRO A 70 -2.62 -11.81 -1.35
C PRO A 70 -1.45 -11.23 -0.56
N GLU A 71 -1.57 -11.23 0.76
CA GLU A 71 -0.51 -10.70 1.63
C GLU A 71 0.82 -11.37 1.32
N ASN A 72 0.77 -12.49 0.61
CA ASN A 72 1.98 -13.23 0.26
C ASN A 72 2.56 -12.72 -1.06
N TYR A 73 2.17 -11.50 -1.44
CA TYR A 73 2.65 -10.90 -2.68
C TYR A 73 3.22 -9.52 -2.43
N ILE A 74 3.15 -9.07 -1.19
CA ILE A 74 3.66 -7.75 -0.80
C ILE A 74 4.60 -7.85 0.39
N THR A 75 5.23 -6.74 0.73
CA THR A 75 6.16 -6.70 1.86
C THR A 75 6.14 -5.33 2.53
N LYS A 76 6.44 -5.31 3.83
CA LYS A 76 6.46 -4.07 4.59
C LYS A 76 7.47 -3.09 4.00
N ALA A 77 7.12 -1.80 4.02
CA ALA A 77 8.00 -0.77 3.49
C ALA A 77 9.29 -0.68 4.30
N ASP A 78 10.28 -1.49 3.93
CA ASP A 78 11.56 -1.50 4.62
C ASP A 78 12.64 -0.84 3.78
N GLU A 79 12.21 -0.09 2.77
CA GLU A 79 13.15 0.60 1.88
C GLU A 79 13.21 2.10 2.21
N CYS A 80 14.31 2.51 2.82
CA CYS A 80 14.50 3.92 3.18
C CYS A 80 13.27 4.46 3.91
N SER A 81 12.65 3.60 4.72
CA SER A 81 11.46 3.99 5.46
C SER A 81 11.42 3.31 6.82
N THR A 82 11.38 4.11 7.89
CA THR A 82 11.35 3.58 9.25
C THR A 82 10.28 2.51 9.38
N TRP A 83 10.39 1.70 10.43
CA TRP A 83 9.43 0.63 10.69
C TRP A 83 8.29 1.13 11.56
N ILE A 84 8.62 1.94 12.55
CA ILE A 84 7.62 2.49 13.46
C ILE A 84 7.76 4.00 13.59
N PHE A 85 9.00 4.46 13.79
CA PHE A 85 9.26 5.88 13.94
C PHE A 85 8.32 6.71 13.06
N HIS A 86 7.65 7.67 13.67
CA HIS A 86 6.72 8.53 12.95
C HIS A 86 7.42 9.79 12.45
N GLY A 87 6.71 10.58 11.65
CA GLY A 87 7.28 11.80 11.12
C GLY A 87 8.06 12.58 12.17
N SER A 88 7.54 12.62 13.39
CA SER A 88 8.19 13.34 14.47
C SER A 88 7.82 12.73 15.82
N SER A 89 8.81 12.57 16.69
CA SER A 89 8.59 11.99 18.01
C SER A 89 8.54 13.10 19.08
N GLY A 90 7.78 12.85 20.14
CA GLY A 90 7.67 13.81 21.21
C GLY A 90 7.17 13.19 22.50
N PRO A 91 5.86 13.31 22.77
CA PRO A 91 5.24 12.76 23.98
C PRO A 91 5.21 11.24 23.97
N SER A 92 5.51 10.65 22.82
CA SER A 92 5.51 9.20 22.67
C SER A 92 6.92 8.68 22.41
N SER A 93 7.50 8.03 23.42
CA SER A 93 8.85 7.48 23.30
C SER A 93 8.92 6.49 22.13
N GLY A 94 8.12 5.44 22.21
CA GLY A 94 8.11 4.43 21.17
C GLY A 94 7.91 3.03 21.72
#